data_188L
# 
_entry.id   188L 
# 
_audit_conform.dict_name       mmcif_pdbx.dic 
_audit_conform.dict_version    5.385 
_audit_conform.dict_location   http://mmcif.pdb.org/dictionaries/ascii/mmcif_pdbx.dic 
# 
loop_
_database_2.database_id 
_database_2.database_code 
_database_2.pdbx_database_accession 
_database_2.pdbx_DOI 
PDB   188L         pdb_0000188l 10.2210/pdb188l/pdb 
WWPDB D_1000170196 ?            ?                   
# 
loop_
_pdbx_audit_revision_history.ordinal 
_pdbx_audit_revision_history.data_content_type 
_pdbx_audit_revision_history.major_revision 
_pdbx_audit_revision_history.minor_revision 
_pdbx_audit_revision_history.revision_date 
1 'Structure model' 1 0 1995-07-10 
2 'Structure model' 1 1 2008-03-03 
3 'Structure model' 1 2 2011-07-13 
4 'Structure model' 1 3 2017-11-29 
5 'Structure model' 1 4 2024-02-07 
# 
_pdbx_audit_revision_details.ordinal             1 
_pdbx_audit_revision_details.revision_ordinal    1 
_pdbx_audit_revision_details.data_content_type   'Structure model' 
_pdbx_audit_revision_details.provider            repository 
_pdbx_audit_revision_details.type                'Initial release' 
_pdbx_audit_revision_details.description         ? 
_pdbx_audit_revision_details.details             ? 
# 
loop_
_pdbx_audit_revision_group.ordinal 
_pdbx_audit_revision_group.revision_ordinal 
_pdbx_audit_revision_group.data_content_type 
_pdbx_audit_revision_group.group 
1 2 'Structure model' 'Version format compliance' 
2 3 'Structure model' 'Version format compliance' 
3 4 'Structure model' 'Derived calculations'      
4 4 'Structure model' Other                       
5 5 'Structure model' 'Data collection'           
6 5 'Structure model' 'Database references'       
7 5 'Structure model' 'Derived calculations'      
# 
loop_
_pdbx_audit_revision_category.ordinal 
_pdbx_audit_revision_category.revision_ordinal 
_pdbx_audit_revision_category.data_content_type 
_pdbx_audit_revision_category.category 
1 4 'Structure model' pdbx_database_status 
2 4 'Structure model' struct_conf          
3 4 'Structure model' struct_conf_type     
4 5 'Structure model' chem_comp_atom       
5 5 'Structure model' chem_comp_bond       
6 5 'Structure model' database_2           
7 5 'Structure model' struct_ref_seq_dif   
8 5 'Structure model' struct_site          
# 
loop_
_pdbx_audit_revision_item.ordinal 
_pdbx_audit_revision_item.revision_ordinal 
_pdbx_audit_revision_item.data_content_type 
_pdbx_audit_revision_item.item 
1 4 'Structure model' '_pdbx_database_status.process_site'  
2 5 'Structure model' '_database_2.pdbx_DOI'                
3 5 'Structure model' '_database_2.pdbx_database_accession' 
4 5 'Structure model' '_struct_ref_seq_dif.details'         
5 5 'Structure model' '_struct_site.pdbx_auth_asym_id'      
6 5 'Structure model' '_struct_site.pdbx_auth_comp_id'      
7 5 'Structure model' '_struct_site.pdbx_auth_seq_id'       
# 
_pdbx_database_status.status_code                     REL 
_pdbx_database_status.entry_id                        188L 
_pdbx_database_status.recvd_initial_deposition_date   1995-04-19 
_pdbx_database_status.deposit_site                    ? 
_pdbx_database_status.process_site                    BNL 
_pdbx_database_status.SG_entry                        . 
_pdbx_database_status.status_code_sf                  REL 
_pdbx_database_status.pdb_format_compatible           Y 
_pdbx_database_status.status_code_mr                  ? 
_pdbx_database_status.status_code_cs                  ? 
_pdbx_database_status.methods_development_category    ? 
_pdbx_database_status.status_code_nmr_data            ? 
# 
loop_
_audit_author.name 
_audit_author.pdbx_ordinal 
'Morton, A.'     1 
'Matthews, B.W.' 2 
# 
loop_
_citation.id 
_citation.title 
_citation.journal_abbrev 
_citation.journal_volume 
_citation.page_first 
_citation.page_last 
_citation.year 
_citation.journal_id_ASTM 
_citation.country 
_citation.journal_id_ISSN 
_citation.journal_id_CSD 
_citation.book_publisher 
_citation.pdbx_database_id_PubMed 
_citation.pdbx_database_id_DOI 
primary 'Specificity of ligand binding in a buried nonpolar cavity of T4 lysozyme: linkage of dynamics and structural plasticity.' 
Biochemistry      34  8576 8588 1995 BICHAW US 0006-2960 0033 ? 7612599 10.1021/bi00027a007 
1       'Energetic Origins of Specificity of Ligand Binding in an Interior Cavity of T4 Lysozyme'                                  
'To be Published' ?   ?    ?    ?    ?      ?  ?         0353 ? ?       ?                   
2       'Structure of Bacteriophage T4 Lysozyme Refined at 1.7 Angstroms Resolution'                                               
J.Mol.Biol.       193 189  ?    1987 JMOBAK UK 0022-2836 0070 ? ?       ?                   
# 
loop_
_citation_author.citation_id 
_citation_author.name 
_citation_author.ordinal 
_citation_author.identifier_ORCID 
primary 'Morton, A.'     1 ? 
primary 'Matthews, B.W.' 2 ? 
1       'Morton, A.'     3 ? 
1       'Baase, W.A.'    4 ? 
1       'Matthews, B.W.' 5 ? 
2       'Weaver, L.H.'   6 ? 
2       'Matthews, B.W.' 7 ? 
# 
loop_
_entity.id 
_entity.type 
_entity.src_method 
_entity.pdbx_description 
_entity.formula_weight 
_entity.pdbx_number_of_molecules 
_entity.pdbx_ec 
_entity.pdbx_mutation 
_entity.pdbx_fragment 
_entity.details 
1 polymer     man 'T4 LYSOZYME'              18586.283 1   3.2.1.17 ? ? ? 
2 non-polymer syn 'CHLORIDE ION'             35.453    2   ?        ? ? ? 
3 non-polymer syn '2-HYDROXYETHYL DISULFIDE' 154.251   1   ?        ? ? ? 
4 non-polymer syn ORTHO-XYLENE               106.165   1   ?        ? ? ? 
5 water       nat water                      18.015    131 ?        ? ? ? 
# 
_entity_poly.entity_id                      1 
_entity_poly.type                           'polypeptide(L)' 
_entity_poly.nstd_linkage                   no 
_entity_poly.nstd_monomer                   no 
_entity_poly.pdbx_seq_one_letter_code       
;MNIFEMLRIDEGLRLKIYKDTEGYYTIGIGHLLTKSPSLNAAKSELDKAIGRNTNGVITKDEAEKLFNQDVDAAVRGILR
NAKLKPVYDSLDAVRRAAAINMVFQMGETGVAGFTNSLRMLQQKRWDEAAVNLAKSRWYNQTPNRAKRVITTFRTGTWDA
YKNL
;
_entity_poly.pdbx_seq_one_letter_code_can   
;MNIFEMLRIDEGLRLKIYKDTEGYYTIGIGHLLTKSPSLNAAKSELDKAIGRNTNGVITKDEAEKLFNQDVDAAVRGILR
NAKLKPVYDSLDAVRRAAAINMVFQMGETGVAGFTNSLRMLQQKRWDEAAVNLAKSRWYNQTPNRAKRVITTFRTGTWDA
YKNL
;
_entity_poly.pdbx_strand_id                 A 
_entity_poly.pdbx_target_identifier         ? 
# 
loop_
_pdbx_entity_nonpoly.entity_id 
_pdbx_entity_nonpoly.name 
_pdbx_entity_nonpoly.comp_id 
2 'CHLORIDE ION'             CL  
3 '2-HYDROXYETHYL DISULFIDE' HED 
4 ORTHO-XYLENE               OXE 
5 water                      HOH 
# 
loop_
_entity_poly_seq.entity_id 
_entity_poly_seq.num 
_entity_poly_seq.mon_id 
_entity_poly_seq.hetero 
1 1   MET n 
1 2   ASN n 
1 3   ILE n 
1 4   PHE n 
1 5   GLU n 
1 6   MET n 
1 7   LEU n 
1 8   ARG n 
1 9   ILE n 
1 10  ASP n 
1 11  GLU n 
1 12  GLY n 
1 13  LEU n 
1 14  ARG n 
1 15  LEU n 
1 16  LYS n 
1 17  ILE n 
1 18  TYR n 
1 19  LYS n 
1 20  ASP n 
1 21  THR n 
1 22  GLU n 
1 23  GLY n 
1 24  TYR n 
1 25  TYR n 
1 26  THR n 
1 27  ILE n 
1 28  GLY n 
1 29  ILE n 
1 30  GLY n 
1 31  HIS n 
1 32  LEU n 
1 33  LEU n 
1 34  THR n 
1 35  LYS n 
1 36  SER n 
1 37  PRO n 
1 38  SER n 
1 39  LEU n 
1 40  ASN n 
1 41  ALA n 
1 42  ALA n 
1 43  LYS n 
1 44  SER n 
1 45  GLU n 
1 46  LEU n 
1 47  ASP n 
1 48  LYS n 
1 49  ALA n 
1 50  ILE n 
1 51  GLY n 
1 52  ARG n 
1 53  ASN n 
1 54  THR n 
1 55  ASN n 
1 56  GLY n 
1 57  VAL n 
1 58  ILE n 
1 59  THR n 
1 60  LYS n 
1 61  ASP n 
1 62  GLU n 
1 63  ALA n 
1 64  GLU n 
1 65  LYS n 
1 66  LEU n 
1 67  PHE n 
1 68  ASN n 
1 69  GLN n 
1 70  ASP n 
1 71  VAL n 
1 72  ASP n 
1 73  ALA n 
1 74  ALA n 
1 75  VAL n 
1 76  ARG n 
1 77  GLY n 
1 78  ILE n 
1 79  LEU n 
1 80  ARG n 
1 81  ASN n 
1 82  ALA n 
1 83  LYS n 
1 84  LEU n 
1 85  LYS n 
1 86  PRO n 
1 87  VAL n 
1 88  TYR n 
1 89  ASP n 
1 90  SER n 
1 91  LEU n 
1 92  ASP n 
1 93  ALA n 
1 94  VAL n 
1 95  ARG n 
1 96  ARG n 
1 97  ALA n 
1 98  ALA n 
1 99  ALA n 
1 100 ILE n 
1 101 ASN n 
1 102 MET n 
1 103 VAL n 
1 104 PHE n 
1 105 GLN n 
1 106 MET n 
1 107 GLY n 
1 108 GLU n 
1 109 THR n 
1 110 GLY n 
1 111 VAL n 
1 112 ALA n 
1 113 GLY n 
1 114 PHE n 
1 115 THR n 
1 116 ASN n 
1 117 SER n 
1 118 LEU n 
1 119 ARG n 
1 120 MET n 
1 121 LEU n 
1 122 GLN n 
1 123 GLN n 
1 124 LYS n 
1 125 ARG n 
1 126 TRP n 
1 127 ASP n 
1 128 GLU n 
1 129 ALA n 
1 130 ALA n 
1 131 VAL n 
1 132 ASN n 
1 133 LEU n 
1 134 ALA n 
1 135 LYS n 
1 136 SER n 
1 137 ARG n 
1 138 TRP n 
1 139 TYR n 
1 140 ASN n 
1 141 GLN n 
1 142 THR n 
1 143 PRO n 
1 144 ASN n 
1 145 ARG n 
1 146 ALA n 
1 147 LYS n 
1 148 ARG n 
1 149 VAL n 
1 150 ILE n 
1 151 THR n 
1 152 THR n 
1 153 PHE n 
1 154 ARG n 
1 155 THR n 
1 156 GLY n 
1 157 THR n 
1 158 TRP n 
1 159 ASP n 
1 160 ALA n 
1 161 TYR n 
1 162 LYS n 
1 163 ASN n 
1 164 LEU n 
# 
_entity_src_gen.entity_id                          1 
_entity_src_gen.pdbx_src_id                        1 
_entity_src_gen.pdbx_alt_source_flag               sample 
_entity_src_gen.pdbx_seq_type                      ? 
_entity_src_gen.pdbx_beg_seq_num                   ? 
_entity_src_gen.pdbx_end_seq_num                   ? 
_entity_src_gen.gene_src_common_name               ? 
_entity_src_gen.gene_src_genus                     'T4-like viruses' 
_entity_src_gen.pdbx_gene_src_gene                 ? 
_entity_src_gen.gene_src_species                   'Enterobacteria phage T4 sensu lato' 
_entity_src_gen.gene_src_strain                    ? 
_entity_src_gen.gene_src_tissue                    ? 
_entity_src_gen.gene_src_tissue_fraction           ? 
_entity_src_gen.gene_src_details                   ? 
_entity_src_gen.pdbx_gene_src_fragment             ? 
_entity_src_gen.pdbx_gene_src_scientific_name      'Enterobacteria phage T4' 
_entity_src_gen.pdbx_gene_src_ncbi_taxonomy_id     10665 
_entity_src_gen.pdbx_gene_src_variant              ? 
_entity_src_gen.pdbx_gene_src_cell_line            ? 
_entity_src_gen.pdbx_gene_src_atcc                 ? 
_entity_src_gen.pdbx_gene_src_organ                ? 
_entity_src_gen.pdbx_gene_src_organelle            ? 
_entity_src_gen.pdbx_gene_src_cell                 ? 
_entity_src_gen.pdbx_gene_src_cellular_location    ? 
_entity_src_gen.host_org_common_name               ? 
_entity_src_gen.pdbx_host_org_scientific_name      ? 
_entity_src_gen.pdbx_host_org_ncbi_taxonomy_id     ? 
_entity_src_gen.host_org_genus                     ? 
_entity_src_gen.pdbx_host_org_gene                 ? 
_entity_src_gen.pdbx_host_org_organ                ? 
_entity_src_gen.host_org_species                   ? 
_entity_src_gen.pdbx_host_org_tissue               ? 
_entity_src_gen.pdbx_host_org_tissue_fraction      ? 
_entity_src_gen.pdbx_host_org_strain               ? 
_entity_src_gen.pdbx_host_org_variant              ? 
_entity_src_gen.pdbx_host_org_cell_line            ? 
_entity_src_gen.pdbx_host_org_atcc                 ? 
_entity_src_gen.pdbx_host_org_culture_collection   ? 
_entity_src_gen.pdbx_host_org_cell                 ? 
_entity_src_gen.pdbx_host_org_organelle            ? 
_entity_src_gen.pdbx_host_org_cellular_location    ? 
_entity_src_gen.pdbx_host_org_vector_type          PLASMID 
_entity_src_gen.pdbx_host_org_vector               ? 
_entity_src_gen.host_org_details                   ? 
_entity_src_gen.expression_system_id               ? 
_entity_src_gen.plasmid_name                       M13 
_entity_src_gen.plasmid_details                    ? 
_entity_src_gen.pdbx_description                   ? 
# 
loop_
_chem_comp.id 
_chem_comp.type 
_chem_comp.mon_nstd_flag 
_chem_comp.name 
_chem_comp.pdbx_synonyms 
_chem_comp.formula 
_chem_comp.formula_weight 
ALA 'L-peptide linking' y ALANINE                    ? 'C3 H7 N O2'     89.093  
ARG 'L-peptide linking' y ARGININE                   ? 'C6 H15 N4 O2 1' 175.209 
ASN 'L-peptide linking' y ASPARAGINE                 ? 'C4 H8 N2 O3'    132.118 
ASP 'L-peptide linking' y 'ASPARTIC ACID'            ? 'C4 H7 N O4'     133.103 
CL  non-polymer         . 'CHLORIDE ION'             ? 'Cl -1'          35.453  
CYS 'L-peptide linking' y CYSTEINE                   ? 'C3 H7 N O2 S'   121.158 
GLN 'L-peptide linking' y GLUTAMINE                  ? 'C5 H10 N2 O3'   146.144 
GLU 'L-peptide linking' y 'GLUTAMIC ACID'            ? 'C5 H9 N O4'     147.129 
GLY 'peptide linking'   y GLYCINE                    ? 'C2 H5 N O2'     75.067  
HED non-polymer         . '2-HYDROXYETHYL DISULFIDE' ? 'C4 H10 O2 S2'   154.251 
HIS 'L-peptide linking' y HISTIDINE                  ? 'C6 H10 N3 O2 1' 156.162 
HOH non-polymer         . WATER                      ? 'H2 O'           18.015  
ILE 'L-peptide linking' y ISOLEUCINE                 ? 'C6 H13 N O2'    131.173 
LEU 'L-peptide linking' y LEUCINE                    ? 'C6 H13 N O2'    131.173 
LYS 'L-peptide linking' y LYSINE                     ? 'C6 H15 N2 O2 1' 147.195 
MET 'L-peptide linking' y METHIONINE                 ? 'C5 H11 N O2 S'  149.211 
OXE non-polymer         . ORTHO-XYLENE               ? 'C8 H10'         106.165 
PHE 'L-peptide linking' y PHENYLALANINE              ? 'C9 H11 N O2'    165.189 
PRO 'L-peptide linking' y PROLINE                    ? 'C5 H9 N O2'     115.130 
SER 'L-peptide linking' y SERINE                     ? 'C3 H7 N O3'     105.093 
THR 'L-peptide linking' y THREONINE                  ? 'C4 H9 N O3'     119.119 
TRP 'L-peptide linking' y TRYPTOPHAN                 ? 'C11 H12 N2 O2'  204.225 
TYR 'L-peptide linking' y TYROSINE                   ? 'C9 H11 N O3'    181.189 
VAL 'L-peptide linking' y VALINE                     ? 'C5 H11 N O2'    117.146 
# 
loop_
_pdbx_poly_seq_scheme.asym_id 
_pdbx_poly_seq_scheme.entity_id 
_pdbx_poly_seq_scheme.seq_id 
_pdbx_poly_seq_scheme.mon_id 
_pdbx_poly_seq_scheme.ndb_seq_num 
_pdbx_poly_seq_scheme.pdb_seq_num 
_pdbx_poly_seq_scheme.auth_seq_num 
_pdbx_poly_seq_scheme.pdb_mon_id 
_pdbx_poly_seq_scheme.auth_mon_id 
_pdbx_poly_seq_scheme.pdb_strand_id 
_pdbx_poly_seq_scheme.pdb_ins_code 
_pdbx_poly_seq_scheme.hetero 
A 1 1   MET 1   1   1   MET MET A . n 
A 1 2   ASN 2   2   2   ASN ASN A . n 
A 1 3   ILE 3   3   3   ILE ILE A . n 
A 1 4   PHE 4   4   4   PHE PHE A . n 
A 1 5   GLU 5   5   5   GLU GLU A . n 
A 1 6   MET 6   6   6   MET MET A . n 
A 1 7   LEU 7   7   7   LEU LEU A . n 
A 1 8   ARG 8   8   8   ARG ARG A . n 
A 1 9   ILE 9   9   9   ILE ILE A . n 
A 1 10  ASP 10  10  10  ASP ASP A . n 
A 1 11  GLU 11  11  11  GLU GLU A . n 
A 1 12  GLY 12  12  12  GLY GLY A . n 
A 1 13  LEU 13  13  13  LEU LEU A . n 
A 1 14  ARG 14  14  14  ARG ARG A . n 
A 1 15  LEU 15  15  15  LEU LEU A . n 
A 1 16  LYS 16  16  16  LYS LYS A . n 
A 1 17  ILE 17  17  17  ILE ILE A . n 
A 1 18  TYR 18  18  18  TYR TYR A . n 
A 1 19  LYS 19  19  19  LYS LYS A . n 
A 1 20  ASP 20  20  20  ASP ASP A . n 
A 1 21  THR 21  21  21  THR THR A . n 
A 1 22  GLU 22  22  22  GLU GLU A . n 
A 1 23  GLY 23  23  23  GLY GLY A . n 
A 1 24  TYR 24  24  24  TYR TYR A . n 
A 1 25  TYR 25  25  25  TYR TYR A . n 
A 1 26  THR 26  26  26  THR THR A . n 
A 1 27  ILE 27  27  27  ILE ILE A . n 
A 1 28  GLY 28  28  28  GLY GLY A . n 
A 1 29  ILE 29  29  29  ILE ILE A . n 
A 1 30  GLY 30  30  30  GLY GLY A . n 
A 1 31  HIS 31  31  31  HIS HIS A . n 
A 1 32  LEU 32  32  32  LEU LEU A . n 
A 1 33  LEU 33  33  33  LEU LEU A . n 
A 1 34  THR 34  34  34  THR THR A . n 
A 1 35  LYS 35  35  35  LYS LYS A . n 
A 1 36  SER 36  36  36  SER SER A . n 
A 1 37  PRO 37  37  37  PRO PRO A . n 
A 1 38  SER 38  38  38  SER SER A . n 
A 1 39  LEU 39  39  39  LEU LEU A . n 
A 1 40  ASN 40  40  40  ASN ASN A . n 
A 1 41  ALA 41  41  41  ALA ALA A . n 
A 1 42  ALA 42  42  42  ALA ALA A . n 
A 1 43  LYS 43  43  43  LYS LYS A . n 
A 1 44  SER 44  44  44  SER SER A . n 
A 1 45  GLU 45  45  45  GLU GLU A . n 
A 1 46  LEU 46  46  46  LEU LEU A . n 
A 1 47  ASP 47  47  47  ASP ASP A . n 
A 1 48  LYS 48  48  48  LYS LYS A . n 
A 1 49  ALA 49  49  49  ALA ALA A . n 
A 1 50  ILE 50  50  50  ILE ILE A . n 
A 1 51  GLY 51  51  51  GLY GLY A . n 
A 1 52  ARG 52  52  52  ARG ARG A . n 
A 1 53  ASN 53  53  53  ASN ASN A . n 
A 1 54  THR 54  54  54  THR THR A . n 
A 1 55  ASN 55  55  55  ASN ASN A . n 
A 1 56  GLY 56  56  56  GLY GLY A . n 
A 1 57  VAL 57  57  57  VAL VAL A . n 
A 1 58  ILE 58  58  58  ILE ILE A . n 
A 1 59  THR 59  59  59  THR THR A . n 
A 1 60  LYS 60  60  60  LYS LYS A . n 
A 1 61  ASP 61  61  61  ASP ASP A . n 
A 1 62  GLU 62  62  62  GLU GLU A . n 
A 1 63  ALA 63  63  63  ALA ALA A . n 
A 1 64  GLU 64  64  64  GLU GLU A . n 
A 1 65  LYS 65  65  65  LYS LYS A . n 
A 1 66  LEU 66  66  66  LEU LEU A . n 
A 1 67  PHE 67  67  67  PHE PHE A . n 
A 1 68  ASN 68  68  68  ASN ASN A . n 
A 1 69  GLN 69  69  69  GLN GLN A . n 
A 1 70  ASP 70  70  70  ASP ASP A . n 
A 1 71  VAL 71  71  71  VAL VAL A . n 
A 1 72  ASP 72  72  72  ASP ASP A . n 
A 1 73  ALA 73  73  73  ALA ALA A . n 
A 1 74  ALA 74  74  74  ALA ALA A . n 
A 1 75  VAL 75  75  75  VAL VAL A . n 
A 1 76  ARG 76  76  76  ARG ARG A . n 
A 1 77  GLY 77  77  77  GLY GLY A . n 
A 1 78  ILE 78  78  78  ILE ILE A . n 
A 1 79  LEU 79  79  79  LEU LEU A . n 
A 1 80  ARG 80  80  80  ARG ARG A . n 
A 1 81  ASN 81  81  81  ASN ASN A . n 
A 1 82  ALA 82  82  82  ALA ALA A . n 
A 1 83  LYS 83  83  83  LYS LYS A . n 
A 1 84  LEU 84  84  84  LEU LEU A . n 
A 1 85  LYS 85  85  85  LYS LYS A . n 
A 1 86  PRO 86  86  86  PRO PRO A . n 
A 1 87  VAL 87  87  87  VAL VAL A . n 
A 1 88  TYR 88  88  88  TYR TYR A . n 
A 1 89  ASP 89  89  89  ASP ASP A . n 
A 1 90  SER 90  90  90  SER SER A . n 
A 1 91  LEU 91  91  91  LEU LEU A . n 
A 1 92  ASP 92  92  92  ASP ASP A . n 
A 1 93  ALA 93  93  93  ALA ALA A . n 
A 1 94  VAL 94  94  94  VAL VAL A . n 
A 1 95  ARG 95  95  95  ARG ARG A . n 
A 1 96  ARG 96  96  96  ARG ARG A . n 
A 1 97  ALA 97  97  97  ALA ALA A . n 
A 1 98  ALA 98  98  98  ALA ALA A . n 
A 1 99  ALA 99  99  99  ALA ALA A . n 
A 1 100 ILE 100 100 100 ILE ILE A . n 
A 1 101 ASN 101 101 101 ASN ASN A . n 
A 1 102 MET 102 102 102 MET MET A . n 
A 1 103 VAL 103 103 103 VAL VAL A . n 
A 1 104 PHE 104 104 104 PHE PHE A . n 
A 1 105 GLN 105 105 105 GLN GLN A . n 
A 1 106 MET 106 106 106 MET MET A . n 
A 1 107 GLY 107 107 107 GLY GLY A . n 
A 1 108 GLU 108 108 108 GLU GLU A . n 
A 1 109 THR 109 109 109 THR THR A . n 
A 1 110 GLY 110 110 110 GLY GLY A . n 
A 1 111 VAL 111 111 111 VAL VAL A . n 
A 1 112 ALA 112 112 112 ALA ALA A . n 
A 1 113 GLY 113 113 113 GLY GLY A . n 
A 1 114 PHE 114 114 114 PHE PHE A . n 
A 1 115 THR 115 115 115 THR THR A . n 
A 1 116 ASN 116 116 116 ASN ASN A . n 
A 1 117 SER 117 117 117 SER SER A . n 
A 1 118 LEU 118 118 118 LEU LEU A . n 
A 1 119 ARG 119 119 119 ARG ARG A . n 
A 1 120 MET 120 120 120 MET MET A . n 
A 1 121 LEU 121 121 121 LEU LEU A . n 
A 1 122 GLN 122 122 122 GLN GLN A . n 
A 1 123 GLN 123 123 123 GLN GLN A . n 
A 1 124 LYS 124 124 124 LYS LYS A . n 
A 1 125 ARG 125 125 125 ARG ARG A . n 
A 1 126 TRP 126 126 126 TRP TRP A . n 
A 1 127 ASP 127 127 127 ASP ASP A . n 
A 1 128 GLU 128 128 128 GLU GLU A . n 
A 1 129 ALA 129 129 129 ALA ALA A . n 
A 1 130 ALA 130 130 130 ALA ALA A . n 
A 1 131 VAL 131 131 131 VAL VAL A . n 
A 1 132 ASN 132 132 132 ASN ASN A . n 
A 1 133 LEU 133 133 133 LEU LEU A . n 
A 1 134 ALA 134 134 134 ALA ALA A . n 
A 1 135 LYS 135 135 135 LYS LYS A . n 
A 1 136 SER 136 136 136 SER SER A . n 
A 1 137 ARG 137 137 137 ARG ARG A . n 
A 1 138 TRP 138 138 138 TRP TRP A . n 
A 1 139 TYR 139 139 139 TYR TYR A . n 
A 1 140 ASN 140 140 140 ASN ASN A . n 
A 1 141 GLN 141 141 141 GLN GLN A . n 
A 1 142 THR 142 142 142 THR THR A . n 
A 1 143 PRO 143 143 143 PRO PRO A . n 
A 1 144 ASN 144 144 144 ASN ASN A . n 
A 1 145 ARG 145 145 145 ARG ARG A . n 
A 1 146 ALA 146 146 146 ALA ALA A . n 
A 1 147 LYS 147 147 147 LYS LYS A . n 
A 1 148 ARG 148 148 148 ARG ARG A . n 
A 1 149 VAL 149 149 149 VAL VAL A . n 
A 1 150 ILE 150 150 150 ILE ILE A . n 
A 1 151 THR 151 151 151 THR THR A . n 
A 1 152 THR 152 152 152 THR THR A . n 
A 1 153 PHE 153 153 153 PHE PHE A . n 
A 1 154 ARG 154 154 154 ARG ARG A . n 
A 1 155 THR 155 155 155 THR THR A . n 
A 1 156 GLY 156 156 156 GLY GLY A . n 
A 1 157 THR 157 157 157 THR THR A . n 
A 1 158 TRP 158 158 158 TRP TRP A . n 
A 1 159 ASP 159 159 159 ASP ASP A . n 
A 1 160 ALA 160 160 160 ALA ALA A . n 
A 1 161 TYR 161 161 161 TYR TYR A . n 
A 1 162 LYS 162 162 162 LYS LYS A . n 
A 1 163 ASN 163 163 ?   ?   ?   A . n 
A 1 164 LEU 164 164 ?   ?   ?   A . n 
# 
loop_
_pdbx_nonpoly_scheme.asym_id 
_pdbx_nonpoly_scheme.entity_id 
_pdbx_nonpoly_scheme.mon_id 
_pdbx_nonpoly_scheme.ndb_seq_num 
_pdbx_nonpoly_scheme.pdb_seq_num 
_pdbx_nonpoly_scheme.auth_seq_num 
_pdbx_nonpoly_scheme.pdb_mon_id 
_pdbx_nonpoly_scheme.auth_mon_id 
_pdbx_nonpoly_scheme.pdb_strand_id 
_pdbx_nonpoly_scheme.pdb_ins_code 
B 2 CL  1   173 173 CL  CL  A . 
C 2 CL  1   178 178 CL  CL  A . 
D 3 HED 1   170 170 HED HED A . 
E 4 OXE 1   400 400 OXE OXE A . 
F 5 HOH 1   171 171 HOH HOH A . 
F 5 HOH 2   172 172 HOH HOH A . 
F 5 HOH 3   174 174 HOH HOH A . 
F 5 HOH 4   175 175 HOH HOH A . 
F 5 HOH 5   176 176 HOH HOH A . 
F 5 HOH 6   177 177 HOH HOH A . 
F 5 HOH 7   179 179 HOH HOH A . 
F 5 HOH 8   180 180 HOH HOH A . 
F 5 HOH 9   181 181 HOH HOH A . 
F 5 HOH 10  182 182 HOH HOH A . 
F 5 HOH 11  183 183 HOH HOH A . 
F 5 HOH 12  184 184 HOH HOH A . 
F 5 HOH 13  185 185 HOH HOH A . 
F 5 HOH 14  187 187 HOH HOH A . 
F 5 HOH 15  188 188 HOH HOH A . 
F 5 HOH 16  189 189 HOH HOH A . 
F 5 HOH 17  190 190 HOH HOH A . 
F 5 HOH 18  191 191 HOH HOH A . 
F 5 HOH 19  192 192 HOH HOH A . 
F 5 HOH 20  193 193 HOH HOH A . 
F 5 HOH 21  194 194 HOH HOH A . 
F 5 HOH 22  195 195 HOH HOH A . 
F 5 HOH 23  196 196 HOH HOH A . 
F 5 HOH 24  197 197 HOH HOH A . 
F 5 HOH 25  200 200 HOH HOH A . 
F 5 HOH 26  201 201 HOH HOH A . 
F 5 HOH 27  202 202 HOH HOH A . 
F 5 HOH 28  203 203 HOH HOH A . 
F 5 HOH 29  204 204 HOH HOH A . 
F 5 HOH 30  207 207 HOH HOH A . 
F 5 HOH 31  208 208 HOH HOH A . 
F 5 HOH 32  209 209 HOH HOH A . 
F 5 HOH 33  210 210 HOH HOH A . 
F 5 HOH 34  211 211 HOH HOH A . 
F 5 HOH 35  213 213 HOH HOH A . 
F 5 HOH 36  214 214 HOH HOH A . 
F 5 HOH 37  215 215 HOH HOH A . 
F 5 HOH 38  216 216 HOH HOH A . 
F 5 HOH 39  217 217 HOH HOH A . 
F 5 HOH 40  218 218 HOH HOH A . 
F 5 HOH 41  219 219 HOH HOH A . 
F 5 HOH 42  220 220 HOH HOH A . 
F 5 HOH 43  221 221 HOH HOH A . 
F 5 HOH 44  222 222 HOH HOH A . 
F 5 HOH 45  223 223 HOH HOH A . 
F 5 HOH 46  224 224 HOH HOH A . 
F 5 HOH 47  225 225 HOH HOH A . 
F 5 HOH 48  226 226 HOH HOH A . 
F 5 HOH 49  227 227 HOH HOH A . 
F 5 HOH 50  228 228 HOH HOH A . 
F 5 HOH 51  229 229 HOH HOH A . 
F 5 HOH 52  230 230 HOH HOH A . 
F 5 HOH 53  231 231 HOH HOH A . 
F 5 HOH 54  232 232 HOH HOH A . 
F 5 HOH 55  233 233 HOH HOH A . 
F 5 HOH 56  234 234 HOH HOH A . 
F 5 HOH 57  235 235 HOH HOH A . 
F 5 HOH 58  236 236 HOH HOH A . 
F 5 HOH 59  237 237 HOH HOH A . 
F 5 HOH 60  238 238 HOH HOH A . 
F 5 HOH 61  239 239 HOH HOH A . 
F 5 HOH 62  240 240 HOH HOH A . 
F 5 HOH 63  242 242 HOH HOH A . 
F 5 HOH 64  244 244 HOH HOH A . 
F 5 HOH 65  245 245 HOH HOH A . 
F 5 HOH 66  246 246 HOH HOH A . 
F 5 HOH 67  247 247 HOH HOH A . 
F 5 HOH 68  248 248 HOH HOH A . 
F 5 HOH 69  250 250 HOH HOH A . 
F 5 HOH 70  251 251 HOH HOH A . 
F 5 HOH 71  253 253 HOH HOH A . 
F 5 HOH 72  256 256 HOH HOH A . 
F 5 HOH 73  259 259 HOH HOH A . 
F 5 HOH 74  260 260 HOH HOH A . 
F 5 HOH 75  261 261 HOH HOH A . 
F 5 HOH 76  262 262 HOH HOH A . 
F 5 HOH 77  263 263 HOH HOH A . 
F 5 HOH 78  265 265 HOH HOH A . 
F 5 HOH 79  266 266 HOH HOH A . 
F 5 HOH 80  267 267 HOH HOH A . 
F 5 HOH 81  268 268 HOH HOH A . 
F 5 HOH 82  269 269 HOH HOH A . 
F 5 HOH 83  270 270 HOH HOH A . 
F 5 HOH 84  271 271 HOH HOH A . 
F 5 HOH 85  272 272 HOH HOH A . 
F 5 HOH 86  273 273 HOH HOH A . 
F 5 HOH 87  274 274 HOH HOH A . 
F 5 HOH 88  277 277 HOH HOH A . 
F 5 HOH 89  278 278 HOH HOH A . 
F 5 HOH 90  280 280 HOH HOH A . 
F 5 HOH 91  281 281 HOH HOH A . 
F 5 HOH 92  282 282 HOH HOH A . 
F 5 HOH 93  283 283 HOH HOH A . 
F 5 HOH 94  284 284 HOH HOH A . 
F 5 HOH 95  285 285 HOH HOH A . 
F 5 HOH 96  286 286 HOH HOH A . 
F 5 HOH 97  288 288 HOH HOH A . 
F 5 HOH 98  291 291 HOH HOH A . 
F 5 HOH 99  292 292 HOH HOH A . 
F 5 HOH 100 293 293 HOH HOH A . 
F 5 HOH 101 295 295 HOH HOH A . 
F 5 HOH 102 296 296 HOH HOH A . 
F 5 HOH 103 297 297 HOH HOH A . 
F 5 HOH 104 298 298 HOH HOH A . 
F 5 HOH 105 299 299 HOH HOH A . 
F 5 HOH 106 300 300 HOH HOH A . 
F 5 HOH 107 301 301 HOH HOH A . 
F 5 HOH 108 302 302 HOH HOH A . 
F 5 HOH 109 303 303 HOH HOH A . 
F 5 HOH 110 306 306 HOH HOH A . 
F 5 HOH 111 307 307 HOH HOH A . 
F 5 HOH 112 308 308 HOH HOH A . 
F 5 HOH 113 312 312 HOH HOH A . 
F 5 HOH 114 313 313 HOH HOH A . 
F 5 HOH 115 314 314 HOH HOH A . 
F 5 HOH 116 316 316 HOH HOH A . 
F 5 HOH 117 317 317 HOH HOH A . 
F 5 HOH 118 318 318 HOH HOH A . 
F 5 HOH 119 319 319 HOH HOH A . 
F 5 HOH 120 320 320 HOH HOH A . 
F 5 HOH 121 321 321 HOH HOH A . 
F 5 HOH 122 323 323 HOH HOH A . 
F 5 HOH 123 324 324 HOH HOH A . 
F 5 HOH 124 325 325 HOH HOH A . 
F 5 HOH 125 326 326 HOH HOH A . 
F 5 HOH 126 327 327 HOH HOH A . 
F 5 HOH 127 328 328 HOH HOH A . 
F 5 HOH 128 330 330 HOH HOH A . 
F 5 HOH 129 331 331 HOH HOH A . 
F 5 HOH 130 332 332 HOH HOH A . 
F 5 HOH 131 333 333 HOH HOH A . 
# 
_software.name             TNT 
_software.classification   refinement 
_software.version          . 
_software.citation_id      ? 
_software.pdbx_ordinal     1 
# 
_cell.entry_id           188L 
_cell.length_a           60.800 
_cell.length_b           60.800 
_cell.length_c           96.700 
_cell.angle_alpha        90.00 
_cell.angle_beta         90.00 
_cell.angle_gamma        120.00 
_cell.Z_PDB              6 
_cell.pdbx_unique_axis   ? 
# 
_symmetry.entry_id                         188L 
_symmetry.space_group_name_H-M             'P 32 2 1' 
_symmetry.pdbx_full_space_group_name_H-M   ? 
_symmetry.cell_setting                     ? 
_symmetry.Int_Tables_number                154 
# 
_exptl.entry_id          188L 
_exptl.method            'X-RAY DIFFRACTION' 
_exptl.crystals_number   ? 
# 
_exptl_crystal.id                    1 
_exptl_crystal.density_meas          ? 
_exptl_crystal.density_Matthews      2.78 
_exptl_crystal.density_percent_sol   55.68 
_exptl_crystal.description           ? 
# 
_diffrn.id                     1 
_diffrn.ambient_temp           ? 
_diffrn.ambient_temp_details   ? 
_diffrn.crystal_id             1 
# 
_diffrn_radiation.diffrn_id                        1 
_diffrn_radiation.wavelength_id                    1 
_diffrn_radiation.pdbx_monochromatic_or_laue_m_l   ? 
_diffrn_radiation.monochromator                    ? 
_diffrn_radiation.pdbx_diffrn_protocol             ? 
_diffrn_radiation.pdbx_scattering_type             x-ray 
# 
_diffrn_radiation_wavelength.id           1 
_diffrn_radiation_wavelength.wavelength   . 
_diffrn_radiation_wavelength.wt           1.0 
# 
_refine.entry_id                                 188L 
_refine.ls_number_reflns_obs                     14000 
_refine.ls_number_reflns_all                     ? 
_refine.pdbx_ls_sigma_I                          ? 
_refine.pdbx_ls_sigma_F                          0.0 
_refine.pdbx_data_cutoff_high_absF               ? 
_refine.pdbx_data_cutoff_low_absF                ? 
_refine.pdbx_data_cutoff_high_rms_absF           ? 
_refine.ls_d_res_low                             20.0 
_refine.ls_d_res_high                            1.80 
_refine.ls_percent_reflns_obs                    ? 
_refine.ls_R_factor_obs                          0.1560000 
_refine.ls_R_factor_all                          ? 
_refine.ls_R_factor_R_work                       ? 
_refine.ls_R_factor_R_free                       ? 
_refine.ls_R_factor_R_free_error                 ? 
_refine.ls_R_factor_R_free_error_details         ? 
_refine.ls_percent_reflns_R_free                 ? 
_refine.ls_number_reflns_R_free                  ? 
_refine.ls_number_parameters                     ? 
_refine.ls_number_restraints                     ? 
_refine.occupancy_min                            ? 
_refine.occupancy_max                            ? 
_refine.B_iso_mean                               ? 
_refine.aniso_B[1][1]                            ? 
_refine.aniso_B[2][2]                            ? 
_refine.aniso_B[3][3]                            ? 
_refine.aniso_B[1][2]                            ? 
_refine.aniso_B[1][3]                            ? 
_refine.aniso_B[2][3]                            ? 
_refine.solvent_model_details                    ? 
_refine.solvent_model_param_ksol                 ? 
_refine.solvent_model_param_bsol                 ? 
_refine.pdbx_ls_cross_valid_method               ? 
_refine.details                                  ? 
_refine.pdbx_starting_model                      ? 
_refine.pdbx_method_to_determine_struct          ? 
_refine.pdbx_isotropic_thermal_model             ? 
_refine.pdbx_stereochemistry_target_values       ? 
_refine.pdbx_stereochem_target_val_spec_case     ? 
_refine.pdbx_R_Free_selection_details            ? 
_refine.pdbx_overall_ESU_R                       ? 
_refine.pdbx_overall_ESU_R_Free                  ? 
_refine.overall_SU_ML                            ? 
_refine.overall_SU_B                             ? 
_refine.pdbx_refine_id                           'X-RAY DIFFRACTION' 
_refine.pdbx_diffrn_id                           1 
_refine.pdbx_TLS_residual_ADP_flag               ? 
_refine.correlation_coeff_Fo_to_Fc               ? 
_refine.correlation_coeff_Fo_to_Fc_free          ? 
_refine.pdbx_solvent_vdw_probe_radii             ? 
_refine.pdbx_solvent_ion_probe_radii             ? 
_refine.pdbx_solvent_shrinkage_radii             ? 
_refine.pdbx_overall_phase_error                 ? 
_refine.overall_SU_R_Cruickshank_DPI             ? 
_refine.pdbx_overall_SU_R_free_Cruickshank_DPI   ? 
_refine.pdbx_overall_SU_R_Blow_DPI               ? 
_refine.pdbx_overall_SU_R_free_Blow_DPI          ? 
# 
_refine_hist.pdbx_refine_id                   'X-RAY DIFFRACTION' 
_refine_hist.cycle_id                         LAST 
_refine_hist.pdbx_number_atoms_protein        1289 
_refine_hist.pdbx_number_atoms_nucleic_acid   0 
_refine_hist.pdbx_number_atoms_ligand         18 
_refine_hist.number_atoms_solvent             131 
_refine_hist.number_atoms_total               1438 
_refine_hist.d_res_high                       1.80 
_refine_hist.d_res_low                        20.0 
# 
loop_
_refine_ls_restr.type 
_refine_ls_restr.dev_ideal 
_refine_ls_restr.dev_ideal_target 
_refine_ls_restr.weight 
_refine_ls_restr.number 
_refine_ls_restr.pdbx_refine_id 
_refine_ls_restr.pdbx_restraint_function 
t_bond_d           0.016 ? ? ? 'X-RAY DIFFRACTION' ? 
t_angle_deg        2.1   ? ? ? 'X-RAY DIFFRACTION' ? 
t_dihedral_angle_d ?     ? ? ? 'X-RAY DIFFRACTION' ? 
t_incorr_chiral_ct ?     ? ? ? 'X-RAY DIFFRACTION' ? 
t_pseud_angle      ?     ? ? ? 'X-RAY DIFFRACTION' ? 
t_trig_c_planes    ?     ? ? ? 'X-RAY DIFFRACTION' ? 
t_gen_planes       ?     ? ? ? 'X-RAY DIFFRACTION' ? 
t_it               ?     ? ? ? 'X-RAY DIFFRACTION' ? 
t_nbd              ?     ? ? ? 'X-RAY DIFFRACTION' ? 
# 
_struct.entry_id                  188L 
_struct.title                     
'SPECIFICITY OF LIGAND BINDING IN A BURIED NON-POLAR CAVITY OF T4 LYSOZYME: LINKAGE OF DYNAMICS AND STRUCTURAL PLASTICITY' 
_struct.pdbx_model_details        ? 
_struct.pdbx_CASP_flag            ? 
_struct.pdbx_model_type_details   ? 
# 
_struct_keywords.entry_id        188L 
_struct_keywords.pdbx_keywords   'HYDROLASE (O-GLYCOSYL)' 
_struct_keywords.text            'HYDROLASE (O-GLYCOSYL)' 
# 
loop_
_struct_asym.id 
_struct_asym.pdbx_blank_PDB_chainid_flag 
_struct_asym.pdbx_modified 
_struct_asym.entity_id 
_struct_asym.details 
A N N 1 ? 
B N N 2 ? 
C N N 2 ? 
D N N 3 ? 
E N N 4 ? 
F N N 5 ? 
# 
_struct_ref.id                         1 
_struct_ref.db_name                    UNP 
_struct_ref.db_code                    LYS_BPT4 
_struct_ref.entity_id                  1 
_struct_ref.pdbx_db_accession          P00720 
_struct_ref.pdbx_align_begin           1 
_struct_ref.pdbx_seq_one_letter_code   
;MNIFEMLRIDEGLRLKIYKDTEGYYTIGIGHLLTKSPSLNAAKSELDKAIGRNCNGVITKDEAEKLFNQDVDAAVRGILR
NAKLKPVYDSLDAVRRCALINMVFQMGETGVAGFTNSLRMLQQKRWDEAAVNLAKSRWYNQTPNRAKRVITTFRTGTWDA
YKNL
;
_struct_ref.pdbx_db_isoform            ? 
# 
_struct_ref_seq.align_id                      1 
_struct_ref_seq.ref_id                        1 
_struct_ref_seq.pdbx_PDB_id_code              188L 
_struct_ref_seq.pdbx_strand_id                A 
_struct_ref_seq.seq_align_beg                 1 
_struct_ref_seq.pdbx_seq_align_beg_ins_code   ? 
_struct_ref_seq.seq_align_end                 164 
_struct_ref_seq.pdbx_seq_align_end_ins_code   ? 
_struct_ref_seq.pdbx_db_accession             P00720 
_struct_ref_seq.db_align_beg                  1 
_struct_ref_seq.pdbx_db_align_beg_ins_code    ? 
_struct_ref_seq.db_align_end                  164 
_struct_ref_seq.pdbx_db_align_end_ins_code    ? 
_struct_ref_seq.pdbx_auth_seq_align_beg       1 
_struct_ref_seq.pdbx_auth_seq_align_end       164 
# 
loop_
_struct_ref_seq_dif.align_id 
_struct_ref_seq_dif.pdbx_pdb_id_code 
_struct_ref_seq_dif.mon_id 
_struct_ref_seq_dif.pdbx_pdb_strand_id 
_struct_ref_seq_dif.seq_num 
_struct_ref_seq_dif.pdbx_pdb_ins_code 
_struct_ref_seq_dif.pdbx_seq_db_name 
_struct_ref_seq_dif.pdbx_seq_db_accession_code 
_struct_ref_seq_dif.db_mon_id 
_struct_ref_seq_dif.pdbx_seq_db_seq_num 
_struct_ref_seq_dif.details 
_struct_ref_seq_dif.pdbx_auth_seq_num 
_struct_ref_seq_dif.pdbx_ordinal 
1 188L THR A 54 ? UNP P00720 CYS 54 conflict 54 1 
1 188L ALA A 97 ? UNP P00720 CYS 97 conflict 97 2 
1 188L ALA A 99 ? UNP P00720 LEU 99 conflict 99 3 
# 
_pdbx_struct_assembly.id                   1 
_pdbx_struct_assembly.details              author_defined_assembly 
_pdbx_struct_assembly.method_details       ? 
_pdbx_struct_assembly.oligomeric_details   monomeric 
_pdbx_struct_assembly.oligomeric_count     1 
# 
_pdbx_struct_assembly_gen.assembly_id       1 
_pdbx_struct_assembly_gen.oper_expression   1 
_pdbx_struct_assembly_gen.asym_id_list      A,B,C,D,E,F 
# 
_pdbx_struct_oper_list.id                   1 
_pdbx_struct_oper_list.type                 'identity operation' 
_pdbx_struct_oper_list.name                 1_555 
_pdbx_struct_oper_list.symmetry_operation   x,y,z 
_pdbx_struct_oper_list.matrix[1][1]         1.0000000000 
_pdbx_struct_oper_list.matrix[1][2]         0.0000000000 
_pdbx_struct_oper_list.matrix[1][3]         0.0000000000 
_pdbx_struct_oper_list.vector[1]            0.0000000000 
_pdbx_struct_oper_list.matrix[2][1]         0.0000000000 
_pdbx_struct_oper_list.matrix[2][2]         1.0000000000 
_pdbx_struct_oper_list.matrix[2][3]         0.0000000000 
_pdbx_struct_oper_list.vector[2]            0.0000000000 
_pdbx_struct_oper_list.matrix[3][1]         0.0000000000 
_pdbx_struct_oper_list.matrix[3][2]         0.0000000000 
_pdbx_struct_oper_list.matrix[3][3]         1.0000000000 
_pdbx_struct_oper_list.vector[3]            0.0000000000 
# 
_struct_biol.id   1 
# 
loop_
_struct_conf.conf_type_id 
_struct_conf.id 
_struct_conf.pdbx_PDB_helix_id 
_struct_conf.beg_label_comp_id 
_struct_conf.beg_label_asym_id 
_struct_conf.beg_label_seq_id 
_struct_conf.pdbx_beg_PDB_ins_code 
_struct_conf.end_label_comp_id 
_struct_conf.end_label_asym_id 
_struct_conf.end_label_seq_id 
_struct_conf.pdbx_end_PDB_ins_code 
_struct_conf.beg_auth_comp_id 
_struct_conf.beg_auth_asym_id 
_struct_conf.beg_auth_seq_id 
_struct_conf.end_auth_comp_id 
_struct_conf.end_auth_asym_id 
_struct_conf.end_auth_seq_id 
_struct_conf.pdbx_PDB_helix_class 
_struct_conf.details 
_struct_conf.pdbx_PDB_helix_length 
HELX_P HELX_P1  H1  ILE A 3   ? GLU A 11  ? ILE A 3   GLU A 11  1 ?                        9  
HELX_P HELX_P2  H2  LEU A 39  ? ILE A 50  ? LEU A 39  ILE A 50  1 ?                        12 
HELX_P HELX_P3  H3  LYS A 60  ? ARG A 80  ? LYS A 60  ARG A 80  1 ?                        21 
HELX_P HELX_P4  H4  ALA A 82  ? SER A 90  ? ALA A 82  SER A 90  1 ?                        9  
HELX_P HELX_P5  H5  ALA A 93  ? MET A 106 ? ALA A 93  MET A 106 1 ?                        14 
HELX_P HELX_P6  H6  GLU A 108 ? GLY A 113 ? GLU A 108 GLY A 113 1 'SEE REF. 1 FOR DETAILS' 6  
HELX_P HELX_P7  H7  THR A 115 ? GLN A 123 ? THR A 115 GLN A 123 1 ?                        9  
HELX_P HELX_P8  H8  TRP A 126 ? ALA A 134 ? TRP A 126 ALA A 134 1 ?                        9  
HELX_P HELX_P9  H9  ARG A 137 ? GLN A 141 ? ARG A 137 GLN A 141 1 ?                        5  
HELX_P HELX_P10 H10 PRO A 143 ? THR A 155 ? PRO A 143 THR A 155 1 ?                        13 
# 
_struct_conf_type.id          HELX_P 
_struct_conf_type.criteria    ? 
_struct_conf_type.reference   ? 
# 
_struct_sheet.id               A 
_struct_sheet.type             ? 
_struct_sheet.number_strands   2 
_struct_sheet.details          ? 
# 
_struct_sheet_order.sheet_id     A 
_struct_sheet_order.range_id_1   1 
_struct_sheet_order.range_id_2   2 
_struct_sheet_order.offset       ? 
_struct_sheet_order.sense        anti-parallel 
# 
loop_
_struct_sheet_range.sheet_id 
_struct_sheet_range.id 
_struct_sheet_range.beg_label_comp_id 
_struct_sheet_range.beg_label_asym_id 
_struct_sheet_range.beg_label_seq_id 
_struct_sheet_range.pdbx_beg_PDB_ins_code 
_struct_sheet_range.end_label_comp_id 
_struct_sheet_range.end_label_asym_id 
_struct_sheet_range.end_label_seq_id 
_struct_sheet_range.pdbx_end_PDB_ins_code 
_struct_sheet_range.beg_auth_comp_id 
_struct_sheet_range.beg_auth_asym_id 
_struct_sheet_range.beg_auth_seq_id 
_struct_sheet_range.end_auth_comp_id 
_struct_sheet_range.end_auth_asym_id 
_struct_sheet_range.end_auth_seq_id 
A 1 TYR A 25 ? ILE A 27 ? TYR A 25 ILE A 27 
A 2 HIS A 31 ? THR A 34 ? HIS A 31 THR A 34 
# 
_pdbx_struct_sheet_hbond.sheet_id                A 
_pdbx_struct_sheet_hbond.range_id_1              1 
_pdbx_struct_sheet_hbond.range_id_2              2 
_pdbx_struct_sheet_hbond.range_1_label_atom_id   O 
_pdbx_struct_sheet_hbond.range_1_label_comp_id   TYR 
_pdbx_struct_sheet_hbond.range_1_label_asym_id   A 
_pdbx_struct_sheet_hbond.range_1_label_seq_id    25 
_pdbx_struct_sheet_hbond.range_1_PDB_ins_code    ? 
_pdbx_struct_sheet_hbond.range_1_auth_atom_id    O 
_pdbx_struct_sheet_hbond.range_1_auth_comp_id    TYR 
_pdbx_struct_sheet_hbond.range_1_auth_asym_id    A 
_pdbx_struct_sheet_hbond.range_1_auth_seq_id     25 
_pdbx_struct_sheet_hbond.range_2_label_atom_id   N 
_pdbx_struct_sheet_hbond.range_2_label_comp_id   THR 
_pdbx_struct_sheet_hbond.range_2_label_asym_id   A 
_pdbx_struct_sheet_hbond.range_2_label_seq_id    34 
_pdbx_struct_sheet_hbond.range_2_PDB_ins_code    ? 
_pdbx_struct_sheet_hbond.range_2_auth_atom_id    N 
_pdbx_struct_sheet_hbond.range_2_auth_comp_id    THR 
_pdbx_struct_sheet_hbond.range_2_auth_asym_id    A 
_pdbx_struct_sheet_hbond.range_2_auth_seq_id     34 
# 
loop_
_struct_site.id 
_struct_site.pdbx_evidence_code 
_struct_site.pdbx_auth_asym_id 
_struct_site.pdbx_auth_comp_id 
_struct_site.pdbx_auth_seq_id 
_struct_site.pdbx_auth_ins_code 
_struct_site.pdbx_num_residues 
_struct_site.details 
99A Unknown  ? ?   ?   ? 17 ?                                    
AC1 Software A CL  173 ? 6  'BINDING SITE FOR RESIDUE CL A 173'  
AC2 Software A CL  178 ? 2  'BINDING SITE FOR RESIDUE CL A 178'  
AC3 Software A HED 170 ? 4  'BINDING SITE FOR RESIDUE HED A 170' 
AC4 Software A OXE 400 ? 6  'BINDING SITE FOR RESIDUE OXE A 400' 
# 
loop_
_struct_site_gen.id 
_struct_site_gen.site_id 
_struct_site_gen.pdbx_num_res 
_struct_site_gen.label_comp_id 
_struct_site_gen.label_asym_id 
_struct_site_gen.label_seq_id 
_struct_site_gen.pdbx_auth_ins_code 
_struct_site_gen.auth_comp_id 
_struct_site_gen.auth_asym_id 
_struct_site_gen.auth_seq_id 
_struct_site_gen.label_atom_id 
_struct_site_gen.label_alt_id 
_struct_site_gen.symmetry 
_struct_site_gen.details 
1  99A 17 ILE A 78  ? ILE A 78  . ? 1_555 ? 
2  99A 17 LEU A 84  ? LEU A 84  . ? 1_555 ? 
3  99A 17 VAL A 87  ? VAL A 87  . ? 1_555 ? 
4  99A 17 TYR A 88  ? TYR A 88  . ? 1_555 ? 
5  99A 17 ALA A 99  ? ALA A 99  . ? 1_555 ? 
6  99A 17 MET A 102 ? MET A 102 . ? 1_555 ? 
7  99A 17 VAL A 103 ? VAL A 103 . ? 1_555 ? 
8  99A 17 THR A 109 ? THR A 109 . ? 1_555 ? 
9  99A 17 GLY A 110 ? GLY A 110 . ? 1_555 ? 
10 99A 17 VAL A 111 ? VAL A 111 . ? 1_555 ? 
11 99A 17 ALA A 112 ? ALA A 112 . ? 1_555 ? 
12 99A 17 GLY A 113 ? GLY A 113 . ? 1_555 ? 
13 99A 17 PHE A 114 ? PHE A 114 . ? 1_555 ? 
14 99A 17 LEU A 118 ? LEU A 118 . ? 1_555 ? 
15 99A 17 LEU A 121 ? LEU A 121 . ? 1_555 ? 
16 99A 17 LEU A 133 ? LEU A 133 . ? 1_555 ? 
17 99A 17 PHE A 153 ? PHE A 153 . ? 1_555 ? 
18 AC1 6  LYS A 124 ? LYS A 124 . ? 4_655 ? 
19 AC1 6  THR A 142 ? THR A 142 . ? 1_555 ? 
20 AC1 6  ASN A 144 ? ASN A 144 . ? 1_555 ? 
21 AC1 6  ARG A 145 ? ARG A 145 . ? 1_555 ? 
22 AC1 6  HOH F .   ? HOH A 209 . ? 1_555 ? 
23 AC1 6  HOH F .   ? HOH A 291 . ? 1_555 ? 
24 AC2 2  LYS A 135 ? LYS A 135 . ? 3_665 ? 
25 AC2 2  HOH F .   ? HOH A 215 . ? 1_555 ? 
26 AC3 4  ASN A 68  ? ASN A 68  . ? 5_555 ? 
27 AC3 4  ASP A 72  ? ASP A 72  . ? 5_555 ? 
28 AC3 4  ALA A 93  ? ALA A 93  . ? 1_555 ? 
29 AC3 4  ILE A 100 ? ILE A 100 . ? 1_555 ? 
30 AC4 6  LEU A 84  ? LEU A 84  . ? 1_555 ? 
31 AC4 6  ALA A 99  ? ALA A 99  . ? 1_555 ? 
32 AC4 6  MET A 102 ? MET A 102 . ? 1_555 ? 
33 AC4 6  VAL A 103 ? VAL A 103 . ? 1_555 ? 
34 AC4 6  VAL A 111 ? VAL A 111 . ? 1_555 ? 
35 AC4 6  LEU A 118 ? LEU A 118 . ? 1_555 ? 
# 
_pdbx_validate_symm_contact.id                1 
_pdbx_validate_symm_contact.PDB_model_num     1 
_pdbx_validate_symm_contact.auth_atom_id_1    O1 
_pdbx_validate_symm_contact.auth_asym_id_1    A 
_pdbx_validate_symm_contact.auth_comp_id_1    HED 
_pdbx_validate_symm_contact.auth_seq_id_1     170 
_pdbx_validate_symm_contact.PDB_ins_code_1    ? 
_pdbx_validate_symm_contact.label_alt_id_1    ? 
_pdbx_validate_symm_contact.site_symmetry_1   1_555 
_pdbx_validate_symm_contact.auth_atom_id_2    O1 
_pdbx_validate_symm_contact.auth_asym_id_2    A 
_pdbx_validate_symm_contact.auth_comp_id_2    HED 
_pdbx_validate_symm_contact.auth_seq_id_2     170 
_pdbx_validate_symm_contact.PDB_ins_code_2    ? 
_pdbx_validate_symm_contact.label_alt_id_2    ? 
_pdbx_validate_symm_contact.site_symmetry_2   5_555 
_pdbx_validate_symm_contact.dist              1.86 
# 
loop_
_pdbx_validate_rmsd_bond.id 
_pdbx_validate_rmsd_bond.PDB_model_num 
_pdbx_validate_rmsd_bond.auth_atom_id_1 
_pdbx_validate_rmsd_bond.auth_asym_id_1 
_pdbx_validate_rmsd_bond.auth_comp_id_1 
_pdbx_validate_rmsd_bond.auth_seq_id_1 
_pdbx_validate_rmsd_bond.PDB_ins_code_1 
_pdbx_validate_rmsd_bond.label_alt_id_1 
_pdbx_validate_rmsd_bond.auth_atom_id_2 
_pdbx_validate_rmsd_bond.auth_asym_id_2 
_pdbx_validate_rmsd_bond.auth_comp_id_2 
_pdbx_validate_rmsd_bond.auth_seq_id_2 
_pdbx_validate_rmsd_bond.PDB_ins_code_2 
_pdbx_validate_rmsd_bond.label_alt_id_2 
_pdbx_validate_rmsd_bond.bond_value 
_pdbx_validate_rmsd_bond.bond_target_value 
_pdbx_validate_rmsd_bond.bond_deviation 
_pdbx_validate_rmsd_bond.bond_standard_deviation 
_pdbx_validate_rmsd_bond.linker_flag 
1 1 CD A GLU 5   ? ? OE2 A GLU 5   ? ? 1.322 1.252 0.070 0.011 N 
2 1 CD A GLU 22  ? ? OE1 A GLU 22  ? ? 1.327 1.252 0.075 0.011 N 
3 1 CD A GLU 64  ? ? OE2 A GLU 64  ? ? 1.323 1.252 0.071 0.011 N 
4 1 CD A GLU 108 ? ? OE2 A GLU 108 ? ? 1.322 1.252 0.070 0.011 N 
# 
loop_
_pdbx_validate_rmsd_angle.id 
_pdbx_validate_rmsd_angle.PDB_model_num 
_pdbx_validate_rmsd_angle.auth_atom_id_1 
_pdbx_validate_rmsd_angle.auth_asym_id_1 
_pdbx_validate_rmsd_angle.auth_comp_id_1 
_pdbx_validate_rmsd_angle.auth_seq_id_1 
_pdbx_validate_rmsd_angle.PDB_ins_code_1 
_pdbx_validate_rmsd_angle.label_alt_id_1 
_pdbx_validate_rmsd_angle.auth_atom_id_2 
_pdbx_validate_rmsd_angle.auth_asym_id_2 
_pdbx_validate_rmsd_angle.auth_comp_id_2 
_pdbx_validate_rmsd_angle.auth_seq_id_2 
_pdbx_validate_rmsd_angle.PDB_ins_code_2 
_pdbx_validate_rmsd_angle.label_alt_id_2 
_pdbx_validate_rmsd_angle.auth_atom_id_3 
_pdbx_validate_rmsd_angle.auth_asym_id_3 
_pdbx_validate_rmsd_angle.auth_comp_id_3 
_pdbx_validate_rmsd_angle.auth_seq_id_3 
_pdbx_validate_rmsd_angle.PDB_ins_code_3 
_pdbx_validate_rmsd_angle.label_alt_id_3 
_pdbx_validate_rmsd_angle.angle_value 
_pdbx_validate_rmsd_angle.angle_target_value 
_pdbx_validate_rmsd_angle.angle_deviation 
_pdbx_validate_rmsd_angle.angle_standard_deviation 
_pdbx_validate_rmsd_angle.linker_flag 
1  1 CB A ASP 10  ? ? CG A ASP 10  ? ? OD2 A ASP 10  ? ? 112.56 118.30 -5.74 0.90 N 
2  1 CB A ASP 47  ? ? CG A ASP 47  ? ? OD1 A ASP 47  ? ? 126.64 118.30 8.34  0.90 N 
3  1 CB A ASP 47  ? ? CG A ASP 47  ? ? OD2 A ASP 47  ? ? 109.47 118.30 -8.83 0.90 N 
4  1 CB A ASP 61  ? ? CG A ASP 61  ? ? OD2 A ASP 61  ? ? 123.77 118.30 5.47  0.90 N 
5  1 CB A ASP 70  ? ? CG A ASP 70  ? ? OD1 A ASP 70  ? ? 124.25 118.30 5.95  0.90 N 
6  1 CB A ASP 70  ? ? CG A ASP 70  ? ? OD2 A ASP 70  ? ? 111.78 118.30 -6.52 0.90 N 
7  1 NE A ARG 80  ? ? CZ A ARG 80  ? ? NH1 A ARG 80  ? ? 123.95 120.30 3.65  0.50 N 
8  1 CB A ASP 92  ? ? CG A ASP 92  ? ? OD1 A ASP 92  ? ? 111.53 118.30 -6.77 0.90 N 
9  1 NE A ARG 96  ? ? CZ A ARG 96  ? ? NH1 A ARG 96  ? ? 116.99 120.30 -3.31 0.50 N 
10 1 NE A ARG 154 ? ? CZ A ARG 154 ? ? NH1 A ARG 154 ? ? 123.63 120.30 3.33  0.50 N 
# 
loop_
_pdbx_validate_torsion.id 
_pdbx_validate_torsion.PDB_model_num 
_pdbx_validate_torsion.auth_comp_id 
_pdbx_validate_torsion.auth_asym_id 
_pdbx_validate_torsion.auth_seq_id 
_pdbx_validate_torsion.PDB_ins_code 
_pdbx_validate_torsion.label_alt_id 
_pdbx_validate_torsion.phi 
_pdbx_validate_torsion.psi 
1 1 ASP A 20 ? ? -77.08  -166.97 
2 1 ILE A 29 ? ? -108.08 75.12   
# 
loop_
_pdbx_unobs_or_zero_occ_residues.id 
_pdbx_unobs_or_zero_occ_residues.PDB_model_num 
_pdbx_unobs_or_zero_occ_residues.polymer_flag 
_pdbx_unobs_or_zero_occ_residues.occupancy_flag 
_pdbx_unobs_or_zero_occ_residues.auth_asym_id 
_pdbx_unobs_or_zero_occ_residues.auth_comp_id 
_pdbx_unobs_or_zero_occ_residues.auth_seq_id 
_pdbx_unobs_or_zero_occ_residues.PDB_ins_code 
_pdbx_unobs_or_zero_occ_residues.label_asym_id 
_pdbx_unobs_or_zero_occ_residues.label_comp_id 
_pdbx_unobs_or_zero_occ_residues.label_seq_id 
1 1 Y 1 A ASN 163 ? A ASN 163 
2 1 Y 1 A LEU 164 ? A LEU 164 
# 
loop_
_chem_comp_atom.comp_id 
_chem_comp_atom.atom_id 
_chem_comp_atom.type_symbol 
_chem_comp_atom.pdbx_aromatic_flag 
_chem_comp_atom.pdbx_stereo_config 
_chem_comp_atom.pdbx_ordinal 
ALA N      N  N N 1   
ALA CA     C  N S 2   
ALA C      C  N N 3   
ALA O      O  N N 4   
ALA CB     C  N N 5   
ALA OXT    O  N N 6   
ALA H      H  N N 7   
ALA H2     H  N N 8   
ALA HA     H  N N 9   
ALA HB1    H  N N 10  
ALA HB2    H  N N 11  
ALA HB3    H  N N 12  
ALA HXT    H  N N 13  
ARG N      N  N N 14  
ARG CA     C  N S 15  
ARG C      C  N N 16  
ARG O      O  N N 17  
ARG CB     C  N N 18  
ARG CG     C  N N 19  
ARG CD     C  N N 20  
ARG NE     N  N N 21  
ARG CZ     C  N N 22  
ARG NH1    N  N N 23  
ARG NH2    N  N N 24  
ARG OXT    O  N N 25  
ARG H      H  N N 26  
ARG H2     H  N N 27  
ARG HA     H  N N 28  
ARG HB2    H  N N 29  
ARG HB3    H  N N 30  
ARG HG2    H  N N 31  
ARG HG3    H  N N 32  
ARG HD2    H  N N 33  
ARG HD3    H  N N 34  
ARG HE     H  N N 35  
ARG HH11   H  N N 36  
ARG HH12   H  N N 37  
ARG HH21   H  N N 38  
ARG HH22   H  N N 39  
ARG HXT    H  N N 40  
ASN N      N  N N 41  
ASN CA     C  N S 42  
ASN C      C  N N 43  
ASN O      O  N N 44  
ASN CB     C  N N 45  
ASN CG     C  N N 46  
ASN OD1    O  N N 47  
ASN ND2    N  N N 48  
ASN OXT    O  N N 49  
ASN H      H  N N 50  
ASN H2     H  N N 51  
ASN HA     H  N N 52  
ASN HB2    H  N N 53  
ASN HB3    H  N N 54  
ASN HD21   H  N N 55  
ASN HD22   H  N N 56  
ASN HXT    H  N N 57  
ASP N      N  N N 58  
ASP CA     C  N S 59  
ASP C      C  N N 60  
ASP O      O  N N 61  
ASP CB     C  N N 62  
ASP CG     C  N N 63  
ASP OD1    O  N N 64  
ASP OD2    O  N N 65  
ASP OXT    O  N N 66  
ASP H      H  N N 67  
ASP H2     H  N N 68  
ASP HA     H  N N 69  
ASP HB2    H  N N 70  
ASP HB3    H  N N 71  
ASP HD2    H  N N 72  
ASP HXT    H  N N 73  
CL  CL     CL N N 74  
CYS N      N  N N 75  
CYS CA     C  N R 76  
CYS C      C  N N 77  
CYS O      O  N N 78  
CYS CB     C  N N 79  
CYS SG     S  N N 80  
CYS OXT    O  N N 81  
CYS H      H  N N 82  
CYS H2     H  N N 83  
CYS HA     H  N N 84  
CYS HB2    H  N N 85  
CYS HB3    H  N N 86  
CYS HG     H  N N 87  
CYS HXT    H  N N 88  
GLN N      N  N N 89  
GLN CA     C  N S 90  
GLN C      C  N N 91  
GLN O      O  N N 92  
GLN CB     C  N N 93  
GLN CG     C  N N 94  
GLN CD     C  N N 95  
GLN OE1    O  N N 96  
GLN NE2    N  N N 97  
GLN OXT    O  N N 98  
GLN H      H  N N 99  
GLN H2     H  N N 100 
GLN HA     H  N N 101 
GLN HB2    H  N N 102 
GLN HB3    H  N N 103 
GLN HG2    H  N N 104 
GLN HG3    H  N N 105 
GLN HE21   H  N N 106 
GLN HE22   H  N N 107 
GLN HXT    H  N N 108 
GLU N      N  N N 109 
GLU CA     C  N S 110 
GLU C      C  N N 111 
GLU O      O  N N 112 
GLU CB     C  N N 113 
GLU CG     C  N N 114 
GLU CD     C  N N 115 
GLU OE1    O  N N 116 
GLU OE2    O  N N 117 
GLU OXT    O  N N 118 
GLU H      H  N N 119 
GLU H2     H  N N 120 
GLU HA     H  N N 121 
GLU HB2    H  N N 122 
GLU HB3    H  N N 123 
GLU HG2    H  N N 124 
GLU HG3    H  N N 125 
GLU HE2    H  N N 126 
GLU HXT    H  N N 127 
GLY N      N  N N 128 
GLY CA     C  N N 129 
GLY C      C  N N 130 
GLY O      O  N N 131 
GLY OXT    O  N N 132 
GLY H      H  N N 133 
GLY H2     H  N N 134 
GLY HA2    H  N N 135 
GLY HA3    H  N N 136 
GLY HXT    H  N N 137 
HED C1     C  N N 138 
HED O1     O  N N 139 
HED C2     C  N N 140 
HED S3     S  N N 141 
HED S4     S  N N 142 
HED C5     C  N N 143 
HED C6     C  N N 144 
HED O6     O  N N 145 
HED H11    H  N N 146 
HED H12    H  N N 147 
HED HO1    H  N N 148 
HED H21    H  N N 149 
HED H22    H  N N 150 
HED H51    H  N N 151 
HED H52    H  N N 152 
HED H61    H  N N 153 
HED H62    H  N N 154 
HED HO6    H  N N 155 
HIS N      N  N N 156 
HIS CA     C  N S 157 
HIS C      C  N N 158 
HIS O      O  N N 159 
HIS CB     C  N N 160 
HIS CG     C  Y N 161 
HIS ND1    N  Y N 162 
HIS CD2    C  Y N 163 
HIS CE1    C  Y N 164 
HIS NE2    N  Y N 165 
HIS OXT    O  N N 166 
HIS H      H  N N 167 
HIS H2     H  N N 168 
HIS HA     H  N N 169 
HIS HB2    H  N N 170 
HIS HB3    H  N N 171 
HIS HD1    H  N N 172 
HIS HD2    H  N N 173 
HIS HE1    H  N N 174 
HIS HE2    H  N N 175 
HIS HXT    H  N N 176 
HOH O      O  N N 177 
HOH H1     H  N N 178 
HOH H2     H  N N 179 
ILE N      N  N N 180 
ILE CA     C  N S 181 
ILE C      C  N N 182 
ILE O      O  N N 183 
ILE CB     C  N S 184 
ILE CG1    C  N N 185 
ILE CG2    C  N N 186 
ILE CD1    C  N N 187 
ILE OXT    O  N N 188 
ILE H      H  N N 189 
ILE H2     H  N N 190 
ILE HA     H  N N 191 
ILE HB     H  N N 192 
ILE HG12   H  N N 193 
ILE HG13   H  N N 194 
ILE HG21   H  N N 195 
ILE HG22   H  N N 196 
ILE HG23   H  N N 197 
ILE HD11   H  N N 198 
ILE HD12   H  N N 199 
ILE HD13   H  N N 200 
ILE HXT    H  N N 201 
LEU N      N  N N 202 
LEU CA     C  N S 203 
LEU C      C  N N 204 
LEU O      O  N N 205 
LEU CB     C  N N 206 
LEU CG     C  N N 207 
LEU CD1    C  N N 208 
LEU CD2    C  N N 209 
LEU OXT    O  N N 210 
LEU H      H  N N 211 
LEU H2     H  N N 212 
LEU HA     H  N N 213 
LEU HB2    H  N N 214 
LEU HB3    H  N N 215 
LEU HG     H  N N 216 
LEU HD11   H  N N 217 
LEU HD12   H  N N 218 
LEU HD13   H  N N 219 
LEU HD21   H  N N 220 
LEU HD22   H  N N 221 
LEU HD23   H  N N 222 
LEU HXT    H  N N 223 
LYS N      N  N N 224 
LYS CA     C  N S 225 
LYS C      C  N N 226 
LYS O      O  N N 227 
LYS CB     C  N N 228 
LYS CG     C  N N 229 
LYS CD     C  N N 230 
LYS CE     C  N N 231 
LYS NZ     N  N N 232 
LYS OXT    O  N N 233 
LYS H      H  N N 234 
LYS H2     H  N N 235 
LYS HA     H  N N 236 
LYS HB2    H  N N 237 
LYS HB3    H  N N 238 
LYS HG2    H  N N 239 
LYS HG3    H  N N 240 
LYS HD2    H  N N 241 
LYS HD3    H  N N 242 
LYS HE2    H  N N 243 
LYS HE3    H  N N 244 
LYS HZ1    H  N N 245 
LYS HZ2    H  N N 246 
LYS HZ3    H  N N 247 
LYS HXT    H  N N 248 
MET N      N  N N 249 
MET CA     C  N S 250 
MET C      C  N N 251 
MET O      O  N N 252 
MET CB     C  N N 253 
MET CG     C  N N 254 
MET SD     S  N N 255 
MET CE     C  N N 256 
MET OXT    O  N N 257 
MET H      H  N N 258 
MET H2     H  N N 259 
MET HA     H  N N 260 
MET HB2    H  N N 261 
MET HB3    H  N N 262 
MET HG2    H  N N 263 
MET HG3    H  N N 264 
MET HE1    H  N N 265 
MET HE2    H  N N 266 
MET HE3    H  N N 267 
MET HXT    H  N N 268 
OXE C1     C  Y N 269 
OXE C2     C  Y N 270 
OXE C3     C  Y N 271 
OXE C4     C  Y N 272 
OXE C5     C  Y N 273 
OXE C6     C  Y N 274 
OXE "C1'"  C  N N 275 
OXE "C2'"  C  N N 276 
OXE H3     H  N N 277 
OXE H4     H  N N 278 
OXE H5     H  N N 279 
OXE H6     H  N N 280 
OXE "H1'1" H  N N 281 
OXE "H1'2" H  N N 282 
OXE "H1'3" H  N N 283 
OXE "H2'1" H  N N 284 
OXE "H2'2" H  N N 285 
OXE "H2'3" H  N N 286 
PHE N      N  N N 287 
PHE CA     C  N S 288 
PHE C      C  N N 289 
PHE O      O  N N 290 
PHE CB     C  N N 291 
PHE CG     C  Y N 292 
PHE CD1    C  Y N 293 
PHE CD2    C  Y N 294 
PHE CE1    C  Y N 295 
PHE CE2    C  Y N 296 
PHE CZ     C  Y N 297 
PHE OXT    O  N N 298 
PHE H      H  N N 299 
PHE H2     H  N N 300 
PHE HA     H  N N 301 
PHE HB2    H  N N 302 
PHE HB3    H  N N 303 
PHE HD1    H  N N 304 
PHE HD2    H  N N 305 
PHE HE1    H  N N 306 
PHE HE2    H  N N 307 
PHE HZ     H  N N 308 
PHE HXT    H  N N 309 
PRO N      N  N N 310 
PRO CA     C  N S 311 
PRO C      C  N N 312 
PRO O      O  N N 313 
PRO CB     C  N N 314 
PRO CG     C  N N 315 
PRO CD     C  N N 316 
PRO OXT    O  N N 317 
PRO H      H  N N 318 
PRO HA     H  N N 319 
PRO HB2    H  N N 320 
PRO HB3    H  N N 321 
PRO HG2    H  N N 322 
PRO HG3    H  N N 323 
PRO HD2    H  N N 324 
PRO HD3    H  N N 325 
PRO HXT    H  N N 326 
SER N      N  N N 327 
SER CA     C  N S 328 
SER C      C  N N 329 
SER O      O  N N 330 
SER CB     C  N N 331 
SER OG     O  N N 332 
SER OXT    O  N N 333 
SER H      H  N N 334 
SER H2     H  N N 335 
SER HA     H  N N 336 
SER HB2    H  N N 337 
SER HB3    H  N N 338 
SER HG     H  N N 339 
SER HXT    H  N N 340 
THR N      N  N N 341 
THR CA     C  N S 342 
THR C      C  N N 343 
THR O      O  N N 344 
THR CB     C  N R 345 
THR OG1    O  N N 346 
THR CG2    C  N N 347 
THR OXT    O  N N 348 
THR H      H  N N 349 
THR H2     H  N N 350 
THR HA     H  N N 351 
THR HB     H  N N 352 
THR HG1    H  N N 353 
THR HG21   H  N N 354 
THR HG22   H  N N 355 
THR HG23   H  N N 356 
THR HXT    H  N N 357 
TRP N      N  N N 358 
TRP CA     C  N S 359 
TRP C      C  N N 360 
TRP O      O  N N 361 
TRP CB     C  N N 362 
TRP CG     C  Y N 363 
TRP CD1    C  Y N 364 
TRP CD2    C  Y N 365 
TRP NE1    N  Y N 366 
TRP CE2    C  Y N 367 
TRP CE3    C  Y N 368 
TRP CZ2    C  Y N 369 
TRP CZ3    C  Y N 370 
TRP CH2    C  Y N 371 
TRP OXT    O  N N 372 
TRP H      H  N N 373 
TRP H2     H  N N 374 
TRP HA     H  N N 375 
TRP HB2    H  N N 376 
TRP HB3    H  N N 377 
TRP HD1    H  N N 378 
TRP HE1    H  N N 379 
TRP HE3    H  N N 380 
TRP HZ2    H  N N 381 
TRP HZ3    H  N N 382 
TRP HH2    H  N N 383 
TRP HXT    H  N N 384 
TYR N      N  N N 385 
TYR CA     C  N S 386 
TYR C      C  N N 387 
TYR O      O  N N 388 
TYR CB     C  N N 389 
TYR CG     C  Y N 390 
TYR CD1    C  Y N 391 
TYR CD2    C  Y N 392 
TYR CE1    C  Y N 393 
TYR CE2    C  Y N 394 
TYR CZ     C  Y N 395 
TYR OH     O  N N 396 
TYR OXT    O  N N 397 
TYR H      H  N N 398 
TYR H2     H  N N 399 
TYR HA     H  N N 400 
TYR HB2    H  N N 401 
TYR HB3    H  N N 402 
TYR HD1    H  N N 403 
TYR HD2    H  N N 404 
TYR HE1    H  N N 405 
TYR HE2    H  N N 406 
TYR HH     H  N N 407 
TYR HXT    H  N N 408 
VAL N      N  N N 409 
VAL CA     C  N S 410 
VAL C      C  N N 411 
VAL O      O  N N 412 
VAL CB     C  N N 413 
VAL CG1    C  N N 414 
VAL CG2    C  N N 415 
VAL OXT    O  N N 416 
VAL H      H  N N 417 
VAL H2     H  N N 418 
VAL HA     H  N N 419 
VAL HB     H  N N 420 
VAL HG11   H  N N 421 
VAL HG12   H  N N 422 
VAL HG13   H  N N 423 
VAL HG21   H  N N 424 
VAL HG22   H  N N 425 
VAL HG23   H  N N 426 
VAL HXT    H  N N 427 
# 
loop_
_chem_comp_bond.comp_id 
_chem_comp_bond.atom_id_1 
_chem_comp_bond.atom_id_2 
_chem_comp_bond.value_order 
_chem_comp_bond.pdbx_aromatic_flag 
_chem_comp_bond.pdbx_stereo_config 
_chem_comp_bond.pdbx_ordinal 
ALA N     CA     sing N N 1   
ALA N     H      sing N N 2   
ALA N     H2     sing N N 3   
ALA CA    C      sing N N 4   
ALA CA    CB     sing N N 5   
ALA CA    HA     sing N N 6   
ALA C     O      doub N N 7   
ALA C     OXT    sing N N 8   
ALA CB    HB1    sing N N 9   
ALA CB    HB2    sing N N 10  
ALA CB    HB3    sing N N 11  
ALA OXT   HXT    sing N N 12  
ARG N     CA     sing N N 13  
ARG N     H      sing N N 14  
ARG N     H2     sing N N 15  
ARG CA    C      sing N N 16  
ARG CA    CB     sing N N 17  
ARG CA    HA     sing N N 18  
ARG C     O      doub N N 19  
ARG C     OXT    sing N N 20  
ARG CB    CG     sing N N 21  
ARG CB    HB2    sing N N 22  
ARG CB    HB3    sing N N 23  
ARG CG    CD     sing N N 24  
ARG CG    HG2    sing N N 25  
ARG CG    HG3    sing N N 26  
ARG CD    NE     sing N N 27  
ARG CD    HD2    sing N N 28  
ARG CD    HD3    sing N N 29  
ARG NE    CZ     sing N N 30  
ARG NE    HE     sing N N 31  
ARG CZ    NH1    sing N N 32  
ARG CZ    NH2    doub N N 33  
ARG NH1   HH11   sing N N 34  
ARG NH1   HH12   sing N N 35  
ARG NH2   HH21   sing N N 36  
ARG NH2   HH22   sing N N 37  
ARG OXT   HXT    sing N N 38  
ASN N     CA     sing N N 39  
ASN N     H      sing N N 40  
ASN N     H2     sing N N 41  
ASN CA    C      sing N N 42  
ASN CA    CB     sing N N 43  
ASN CA    HA     sing N N 44  
ASN C     O      doub N N 45  
ASN C     OXT    sing N N 46  
ASN CB    CG     sing N N 47  
ASN CB    HB2    sing N N 48  
ASN CB    HB3    sing N N 49  
ASN CG    OD1    doub N N 50  
ASN CG    ND2    sing N N 51  
ASN ND2   HD21   sing N N 52  
ASN ND2   HD22   sing N N 53  
ASN OXT   HXT    sing N N 54  
ASP N     CA     sing N N 55  
ASP N     H      sing N N 56  
ASP N     H2     sing N N 57  
ASP CA    C      sing N N 58  
ASP CA    CB     sing N N 59  
ASP CA    HA     sing N N 60  
ASP C     O      doub N N 61  
ASP C     OXT    sing N N 62  
ASP CB    CG     sing N N 63  
ASP CB    HB2    sing N N 64  
ASP CB    HB3    sing N N 65  
ASP CG    OD1    doub N N 66  
ASP CG    OD2    sing N N 67  
ASP OD2   HD2    sing N N 68  
ASP OXT   HXT    sing N N 69  
CYS N     CA     sing N N 70  
CYS N     H      sing N N 71  
CYS N     H2     sing N N 72  
CYS CA    C      sing N N 73  
CYS CA    CB     sing N N 74  
CYS CA    HA     sing N N 75  
CYS C     O      doub N N 76  
CYS C     OXT    sing N N 77  
CYS CB    SG     sing N N 78  
CYS CB    HB2    sing N N 79  
CYS CB    HB3    sing N N 80  
CYS SG    HG     sing N N 81  
CYS OXT   HXT    sing N N 82  
GLN N     CA     sing N N 83  
GLN N     H      sing N N 84  
GLN N     H2     sing N N 85  
GLN CA    C      sing N N 86  
GLN CA    CB     sing N N 87  
GLN CA    HA     sing N N 88  
GLN C     O      doub N N 89  
GLN C     OXT    sing N N 90  
GLN CB    CG     sing N N 91  
GLN CB    HB2    sing N N 92  
GLN CB    HB3    sing N N 93  
GLN CG    CD     sing N N 94  
GLN CG    HG2    sing N N 95  
GLN CG    HG3    sing N N 96  
GLN CD    OE1    doub N N 97  
GLN CD    NE2    sing N N 98  
GLN NE2   HE21   sing N N 99  
GLN NE2   HE22   sing N N 100 
GLN OXT   HXT    sing N N 101 
GLU N     CA     sing N N 102 
GLU N     H      sing N N 103 
GLU N     H2     sing N N 104 
GLU CA    C      sing N N 105 
GLU CA    CB     sing N N 106 
GLU CA    HA     sing N N 107 
GLU C     O      doub N N 108 
GLU C     OXT    sing N N 109 
GLU CB    CG     sing N N 110 
GLU CB    HB2    sing N N 111 
GLU CB    HB3    sing N N 112 
GLU CG    CD     sing N N 113 
GLU CG    HG2    sing N N 114 
GLU CG    HG3    sing N N 115 
GLU CD    OE1    doub N N 116 
GLU CD    OE2    sing N N 117 
GLU OE2   HE2    sing N N 118 
GLU OXT   HXT    sing N N 119 
GLY N     CA     sing N N 120 
GLY N     H      sing N N 121 
GLY N     H2     sing N N 122 
GLY CA    C      sing N N 123 
GLY CA    HA2    sing N N 124 
GLY CA    HA3    sing N N 125 
GLY C     O      doub N N 126 
GLY C     OXT    sing N N 127 
GLY OXT   HXT    sing N N 128 
HED C1    O1     sing N N 129 
HED C1    C2     sing N N 130 
HED C1    H11    sing N N 131 
HED C1    H12    sing N N 132 
HED O1    HO1    sing N N 133 
HED C2    S3     sing N N 134 
HED C2    H21    sing N N 135 
HED C2    H22    sing N N 136 
HED S3    S4     sing N N 137 
HED S4    C5     sing N N 138 
HED C5    C6     sing N N 139 
HED C5    H51    sing N N 140 
HED C5    H52    sing N N 141 
HED C6    O6     sing N N 142 
HED C6    H61    sing N N 143 
HED C6    H62    sing N N 144 
HED O6    HO6    sing N N 145 
HIS N     CA     sing N N 146 
HIS N     H      sing N N 147 
HIS N     H2     sing N N 148 
HIS CA    C      sing N N 149 
HIS CA    CB     sing N N 150 
HIS CA    HA     sing N N 151 
HIS C     O      doub N N 152 
HIS C     OXT    sing N N 153 
HIS CB    CG     sing N N 154 
HIS CB    HB2    sing N N 155 
HIS CB    HB3    sing N N 156 
HIS CG    ND1    sing Y N 157 
HIS CG    CD2    doub Y N 158 
HIS ND1   CE1    doub Y N 159 
HIS ND1   HD1    sing N N 160 
HIS CD2   NE2    sing Y N 161 
HIS CD2   HD2    sing N N 162 
HIS CE1   NE2    sing Y N 163 
HIS CE1   HE1    sing N N 164 
HIS NE2   HE2    sing N N 165 
HIS OXT   HXT    sing N N 166 
HOH O     H1     sing N N 167 
HOH O     H2     sing N N 168 
ILE N     CA     sing N N 169 
ILE N     H      sing N N 170 
ILE N     H2     sing N N 171 
ILE CA    C      sing N N 172 
ILE CA    CB     sing N N 173 
ILE CA    HA     sing N N 174 
ILE C     O      doub N N 175 
ILE C     OXT    sing N N 176 
ILE CB    CG1    sing N N 177 
ILE CB    CG2    sing N N 178 
ILE CB    HB     sing N N 179 
ILE CG1   CD1    sing N N 180 
ILE CG1   HG12   sing N N 181 
ILE CG1   HG13   sing N N 182 
ILE CG2   HG21   sing N N 183 
ILE CG2   HG22   sing N N 184 
ILE CG2   HG23   sing N N 185 
ILE CD1   HD11   sing N N 186 
ILE CD1   HD12   sing N N 187 
ILE CD1   HD13   sing N N 188 
ILE OXT   HXT    sing N N 189 
LEU N     CA     sing N N 190 
LEU N     H      sing N N 191 
LEU N     H2     sing N N 192 
LEU CA    C      sing N N 193 
LEU CA    CB     sing N N 194 
LEU CA    HA     sing N N 195 
LEU C     O      doub N N 196 
LEU C     OXT    sing N N 197 
LEU CB    CG     sing N N 198 
LEU CB    HB2    sing N N 199 
LEU CB    HB3    sing N N 200 
LEU CG    CD1    sing N N 201 
LEU CG    CD2    sing N N 202 
LEU CG    HG     sing N N 203 
LEU CD1   HD11   sing N N 204 
LEU CD1   HD12   sing N N 205 
LEU CD1   HD13   sing N N 206 
LEU CD2   HD21   sing N N 207 
LEU CD2   HD22   sing N N 208 
LEU CD2   HD23   sing N N 209 
LEU OXT   HXT    sing N N 210 
LYS N     CA     sing N N 211 
LYS N     H      sing N N 212 
LYS N     H2     sing N N 213 
LYS CA    C      sing N N 214 
LYS CA    CB     sing N N 215 
LYS CA    HA     sing N N 216 
LYS C     O      doub N N 217 
LYS C     OXT    sing N N 218 
LYS CB    CG     sing N N 219 
LYS CB    HB2    sing N N 220 
LYS CB    HB3    sing N N 221 
LYS CG    CD     sing N N 222 
LYS CG    HG2    sing N N 223 
LYS CG    HG3    sing N N 224 
LYS CD    CE     sing N N 225 
LYS CD    HD2    sing N N 226 
LYS CD    HD3    sing N N 227 
LYS CE    NZ     sing N N 228 
LYS CE    HE2    sing N N 229 
LYS CE    HE3    sing N N 230 
LYS NZ    HZ1    sing N N 231 
LYS NZ    HZ2    sing N N 232 
LYS NZ    HZ3    sing N N 233 
LYS OXT   HXT    sing N N 234 
MET N     CA     sing N N 235 
MET N     H      sing N N 236 
MET N     H2     sing N N 237 
MET CA    C      sing N N 238 
MET CA    CB     sing N N 239 
MET CA    HA     sing N N 240 
MET C     O      doub N N 241 
MET C     OXT    sing N N 242 
MET CB    CG     sing N N 243 
MET CB    HB2    sing N N 244 
MET CB    HB3    sing N N 245 
MET CG    SD     sing N N 246 
MET CG    HG2    sing N N 247 
MET CG    HG3    sing N N 248 
MET SD    CE     sing N N 249 
MET CE    HE1    sing N N 250 
MET CE    HE2    sing N N 251 
MET CE    HE3    sing N N 252 
MET OXT   HXT    sing N N 253 
OXE C1    C2     doub Y N 254 
OXE C1    C6     sing Y N 255 
OXE C1    "C1'"  sing N N 256 
OXE C2    C3     sing Y N 257 
OXE C2    "C2'"  sing N N 258 
OXE C3    C4     doub Y N 259 
OXE C3    H3     sing N N 260 
OXE C4    C5     sing Y N 261 
OXE C4    H4     sing N N 262 
OXE C5    C6     doub Y N 263 
OXE C5    H5     sing N N 264 
OXE C6    H6     sing N N 265 
OXE "C1'" "H1'1" sing N N 266 
OXE "C1'" "H1'2" sing N N 267 
OXE "C1'" "H1'3" sing N N 268 
OXE "C2'" "H2'1" sing N N 269 
OXE "C2'" "H2'2" sing N N 270 
OXE "C2'" "H2'3" sing N N 271 
PHE N     CA     sing N N 272 
PHE N     H      sing N N 273 
PHE N     H2     sing N N 274 
PHE CA    C      sing N N 275 
PHE CA    CB     sing N N 276 
PHE CA    HA     sing N N 277 
PHE C     O      doub N N 278 
PHE C     OXT    sing N N 279 
PHE CB    CG     sing N N 280 
PHE CB    HB2    sing N N 281 
PHE CB    HB3    sing N N 282 
PHE CG    CD1    doub Y N 283 
PHE CG    CD2    sing Y N 284 
PHE CD1   CE1    sing Y N 285 
PHE CD1   HD1    sing N N 286 
PHE CD2   CE2    doub Y N 287 
PHE CD2   HD2    sing N N 288 
PHE CE1   CZ     doub Y N 289 
PHE CE1   HE1    sing N N 290 
PHE CE2   CZ     sing Y N 291 
PHE CE2   HE2    sing N N 292 
PHE CZ    HZ     sing N N 293 
PHE OXT   HXT    sing N N 294 
PRO N     CA     sing N N 295 
PRO N     CD     sing N N 296 
PRO N     H      sing N N 297 
PRO CA    C      sing N N 298 
PRO CA    CB     sing N N 299 
PRO CA    HA     sing N N 300 
PRO C     O      doub N N 301 
PRO C     OXT    sing N N 302 
PRO CB    CG     sing N N 303 
PRO CB    HB2    sing N N 304 
PRO CB    HB3    sing N N 305 
PRO CG    CD     sing N N 306 
PRO CG    HG2    sing N N 307 
PRO CG    HG3    sing N N 308 
PRO CD    HD2    sing N N 309 
PRO CD    HD3    sing N N 310 
PRO OXT   HXT    sing N N 311 
SER N     CA     sing N N 312 
SER N     H      sing N N 313 
SER N     H2     sing N N 314 
SER CA    C      sing N N 315 
SER CA    CB     sing N N 316 
SER CA    HA     sing N N 317 
SER C     O      doub N N 318 
SER C     OXT    sing N N 319 
SER CB    OG     sing N N 320 
SER CB    HB2    sing N N 321 
SER CB    HB3    sing N N 322 
SER OG    HG     sing N N 323 
SER OXT   HXT    sing N N 324 
THR N     CA     sing N N 325 
THR N     H      sing N N 326 
THR N     H2     sing N N 327 
THR CA    C      sing N N 328 
THR CA    CB     sing N N 329 
THR CA    HA     sing N N 330 
THR C     O      doub N N 331 
THR C     OXT    sing N N 332 
THR CB    OG1    sing N N 333 
THR CB    CG2    sing N N 334 
THR CB    HB     sing N N 335 
THR OG1   HG1    sing N N 336 
THR CG2   HG21   sing N N 337 
THR CG2   HG22   sing N N 338 
THR CG2   HG23   sing N N 339 
THR OXT   HXT    sing N N 340 
TRP N     CA     sing N N 341 
TRP N     H      sing N N 342 
TRP N     H2     sing N N 343 
TRP CA    C      sing N N 344 
TRP CA    CB     sing N N 345 
TRP CA    HA     sing N N 346 
TRP C     O      doub N N 347 
TRP C     OXT    sing N N 348 
TRP CB    CG     sing N N 349 
TRP CB    HB2    sing N N 350 
TRP CB    HB3    sing N N 351 
TRP CG    CD1    doub Y N 352 
TRP CG    CD2    sing Y N 353 
TRP CD1   NE1    sing Y N 354 
TRP CD1   HD1    sing N N 355 
TRP CD2   CE2    doub Y N 356 
TRP CD2   CE3    sing Y N 357 
TRP NE1   CE2    sing Y N 358 
TRP NE1   HE1    sing N N 359 
TRP CE2   CZ2    sing Y N 360 
TRP CE3   CZ3    doub Y N 361 
TRP CE3   HE3    sing N N 362 
TRP CZ2   CH2    doub Y N 363 
TRP CZ2   HZ2    sing N N 364 
TRP CZ3   CH2    sing Y N 365 
TRP CZ3   HZ3    sing N N 366 
TRP CH2   HH2    sing N N 367 
TRP OXT   HXT    sing N N 368 
TYR N     CA     sing N N 369 
TYR N     H      sing N N 370 
TYR N     H2     sing N N 371 
TYR CA    C      sing N N 372 
TYR CA    CB     sing N N 373 
TYR CA    HA     sing N N 374 
TYR C     O      doub N N 375 
TYR C     OXT    sing N N 376 
TYR CB    CG     sing N N 377 
TYR CB    HB2    sing N N 378 
TYR CB    HB3    sing N N 379 
TYR CG    CD1    doub Y N 380 
TYR CG    CD2    sing Y N 381 
TYR CD1   CE1    sing Y N 382 
TYR CD1   HD1    sing N N 383 
TYR CD2   CE2    doub Y N 384 
TYR CD2   HD2    sing N N 385 
TYR CE1   CZ     doub Y N 386 
TYR CE1   HE1    sing N N 387 
TYR CE2   CZ     sing Y N 388 
TYR CE2   HE2    sing N N 389 
TYR CZ    OH     sing N N 390 
TYR OH    HH     sing N N 391 
TYR OXT   HXT    sing N N 392 
VAL N     CA     sing N N 393 
VAL N     H      sing N N 394 
VAL N     H2     sing N N 395 
VAL CA    C      sing N N 396 
VAL CA    CB     sing N N 397 
VAL CA    HA     sing N N 398 
VAL C     O      doub N N 399 
VAL C     OXT    sing N N 400 
VAL CB    CG1    sing N N 401 
VAL CB    CG2    sing N N 402 
VAL CB    HB     sing N N 403 
VAL CG1   HG11   sing N N 404 
VAL CG1   HG12   sing N N 405 
VAL CG1   HG13   sing N N 406 
VAL CG2   HG21   sing N N 407 
VAL CG2   HG22   sing N N 408 
VAL CG2   HG23   sing N N 409 
VAL OXT   HXT    sing N N 410 
# 
_atom_sites.entry_id                    188L 
_atom_sites.fract_transf_matrix[1][1]   -0.01053952 
_atom_sites.fract_transf_matrix[1][2]   0.00610342 
_atom_sites.fract_transf_matrix[1][3]   -0.01457205 
_atom_sites.fract_transf_matrix[2][1]   -0.00246189 
_atom_sites.fract_transf_matrix[2][2]   0.01862311 
_atom_sites.fract_transf_matrix[2][3]   -0.00279550 
_atom_sites.fract_transf_matrix[3][1]   0.00841932 
_atom_sites.fract_transf_matrix[3][2]   0.00021226 
_atom_sites.fract_transf_matrix[3][3]   -0.00600053 
_atom_sites.fract_transf_vector[1]      0.680513 
_atom_sites.fract_transf_vector[2]      0.220717 
_atom_sites.fract_transf_vector[3]      0.100936 
# 
loop_
_atom_type.symbol 
C  
CL 
N  
O  
S  
# 
loop_
_atom_site.group_PDB 
_atom_site.id 
_atom_site.type_symbol 
_atom_site.label_atom_id 
_atom_site.label_alt_id 
_atom_site.label_comp_id 
_atom_site.label_asym_id 
_atom_site.label_entity_id 
_atom_site.label_seq_id 
_atom_site.pdbx_PDB_ins_code 
_atom_site.Cartn_x 
_atom_site.Cartn_y 
_atom_site.Cartn_z 
_atom_site.occupancy 
_atom_site.B_iso_or_equiv 
_atom_site.pdbx_formal_charge 
_atom_site.auth_seq_id 
_atom_site.auth_comp_id 
_atom_site.auth_asym_id 
_atom_site.auth_atom_id 
_atom_site.pdbx_PDB_model_num 
ATOM   1    N  N     . MET A 1 1   ? -3.927  -16.430 -4.948  1.00 20.73  ? 1   MET A N     1 
ATOM   2    C  CA    . MET A 1 1   ? -3.765  -15.034 -4.614  1.00 16.51  ? 1   MET A CA    1 
ATOM   3    C  C     . MET A 1 1   ? -2.502  -14.794 -3.785  1.00 13.58  ? 1   MET A C     1 
ATOM   4    O  O     . MET A 1 1   ? -2.036  -15.666 -3.039  1.00 15.94  ? 1   MET A O     1 
ATOM   5    C  CB    . MET A 1 1   ? -5.071  -14.507 -3.969  1.00 18.46  ? 1   MET A CB    1 
ATOM   6    C  CG    . MET A 1 1   ? -5.078  -13.059 -3.531  1.00 21.34  ? 1   MET A CG    1 
ATOM   7    S  SD    . MET A 1 1   ? -5.296  -11.866 -4.864  1.00 29.10  ? 1   MET A SD    1 
ATOM   8    C  CE    . MET A 1 1   ? -6.697  -12.640 -5.663  1.00 17.21  ? 1   MET A CE    1 
ATOM   9    N  N     . ASN A 1 2   ? -1.933  -13.590 -3.950  1.00 15.22  ? 2   ASN A N     1 
ATOM   10   C  CA    . ASN A 1 2   ? -0.755  -13.178 -3.194  1.00 10.36  ? 2   ASN A CA    1 
ATOM   11   C  C     . ASN A 1 2   ? -0.702  -11.643 -3.130  1.00 2.98   ? 2   ASN A C     1 
ATOM   12   O  O     . ASN A 1 2   ? -1.467  -10.968 -3.814  1.00 9.35   ? 2   ASN A O     1 
ATOM   13   C  CB    . ASN A 1 2   ? 0.551   -13.796 -3.819  1.00 11.19  ? 2   ASN A CB    1 
ATOM   14   C  CG    . ASN A 1 2   ? 0.833   -13.412 -5.267  1.00 12.39  ? 2   ASN A CG    1 
ATOM   15   O  OD1   . ASN A 1 2   ? 1.063   -12.214 -5.599  1.00 11.95  ? 2   ASN A OD1   1 
ATOM   16   N  ND2   . ASN A 1 2   ? 0.936   -14.441 -6.100  1.00 8.80   ? 2   ASN A ND2   1 
ATOM   17   N  N     . ILE A 1 3   ? 0.267   -11.123 -2.363  1.00 7.32   ? 3   ILE A N     1 
ATOM   18   C  CA    . ILE A 1 3   ? 0.485   -9.713  -2.181  1.00 12.02  ? 3   ILE A CA    1 
ATOM   19   C  C     . ILE A 1 3   ? 0.584   -9.003  -3.536  1.00 15.50  ? 3   ILE A C     1 
ATOM   20   O  O     . ILE A 1 3   ? 0.080   -7.901  -3.701  1.00 11.96  ? 3   ILE A O     1 
ATOM   21   C  CB    . ILE A 1 3   ? 1.710   -9.372  -1.229  1.00 5.45   ? 3   ILE A CB    1 
ATOM   22   C  CG1   . ILE A 1 3   ? 1.819   -7.874  -0.872  1.00 6.12   ? 3   ILE A CG1   1 
ATOM   23   C  CG2   . ILE A 1 3   ? 3.056   -9.934  -1.756  1.00 9.07   ? 3   ILE A CG2   1 
ATOM   24   C  CD1   . ILE A 1 3   ? 0.498   -7.263  -0.353  1.00 5.63   ? 3   ILE A CD1   1 
ATOM   25   N  N     . PHE A 1 4   ? 1.323   -9.577  -4.489  1.00 7.03   ? 4   PHE A N     1 
ATOM   26   C  CA    . PHE A 1 4   ? 1.452   -8.887  -5.754  1.00 6.29   ? 4   PHE A CA    1 
ATOM   27   C  C     . PHE A 1 4   ? 0.172   -8.773  -6.529  1.00 7.53   ? 4   PHE A C     1 
ATOM   28   O  O     . PHE A 1 4   ? -0.145  -7.721  -7.067  1.00 11.10  ? 4   PHE A O     1 
ATOM   29   C  CB    . PHE A 1 4   ? 2.543   -9.506  -6.662  1.00 5.74   ? 4   PHE A CB    1 
ATOM   30   C  CG    . PHE A 1 4   ? 3.927   -9.315  -6.091  1.00 7.87   ? 4   PHE A CG    1 
ATOM   31   C  CD1   . PHE A 1 4   ? 4.648   -8.170  -6.431  1.00 16.22  ? 4   PHE A CD1   1 
ATOM   32   C  CD2   . PHE A 1 4   ? 4.488   -10.258 -5.233  1.00 9.87   ? 4   PHE A CD2   1 
ATOM   33   C  CE1   . PHE A 1 4   ? 5.937   -7.981  -5.931  1.00 15.88  ? 4   PHE A CE1   1 
ATOM   34   C  CE2   . PHE A 1 4   ? 5.778   -10.081 -4.741  1.00 9.17   ? 4   PHE A CE2   1 
ATOM   35   C  CZ    . PHE A 1 4   ? 6.503   -8.944  -5.097  1.00 12.30  ? 4   PHE A CZ    1 
ATOM   36   N  N     . GLU A 1 5   ? -0.582  -9.851  -6.553  1.00 8.77   ? 5   GLU A N     1 
ATOM   37   C  CA    . GLU A 1 5   ? -1.853  -9.822  -7.279  1.00 8.92   ? 5   GLU A CA    1 
ATOM   38   C  C     . GLU A 1 5   ? -2.858  -8.951  -6.574  1.00 13.98  ? 5   GLU A C     1 
ATOM   39   O  O     . GLU A 1 5   ? -3.704  -8.331  -7.181  1.00 15.94  ? 5   GLU A O     1 
ATOM   40   C  CB    . GLU A 1 5   ? -2.451  -11.232 -7.375  1.00 11.23  ? 5   GLU A CB    1 
ATOM   41   C  CG    . GLU A 1 5   ? -1.555  -12.219 -8.134  1.00 15.68  ? 5   GLU A CG    1 
ATOM   42   C  CD    . GLU A 1 5   ? -2.159  -13.611 -8.281  1.00 28.24  ? 5   GLU A CD    1 
ATOM   43   O  OE1   . GLU A 1 5   ? -3.110  -13.999 -7.614  1.00 50.39  ? 5   GLU A OE1   1 
ATOM   44   O  OE2   . GLU A 1 5   ? -1.517  -14.380 -9.143  1.00 60.05  ? 5   GLU A OE2   1 
ATOM   45   N  N     . MET A 1 6   ? -2.777  -8.979  -5.264  1.00 6.94   ? 6   MET A N     1 
ATOM   46   C  CA    . MET A 1 6   ? -3.636  -8.219  -4.426  1.00 7.75   ? 6   MET A CA    1 
ATOM   47   C  C     . MET A 1 6   ? -3.413  -6.726  -4.678  1.00 12.85  ? 6   MET A C     1 
ATOM   48   O  O     . MET A 1 6   ? -4.360  -5.945  -4.906  1.00 10.00  ? 6   MET A O     1 
ATOM   49   C  CB    . MET A 1 6   ? -3.369  -8.633  -2.943  1.00 9.04   ? 6   MET A CB    1 
ATOM   50   C  CG    . MET A 1 6   ? -4.205  -7.775  -2.025  1.00 4.37   ? 6   MET A CG    1 
ATOM   51   S  SD    . MET A 1 6   ? -3.533  -7.727  -0.350  1.00 10.34  ? 6   MET A SD    1 
ATOM   52   C  CE    . MET A 1 6   ? -4.948  -7.739  0.784   1.00 13.92  ? 6   MET A CE    1 
ATOM   53   N  N     . LEU A 1 7   ? -2.153  -6.273  -4.600  1.00 7.91   ? 7   LEU A N     1 
ATOM   54   C  CA    . LEU A 1 7   ? -1.925  -4.831  -4.863  1.00 8.11   ? 7   LEU A CA    1 
ATOM   55   C  C     . LEU A 1 7   ? -2.194  -4.436  -6.320  1.00 8.13   ? 7   LEU A C     1 
ATOM   56   O  O     . LEU A 1 7   ? -2.532  -3.285  -6.617  1.00 13.61  ? 7   LEU A O     1 
ATOM   57   C  CB    . LEU A 1 7   ? -0.477  -4.431  -4.469  1.00 10.57  ? 7   LEU A CB    1 
ATOM   58   C  CG    . LEU A 1 7   ? -0.350  -4.197  -2.967  1.00 10.57  ? 7   LEU A CG    1 
ATOM   59   C  CD1   . LEU A 1 7   ? 1.082   -4.363  -2.507  1.00 13.90  ? 7   LEU A CD1   1 
ATOM   60   C  CD2   . LEU A 1 7   ? -0.910  -2.833  -2.608  1.00 13.56  ? 7   LEU A CD2   1 
ATOM   61   N  N     . ARG A 1 8   ? -1.983  -5.359  -7.241  1.00 7.97   ? 8   ARG A N     1 
ATOM   62   C  CA    . ARG A 1 8   ? -2.219  -5.067  -8.618  1.00 6.04   ? 8   ARG A CA    1 
ATOM   63   C  C     . ARG A 1 8   ? -3.681  -4.774  -8.824  1.00 8.18   ? 8   ARG A C     1 
ATOM   64   O  O     . ARG A 1 8   ? -4.037  -3.919  -9.633  1.00 14.46  ? 8   ARG A O     1 
ATOM   65   C  CB    . ARG A 1 8   ? -1.737  -6.115  -9.588  1.00 16.28  ? 8   ARG A CB    1 
ATOM   66   C  CG    . ARG A 1 8   ? -2.230  -5.781  -10.995 1.00 19.13  ? 8   ARG A CG    1 
ATOM   67   C  CD    . ARG A 1 8   ? -1.162  -5.156  -11.908 1.00 21.25  ? 8   ARG A CD    1 
ATOM   68   N  NE    . ARG A 1 8   ? -1.637  -5.043  -13.286 1.00 59.24  ? 8   ARG A NE    1 
ATOM   69   C  CZ    . ARG A 1 8   ? -2.833  -4.512  -13.601 1.00 48.15  ? 8   ARG A CZ    1 
ATOM   70   N  NH1   . ARG A 1 8   ? -3.656  -4.023  -12.665 1.00 24.76  ? 8   ARG A NH1   1 
ATOM   71   N  NH2   . ARG A 1 8   ? -3.203  -4.457  -14.879 1.00 100.00 ? 8   ARG A NH2   1 
ATOM   72   N  N     . ILE A 1 9   ? -4.538  -5.437  -8.042  1.00 8.77   ? 9   ILE A N     1 
ATOM   73   C  CA    . ILE A 1 9   ? -5.966  -5.173  -8.123  1.00 7.80   ? 9   ILE A CA    1 
ATOM   74   C  C     . ILE A 1 9   ? -6.308  -3.823  -7.482  1.00 13.05  ? 9   ILE A C     1 
ATOM   75   O  O     . ILE A 1 9   ? -7.030  -3.013  -8.061  1.00 12.07  ? 9   ILE A O     1 
ATOM   76   C  CB    . ILE A 1 9   ? -6.748  -6.303  -7.468  1.00 18.57  ? 9   ILE A CB    1 
ATOM   77   C  CG1   . ILE A 1 9   ? -6.823  -7.480  -8.415  1.00 9.56   ? 9   ILE A CG1   1 
ATOM   78   C  CG2   . ILE A 1 9   ? -8.175  -5.883  -7.098  1.00 9.06   ? 9   ILE A CG2   1 
ATOM   79   C  CD1   . ILE A 1 9   ? -7.002  -8.770  -7.613  1.00 12.31  ? 9   ILE A CD1   1 
ATOM   80   N  N     . ASP A 1 10  ? -5.751  -3.549  -6.313  1.00 8.03   ? 10  ASP A N     1 
ATOM   81   C  CA    . ASP A 1 10  ? -6.034  -2.333  -5.606  1.00 6.29   ? 10  ASP A CA    1 
ATOM   82   C  C     . ASP A 1 10  ? -5.505  -1.072  -6.279  1.00 14.68  ? 10  ASP A C     1 
ATOM   83   O  O     . ASP A 1 10  ? -6.132  -0.038  -6.221  1.00 14.49  ? 10  ASP A O     1 
ATOM   84   C  CB    . ASP A 1 10  ? -5.523  -2.423  -4.151  1.00 6.61   ? 10  ASP A CB    1 
ATOM   85   C  CG    . ASP A 1 10  ? -6.480  -3.223  -3.368  1.00 16.85  ? 10  ASP A CG    1 
ATOM   86   O  OD1   . ASP A 1 10  ? -7.624  -3.397  -3.728  1.00 10.17  ? 10  ASP A OD1   1 
ATOM   87   O  OD2   . ASP A 1 10  ? -5.928  -3.794  -2.341  1.00 14.34  ? 10  ASP A OD2   1 
ATOM   88   N  N     . GLU A 1 11  ? -4.354  -1.154  -6.942  1.00 11.00  ? 11  GLU A N     1 
ATOM   89   C  CA    . GLU A 1 11  ? -3.688  0.037   -7.526  1.00 11.59  ? 11  GLU A CA    1 
ATOM   90   C  C     . GLU A 1 11  ? -3.837  0.226   -9.002  1.00 6.19   ? 11  GLU A C     1 
ATOM   91   O  O     . GLU A 1 11  ? -3.658  1.338   -9.472  1.00 21.27  ? 11  GLU A O     1 
ATOM   92   C  CB    . GLU A 1 11  ? -2.181  -0.001  -7.181  1.00 10.05  ? 11  GLU A CB    1 
ATOM   93   C  CG    . GLU A 1 11  ? -2.036  -0.125  -5.658  1.00 12.32  ? 11  GLU A CG    1 
ATOM   94   C  CD    . GLU A 1 11  ? -2.132  1.201   -4.947  1.00 18.26  ? 11  GLU A CD    1 
ATOM   95   O  OE1   . GLU A 1 11  ? -2.418  2.171   -5.775  1.00 16.11  ? 11  GLU A OE1   1 
ATOM   96   O  OE2   . GLU A 1 11  ? -1.888  1.387   -3.764  1.00 15.70  ? 11  GLU A OE2   1 
ATOM   97   N  N     . GLY A 1 12  ? -4.093  -0.828  -9.733  1.00 9.78   ? 12  GLY A N     1 
ATOM   98   C  CA    . GLY A 1 12  ? -4.173  -0.749  -11.167 1.00 9.37   ? 12  GLY A CA    1 
ATOM   99   C  C     . GLY A 1 12  ? -2.793  -0.614  -11.732 1.00 17.44  ? 12  GLY A C     1 
ATOM   100  O  O     . GLY A 1 12  ? -1.806  -0.712  -11.003 1.00 15.25  ? 12  GLY A O     1 
ATOM   101  N  N     . LEU A 1 13  ? -2.752  -0.347  -13.038 1.00 20.89  ? 13  LEU A N     1 
ATOM   102  C  CA    . LEU A 1 13  ? -1.495  -0.135  -13.762 1.00 15.61  ? 13  LEU A CA    1 
ATOM   103  C  C     . LEU A 1 13  ? -1.664  0.970   -14.779 1.00 26.40  ? 13  LEU A C     1 
ATOM   104  O  O     . LEU A 1 13  ? -2.528  0.878   -15.647 1.00 13.89  ? 13  LEU A O     1 
ATOM   105  C  CB    . LEU A 1 13  ? -1.049  -1.393  -14.509 1.00 12.29  ? 13  LEU A CB    1 
ATOM   106  C  CG    . LEU A 1 13  ? 0.146   -1.212  -15.481 1.00 29.68  ? 13  LEU A CG    1 
ATOM   107  C  CD1   . LEU A 1 13  ? 1.350   -0.625  -14.760 1.00 25.24  ? 13  LEU A CD1   1 
ATOM   108  C  CD2   . LEU A 1 13  ? 0.523   -2.572  -16.043 1.00 35.18  ? 13  LEU A CD2   1 
ATOM   109  N  N     . ARG A 1 14  ? -0.825  1.993   -14.662 1.00 12.60  ? 14  ARG A N     1 
ATOM   110  C  CA    . ARG A 1 14  ? -0.795  3.119   -15.575 1.00 8.86   ? 14  ARG A CA    1 
ATOM   111  C  C     . ARG A 1 14  ? 0.581   3.400   -15.999 1.00 9.29   ? 14  ARG A C     1 
ATOM   112  O  O     . ARG A 1 14  ? 1.458   3.486   -15.167 1.00 12.31  ? 14  ARG A O     1 
ATOM   113  C  CB    . ARG A 1 14  ? -1.538  4.319   -15.081 1.00 19.00  ? 14  ARG A CB    1 
ATOM   114  C  CG    . ARG A 1 14  ? -3.005  3.931   -15.090 1.00 16.44  ? 14  ARG A CG    1 
ATOM   115  C  CD    . ARG A 1 14  ? -3.853  5.009   -14.461 1.00 31.19  ? 14  ARG A CD    1 
ATOM   116  N  NE    . ARG A 1 14  ? -4.125  6.060   -15.434 1.00 36.86  ? 14  ARG A NE    1 
ATOM   117  C  CZ    . ARG A 1 14  ? -4.804  7.151   -15.104 1.00 100.00 ? 14  ARG A CZ    1 
ATOM   118  N  NH1   . ARG A 1 14  ? -5.231  7.308   -13.852 1.00 39.53  ? 14  ARG A NH1   1 
ATOM   119  N  NH2   . ARG A 1 14  ? -5.069  8.096   -16.020 1.00 41.31  ? 14  ARG A NH2   1 
ATOM   120  N  N     . LEU A 1 15  ? 0.748   3.536   -17.305 1.00 11.96  ? 15  LEU A N     1 
ATOM   121  C  CA    . LEU A 1 15  ? 2.059   3.773   -17.880 1.00 20.69  ? 15  LEU A CA    1 
ATOM   122  C  C     . LEU A 1 15  ? 2.456   5.205   -18.092 1.00 25.31  ? 15  LEU A C     1 
ATOM   123  O  O     . LEU A 1 15  ? 3.582   5.478   -18.475 1.00 19.84  ? 15  LEU A O     1 
ATOM   124  C  CB    . LEU A 1 15  ? 2.303   2.940   -19.133 1.00 21.38  ? 15  LEU A CB    1 
ATOM   125  C  CG    . LEU A 1 15  ? 2.202   1.446   -18.841 1.00 19.09  ? 15  LEU A CG    1 
ATOM   126  C  CD1   . LEU A 1 15  ? 2.361   0.682   -20.134 1.00 23.99  ? 15  LEU A CD1   1 
ATOM   127  C  CD2   . LEU A 1 15  ? 3.230   0.969   -17.787 1.00 28.22  ? 15  LEU A CD2   1 
ATOM   128  N  N     . LYS A 1 16  ? 1.550   6.107   -17.820 1.00 14.74  ? 16  LYS A N     1 
ATOM   129  C  CA    . LYS A 1 16  ? 1.830   7.537   -17.965 1.00 7.17   ? 16  LYS A CA    1 
ATOM   130  C  C     . LYS A 1 16  ? 1.553   8.202   -16.619 1.00 13.93  ? 16  LYS A C     1 
ATOM   131  O  O     . LYS A 1 16  ? 0.662   7.752   -15.837 1.00 16.89  ? 16  LYS A O     1 
ATOM   132  C  CB    . LYS A 1 16  ? 0.906   7.973   -19.112 1.00 19.01  ? 16  LYS A CB    1 
ATOM   133  C  CG    . LYS A 1 16  ? 0.529   9.431   -19.187 1.00 37.04  ? 16  LYS A CG    1 
ATOM   134  C  CD    . LYS A 1 16  ? 1.676   10.332  -19.665 1.00 100.00 ? 16  LYS A CD    1 
ATOM   135  C  CE    . LYS A 1 16  ? 2.490   10.976  -18.532 1.00 100.00 ? 16  LYS A CE    1 
ATOM   136  N  NZ    . LYS A 1 16  ? 3.100   12.291  -18.892 1.00 70.33  ? 16  LYS A NZ    1 
ATOM   137  N  N     . ILE A 1 17  ? 2.341   9.227   -16.274 1.00 15.81  ? 17  ILE A N     1 
ATOM   138  C  CA    . ILE A 1 17  ? 2.135   9.938   -14.989 1.00 7.46   ? 17  ILE A CA    1 
ATOM   139  C  C     . ILE A 1 17  ? 0.639   10.276  -14.738 1.00 23.34  ? 17  ILE A C     1 
ATOM   140  O  O     . ILE A 1 17  ? -0.052  10.837  -15.613 1.00 19.06  ? 17  ILE A O     1 
ATOM   141  C  CB    . ILE A 1 17  ? 2.975   11.251  -14.878 1.00 8.65   ? 17  ILE A CB    1 
ATOM   142  C  CG1   . ILE A 1 17  ? 4.450   10.869  -14.852 1.00 13.43  ? 17  ILE A CG1   1 
ATOM   143  C  CG2   . ILE A 1 17  ? 2.643   12.024  -13.584 1.00 14.31  ? 17  ILE A CG2   1 
ATOM   144  C  CD1   . ILE A 1 17  ? 5.418   12.055  -14.904 1.00 18.96  ? 17  ILE A CD1   1 
ATOM   145  N  N     . TYR A 1 18  ? 0.115   9.918   -13.573 1.00 15.58  ? 18  TYR A N     1 
ATOM   146  C  CA    . TYR A 1 18  ? -1.269  10.295  -13.297 1.00 10.31  ? 18  TYR A CA    1 
ATOM   147  C  C     . TYR A 1 18  ? -1.343  10.820  -11.860 1.00 9.51   ? 18  TYR A C     1 
ATOM   148  O  O     . TYR A 1 18  ? -0.385  10.663  -11.057 1.00 14.38  ? 18  TYR A O     1 
ATOM   149  C  CB    . TYR A 1 18  ? -2.264  9.117   -13.510 1.00 13.50  ? 18  TYR A CB    1 
ATOM   150  C  CG    . TYR A 1 18  ? -1.993  7.956   -12.596 1.00 17.71  ? 18  TYR A CG    1 
ATOM   151  C  CD1   . TYR A 1 18  ? -0.953  7.069   -12.889 1.00 20.58  ? 18  TYR A CD1   1 
ATOM   152  C  CD2   . TYR A 1 18  ? -2.758  7.755   -11.436 1.00 16.96  ? 18  TYR A CD2   1 
ATOM   153  C  CE1   . TYR A 1 18  ? -0.690  6.002   -12.034 1.00 17.58  ? 18  TYR A CE1   1 
ATOM   154  C  CE2   . TYR A 1 18  ? -2.518  6.685   -10.565 1.00 14.12  ? 18  TYR A CE2   1 
ATOM   155  C  CZ    . TYR A 1 18  ? -1.454  5.828   -10.870 1.00 23.29  ? 18  TYR A CZ    1 
ATOM   156  O  OH    . TYR A 1 18  ? -1.154  4.784   -10.042 1.00 26.61  ? 18  TYR A OH    1 
ATOM   157  N  N     . LYS A 1 19  ? -2.510  11.369  -11.500 1.00 9.72   ? 19  LYS A N     1 
ATOM   158  C  CA    . LYS A 1 19  ? -2.673  11.809  -10.130 1.00 13.76  ? 19  LYS A CA    1 
ATOM   159  C  C     . LYS A 1 19  ? -3.417  10.735  -9.377  1.00 19.55  ? 19  LYS A C     1 
ATOM   160  O  O     . LYS A 1 19  ? -4.411  10.147  -9.867  1.00 17.46  ? 19  LYS A O     1 
ATOM   161  C  CB    . LYS A 1 19  ? -3.390  13.111  -9.962  1.00 13.40  ? 19  LYS A CB    1 
ATOM   162  C  CG    . LYS A 1 19  ? -2.653  14.246  -10.583 1.00 6.94   ? 19  LYS A CG    1 
ATOM   163  C  CD    . LYS A 1 19  ? -3.209  15.566  -10.089 1.00 17.40  ? 19  LYS A CD    1 
ATOM   164  C  CE    . LYS A 1 19  ? -2.733  16.779  -10.888 1.00 28.57  ? 19  LYS A CE    1 
ATOM   165  N  NZ    . LYS A 1 19  ? -3.431  18.045  -10.571 1.00 28.27  ? 19  LYS A NZ    1 
ATOM   166  N  N     . ASP A 1 20  ? -2.911  10.445  -8.195  1.00 19.22  ? 20  ASP A N     1 
ATOM   167  C  CA    . ASP A 1 20  ? -3.561  9.445   -7.404  1.00 14.82  ? 20  ASP A CA    1 
ATOM   168  C  C     . ASP A 1 20  ? -4.842  9.978   -6.730  1.00 17.99  ? 20  ASP A C     1 
ATOM   169  O  O     . ASP A 1 20  ? -5.322  11.068  -7.027  1.00 14.66  ? 20  ASP A O     1 
ATOM   170  C  CB    . ASP A 1 20  ? -2.566  8.826   -6.416  1.00 7.75   ? 20  ASP A CB    1 
ATOM   171  C  CG    . ASP A 1 20  ? -2.168  9.605   -5.210  1.00 13.09  ? 20  ASP A CG    1 
ATOM   172  O  OD1   . ASP A 1 20  ? -2.674  10.776  -5.098  1.00 12.17  ? 20  ASP A OD1   1 
ATOM   173  O  OD2   . ASP A 1 20  ? -1.395  9.154   -4.399  1.00 21.75  ? 20  ASP A OD2   1 
ATOM   174  N  N     . THR A 1 21  ? -5.370  9.218   -5.768  1.00 19.46  ? 21  THR A N     1 
ATOM   175  C  CA    . THR A 1 21  ? -6.609  9.584   -5.086  1.00 18.03  ? 21  THR A CA    1 
ATOM   176  C  C     . THR A 1 21  ? -6.489  10.862  -4.303  1.00 19.93  ? 21  THR A C     1 
ATOM   177  O  O     . THR A 1 21  ? -7.500  11.563  -4.071  1.00 16.30  ? 21  THR A O     1 
ATOM   178  C  CB    . THR A 1 21  ? -7.237  8.432   -4.272  1.00 43.35  ? 21  THR A CB    1 
ATOM   179  O  OG1   . THR A 1 21  ? -6.390  8.133   -3.191  1.00 22.45  ? 21  THR A OG1   1 
ATOM   180  C  CG2   . THR A 1 21  ? -7.356  7.163   -5.134  1.00 34.19  ? 21  THR A CG2   1 
ATOM   181  N  N     . GLU A 1 22  ? -5.237  11.162  -3.904  1.00 22.40  ? 22  GLU A N     1 
ATOM   182  C  CA    . GLU A 1 22  ? -4.955  12.378  -3.099  1.00 18.79  ? 22  GLU A CA    1 
ATOM   183  C  C     . GLU A 1 22  ? -4.518  13.565  -3.912  1.00 17.21  ? 22  GLU A C     1 
ATOM   184  O  O     . GLU A 1 22  ? -4.284  14.613  -3.353  1.00 16.47  ? 22  GLU A O     1 
ATOM   185  C  CB    . GLU A 1 22  ? -3.891  12.105  -2.035  1.00 12.92  ? 22  GLU A CB    1 
ATOM   186  C  CG    . GLU A 1 22  ? -4.351  11.091  -0.960  1.00 21.31  ? 22  GLU A CG    1 
ATOM   187  C  CD    . GLU A 1 22  ? -5.379  11.730  -0.067  1.00 34.75  ? 22  GLU A CD    1 
ATOM   188  O  OE1   . GLU A 1 22  ? -4.929  12.856  0.472   1.00 63.79  ? 22  GLU A OE1   1 
ATOM   189  O  OE2   . GLU A 1 22  ? -6.529  11.294  0.059   1.00 55.74  ? 22  GLU A OE2   1 
ATOM   190  N  N     . GLY A 1 23  ? -4.405  13.339  -5.251  1.00 13.06  ? 23  GLY A N     1 
ATOM   191  C  CA    . GLY A 1 23  ? -3.947  14.327  -6.239  1.00 9.38   ? 23  GLY A CA    1 
ATOM   192  C  C     . GLY A 1 23  ? -2.445  14.345  -6.465  1.00 19.54  ? 23  GLY A C     1 
ATOM   193  O  O     . GLY A 1 23  ? -1.967  15.323  -7.003  1.00 20.63  ? 23  GLY A O     1 
ATOM   194  N  N     . TYR A 1 24  ? -1.714  13.295  -6.020  1.00 26.64  ? 24  TYR A N     1 
ATOM   195  C  CA    . TYR A 1 24  ? -0.250  13.247  -6.160  1.00 16.84  ? 24  TYR A CA    1 
ATOM   196  C  C     . TYR A 1 24  ? 0.148   12.395  -7.314  1.00 17.02  ? 24  TYR A C     1 
ATOM   197  O  O     . TYR A 1 24  ? -0.426  11.324  -7.576  1.00 17.66  ? 24  TYR A O     1 
ATOM   198  C  CB    . TYR A 1 24  ? 0.486   12.655  -4.979  1.00 14.94  ? 24  TYR A CB    1 
ATOM   199  C  CG    . TYR A 1 24  ? 0.139   13.310  -3.703  1.00 15.43  ? 24  TYR A CG    1 
ATOM   200  C  CD1   . TYR A 1 24  ? 0.267   14.683  -3.556  1.00 27.40  ? 24  TYR A CD1   1 
ATOM   201  C  CD2   . TYR A 1 24  ? -0.310  12.548  -2.629  1.00 11.29  ? 24  TYR A CD2   1 
ATOM   202  C  CE1   . TYR A 1 24  ? -0.042  15.283  -2.340  1.00 42.35  ? 24  TYR A CE1   1 
ATOM   203  C  CE2   . TYR A 1 24  ? -0.617  13.132  -1.406  1.00 40.87  ? 24  TYR A CE2   1 
ATOM   204  C  CZ    . TYR A 1 24  ? -0.500  14.513  -1.263  1.00 28.34  ? 24  TYR A CZ    1 
ATOM   205  O  OH    . TYR A 1 24  ? -0.828  15.089  -0.056  1.00 63.33  ? 24  TYR A OH    1 
ATOM   206  N  N     . TYR A 1 25  ? 1.157   12.921  -7.975  1.00 10.71  ? 25  TYR A N     1 
ATOM   207  C  CA    . TYR A 1 25  ? 1.753   12.350  -9.176  1.00 8.40   ? 25  TYR A CA    1 
ATOM   208  C  C     . TYR A 1 25  ? 2.327   10.990  -8.855  1.00 5.47   ? 25  TYR A C     1 
ATOM   209  O  O     . TYR A 1 25  ? 3.152   10.837  -7.937  1.00 8.78   ? 25  TYR A O     1 
ATOM   210  C  CB    . TYR A 1 25  ? 2.829   13.300  -9.707  1.00 15.66  ? 25  TYR A CB    1 
ATOM   211  C  CG    . TYR A 1 25  ? 2.248   14.532  -10.343 1.00 19.22  ? 25  TYR A CG    1 
ATOM   212  C  CD1   . TYR A 1 25  ? 1.331   14.420  -11.391 1.00 20.92  ? 25  TYR A CD1   1 
ATOM   213  C  CD2   . TYR A 1 25  ? 2.657   15.797  -9.920  1.00 18.31  ? 25  TYR A CD2   1 
ATOM   214  C  CE1   . TYR A 1 25  ? 0.808   15.566  -11.994 1.00 33.16  ? 25  TYR A CE1   1 
ATOM   215  C  CE2   . TYR A 1 25  ? 2.126   16.945  -10.501 1.00 22.51  ? 25  TYR A CE2   1 
ATOM   216  C  CZ    . TYR A 1 25  ? 1.213   16.835  -11.555 1.00 21.08  ? 25  TYR A CZ    1 
ATOM   217  O  OH    . TYR A 1 25  ? 0.738   17.994  -12.151 1.00 27.35  ? 25  TYR A OH    1 
ATOM   218  N  N     . THR A 1 26  ? 1.835   10.036  -9.663  1.00 10.54  ? 26  THR A N     1 
ATOM   219  C  CA    . THR A 1 26  ? 2.115   8.669   -9.499  1.00 12.13  ? 26  THR A CA    1 
ATOM   220  C  C     . THR A 1 26  ? 2.296   8.105   -10.873 1.00 10.31  ? 26  THR A C     1 
ATOM   221  O  O     . THR A 1 26  ? 1.929   8.738   -11.865 1.00 12.81  ? 26  THR A O     1 
ATOM   222  C  CB    . THR A 1 26  ? 0.811   8.010   -8.825  1.00 13.28  ? 26  THR A CB    1 
ATOM   223  O  OG1   . THR A 1 26  ? 0.565   8.585   -7.576  1.00 14.02  ? 26  THR A OG1   1 
ATOM   224  C  CG2   . THR A 1 26  ? 0.811   6.478   -8.616  1.00 3.37   ? 26  THR A CG2   1 
ATOM   225  N  N     . ILE A 1 27  ? 2.780   6.858   -10.910 1.00 11.33  ? 27  ILE A N     1 
ATOM   226  C  CA    . ILE A 1 27  ? 2.866   6.121   -12.145 1.00 7.87   ? 27  ILE A CA    1 
ATOM   227  C  C     . ILE A 1 27  ? 2.902   4.623   -11.850 1.00 11.01  ? 27  ILE A C     1 
ATOM   228  O  O     . ILE A 1 27  ? 3.144   4.177   -10.714 1.00 8.93   ? 27  ILE A O     1 
ATOM   229  C  CB    . ILE A 1 27  ? 4.083   6.565   -13.015 1.00 11.49  ? 27  ILE A CB    1 
ATOM   230  C  CG1   . ILE A 1 27  ? 4.016   5.993   -14.450 1.00 15.75  ? 27  ILE A CG1   1 
ATOM   231  C  CG2   . ILE A 1 27  ? 5.389   6.143   -12.323 1.00 12.25  ? 27  ILE A CG2   1 
ATOM   232  C  CD1   . ILE A 1 27  ? 4.781   6.775   -15.502 1.00 9.28   ? 27  ILE A CD1   1 
ATOM   233  N  N     . GLY A 1 28  ? 2.759   3.837   -12.888 1.00 10.79  ? 28  GLY A N     1 
ATOM   234  C  CA    . GLY A 1 28  ? 2.926   2.396   -12.769 1.00 15.02  ? 28  GLY A CA    1 
ATOM   235  C  C     . GLY A 1 28  ? 1.872   1.753   -11.894 1.00 14.56  ? 28  GLY A C     1 
ATOM   236  O  O     . GLY A 1 28  ? 0.684   1.967   -12.077 1.00 12.00  ? 28  GLY A O     1 
ATOM   237  N  N     . ILE A 1 29  ? 2.332   0.997   -10.923 1.00 11.99  ? 29  ILE A N     1 
ATOM   238  C  CA    . ILE A 1 29  ? 1.394   0.346   -10.018 1.00 9.54   ? 29  ILE A CA    1 
ATOM   239  C  C     . ILE A 1 29  ? 1.425   0.999   -8.648  1.00 10.39  ? 29  ILE A C     1 
ATOM   240  O  O     . ILE A 1 29  ? 1.987   0.458   -7.698  1.00 13.60  ? 29  ILE A O     1 
ATOM   241  C  CB    . ILE A 1 29  ? 1.649   -1.183  -9.935  1.00 15.68  ? 29  ILE A CB    1 
ATOM   242  C  CG1   . ILE A 1 29  ? 1.642   -1.823  -11.362 1.00 31.60  ? 29  ILE A CG1   1 
ATOM   243  C  CG2   . ILE A 1 29  ? 0.600   -1.878  -9.046  1.00 12.88  ? 29  ILE A CG2   1 
ATOM   244  C  CD1   . ILE A 1 29  ? 2.248   -3.245  -11.501 1.00 21.87  ? 29  ILE A CD1   1 
ATOM   245  N  N     . GLY A 1 30  ? 0.823   2.181   -8.549  1.00 6.70   ? 30  GLY A N     1 
ATOM   246  C  CA    . GLY A 1 30  ? 0.823   2.890   -7.310  1.00 4.20   ? 30  GLY A CA    1 
ATOM   247  C  C     . GLY A 1 30  ? 2.163   3.428   -6.886  1.00 9.20   ? 30  GLY A C     1 
ATOM   248  O  O     . GLY A 1 30  ? 2.374   3.653   -5.715  1.00 14.34  ? 30  GLY A O     1 
ATOM   249  N  N     . HIS A 1 31  ? 3.055   3.729   -7.794  1.00 12.16  ? 31  HIS A N     1 
ATOM   250  C  CA    . HIS A 1 31  ? 4.332   4.267   -7.364  1.00 4.27   ? 31  HIS A CA    1 
ATOM   251  C  C     . HIS A 1 31  ? 4.283   5.791   -7.235  1.00 6.84   ? 31  HIS A C     1 
ATOM   252  O  O     . HIS A 1 31  ? 4.299   6.534   -8.213  1.00 9.24   ? 31  HIS A O     1 
ATOM   253  C  CB    . HIS A 1 31  ? 5.476   3.810   -8.307  1.00 3.56   ? 31  HIS A CB    1 
ATOM   254  C  CG    . HIS A 1 31  ? 6.818   4.338   -7.843  1.00 10.42  ? 31  HIS A CG    1 
ATOM   255  N  ND1   . HIS A 1 31  ? 7.626   3.647   -6.946  1.00 17.93  ? 31  HIS A ND1   1 
ATOM   256  C  CD2   . HIS A 1 31  ? 7.443   5.513   -8.100  1.00 14.93  ? 31  HIS A CD2   1 
ATOM   257  C  CE1   . HIS A 1 31  ? 8.711   4.373   -6.666  1.00 6.15   ? 31  HIS A CE1   1 
ATOM   258  N  NE2   . HIS A 1 31  ? 8.623   5.528   -7.313  1.00 9.87   ? 31  HIS A NE2   1 
ATOM   259  N  N     . LEU A 1 32  ? 4.249   6.303   -6.022  1.00 11.22  ? 32  LEU A N     1 
ATOM   260  C  CA    . LEU A 1 32  ? 4.163   7.726   -5.849  1.00 15.24  ? 32  LEU A CA    1 
ATOM   261  C  C     . LEU A 1 32  ? 5.429   8.381   -6.245  1.00 7.88   ? 32  LEU A C     1 
ATOM   262  O  O     . LEU A 1 32  ? 6.480   7.957   -5.784  1.00 12.60  ? 32  LEU A O     1 
ATOM   263  C  CB    . LEU A 1 32  ? 3.894   8.029   -4.373  1.00 15.30  ? 32  LEU A CB    1 
ATOM   264  C  CG    . LEU A 1 32  ? 4.047   9.509   -4.005  1.00 40.84  ? 32  LEU A CG    1 
ATOM   265  C  CD1   . LEU A 1 32  ? 2.807   10.270  -4.413  1.00 14.43  ? 32  LEU A CD1   1 
ATOM   266  C  CD2   . LEU A 1 32  ? 4.159   9.644   -2.510  1.00 24.13  ? 32  LEU A CD2   1 
ATOM   267  N  N     . LEU A 1 33  ? 5.352   9.398   -7.038  1.00 9.19   ? 33  LEU A N     1 
ATOM   268  C  CA    . LEU A 1 33  ? 6.564   10.082  -7.444  1.00 11.07  ? 33  LEU A CA    1 
ATOM   269  C  C     . LEU A 1 33  ? 6.927   11.225  -6.547  1.00 18.33  ? 33  LEU A C     1 
ATOM   270  O  O     . LEU A 1 33  ? 8.111   11.372  -6.188  1.00 11.08  ? 33  LEU A O     1 
ATOM   271  C  CB    . LEU A 1 33  ? 6.484   10.643  -8.867  1.00 11.20  ? 33  LEU A CB    1 
ATOM   272  C  CG    . LEU A 1 33  ? 6.370   9.533   -9.884  1.00 17.05  ? 33  LEU A CG    1 
ATOM   273  C  CD1   . LEU A 1 33  ? 5.738   10.059  -11.150 1.00 14.01  ? 33  LEU A CD1   1 
ATOM   274  C  CD2   . LEU A 1 33  ? 7.761   8.960   -10.131 1.00 7.05   ? 33  LEU A CD2   1 
ATOM   275  N  N     . THR A 1 34  ? 5.923   12.028  -6.214  1.00 16.44  ? 34  THR A N     1 
ATOM   276  C  CA    . THR A 1 34  ? 6.135   13.253  -5.442  1.00 23.56  ? 34  THR A CA    1 
ATOM   277  C  C     . THR A 1 34  ? 4.826   13.875  -5.032  1.00 17.55  ? 34  THR A C     1 
ATOM   278  O  O     . THR A 1 34  ? 3.806   13.688  -5.717  1.00 21.49  ? 34  THR A O     1 
ATOM   279  C  CB    . THR A 1 34  ? 6.926   14.372  -6.256  1.00 29.48  ? 34  THR A CB    1 
ATOM   280  O  OG1   . THR A 1 34  ? 7.265   15.486  -5.435  1.00 25.29  ? 34  THR A OG1   1 
ATOM   281  C  CG2   . THR A 1 34  ? 6.151   14.952  -7.421  1.00 15.71  ? 34  THR A CG2   1 
ATOM   282  N  N     . LYS A 1 35  ? 4.897   14.579  -3.898  1.00 16.79  ? 35  LYS A N     1 
ATOM   283  C  CA    . LYS A 1 35  ? 3.757   15.317  -3.336  1.00 25.00  ? 35  LYS A CA    1 
ATOM   284  C  C     . LYS A 1 35  ? 3.685   16.767  -3.835  1.00 24.16  ? 35  LYS A C     1 
ATOM   285  O  O     . LYS A 1 35  ? 2.675   17.447  -3.748  1.00 37.94  ? 35  LYS A O     1 
ATOM   286  C  CB    . LYS A 1 35  ? 3.623   15.191  -1.833  1.00 25.53  ? 35  LYS A CB    1 
ATOM   287  C  CG    . LYS A 1 35  ? 3.426   13.732  -1.399  1.00 31.58  ? 35  LYS A CG    1 
ATOM   288  C  CD    . LYS A 1 35  ? 3.391   13.491  0.102   1.00 25.78  ? 35  LYS A CD    1 
ATOM   289  C  CE    . LYS A 1 35  ? 2.801   12.129  0.502   1.00 50.22  ? 35  LYS A CE    1 
ATOM   290  N  NZ    . LYS A 1 35  ? 3.155   11.691  1.877   1.00 100.00 ? 35  LYS A NZ    1 
ATOM   291  N  N     . SER A 1 36  ? 4.754   17.204  -4.422  1.00 21.23  ? 36  SER A N     1 
ATOM   292  C  CA    . SER A 1 36  ? 4.780   18.489  -5.020  1.00 23.94  ? 36  SER A CA    1 
ATOM   293  C  C     . SER A 1 36  ? 3.800   18.510  -6.193  1.00 20.00  ? 36  SER A C     1 
ATOM   294  O  O     . SER A 1 36  ? 3.560   17.542  -6.950  1.00 21.59  ? 36  SER A O     1 
ATOM   295  C  CB    . SER A 1 36  ? 6.202   18.839  -5.468  1.00 34.54  ? 36  SER A CB    1 
ATOM   296  O  OG    . SER A 1 36  ? 6.201   19.461  -6.738  1.00 46.69  ? 36  SER A OG    1 
ATOM   297  N  N     . PRO A 1 37  ? 3.259   19.685  -6.366  1.00 34.99  ? 37  PRO A N     1 
ATOM   298  C  CA    . PRO A 1 37  ? 2.267   19.958  -7.368  1.00 29.76  ? 37  PRO A CA    1 
ATOM   299  C  C     . PRO A 1 37  ? 2.801   20.210  -8.778  1.00 29.74  ? 37  PRO A C     1 
ATOM   300  O  O     . PRO A 1 37  ? 2.024   20.401  -9.715  1.00 62.42  ? 37  PRO A O     1 
ATOM   301  C  CB    . PRO A 1 37  ? 1.493   21.145  -6.819  1.00 22.20  ? 37  PRO A CB    1 
ATOM   302  C  CG    . PRO A 1 37  ? 2.302   21.742  -5.681  1.00 33.19  ? 37  PRO A CG    1 
ATOM   303  C  CD    . PRO A 1 37  ? 3.331   20.709  -5.304  1.00 19.02  ? 37  PRO A CD    1 
ATOM   304  N  N     . SER A 1 38  ? 4.144   20.159  -8.903  1.00 33.18  ? 38  SER A N     1 
ATOM   305  C  CA    . SER A 1 38  ? 4.880   20.366  -10.158 1.00 22.50  ? 38  SER A CA    1 
ATOM   306  C  C     . SER A 1 38  ? 5.051   19.090  -10.985 1.00 19.65  ? 38  SER A C     1 
ATOM   307  O  O     . SER A 1 38  ? 5.701   18.141  -10.561 1.00 22.56  ? 38  SER A O     1 
ATOM   308  C  CB    . SER A 1 38  ? 6.283   21.029  -9.932  1.00 23.45  ? 38  SER A CB    1 
ATOM   309  O  OG    . SER A 1 38  ? 6.877   21.428  -11.166 1.00 66.75  ? 38  SER A OG    1 
ATOM   310  N  N     . LEU A 1 39  ? 4.524   19.101  -12.176 1.00 23.78  ? 39  LEU A N     1 
ATOM   311  C  CA    . LEU A 1 39  ? 4.675   17.989  -13.077 1.00 30.92  ? 39  LEU A CA    1 
ATOM   312  C  C     . LEU A 1 39  ? 6.122   17.743  -13.419 1.00 26.54  ? 39  LEU A C     1 
ATOM   313  O  O     . LEU A 1 39  ? 6.600   16.634  -13.645 1.00 21.85  ? 39  LEU A O     1 
ATOM   314  C  CB    . LEU A 1 39  ? 3.865   18.251  -14.345 1.00 23.20  ? 39  LEU A CB    1 
ATOM   315  C  CG    . LEU A 1 39  ? 3.968   17.137  -15.363 1.00 39.24  ? 39  LEU A CG    1 
ATOM   316  C  CD1   . LEU A 1 39  ? 3.738   15.755  -14.723 1.00 13.84  ? 39  LEU A CD1   1 
ATOM   317  C  CD2   . LEU A 1 39  ? 2.946   17.433  -16.442 1.00 18.88  ? 39  LEU A CD2   1 
ATOM   318  N  N     . ASN A 1 40  ? 6.834   18.829  -13.436 1.00 32.60  ? 40  ASN A N     1 
ATOM   319  C  CA    . ASN A 1 40  ? 8.230   18.798  -13.755 1.00 29.16  ? 40  ASN A CA    1 
ATOM   320  C  C     . ASN A 1 40  ? 8.985   18.103  -12.682 1.00 17.45  ? 40  ASN A C     1 
ATOM   321  O  O     . ASN A 1 40  ? 9.792   17.259  -12.962 1.00 15.33  ? 40  ASN A O     1 
ATOM   322  C  CB    . ASN A 1 40  ? 8.752   20.198  -14.027 1.00 96.39  ? 40  ASN A CB    1 
ATOM   323  C  CG    . ASN A 1 40  ? 8.044   20.695  -15.257 1.00 100.00 ? 40  ASN A CG    1 
ATOM   324  O  OD1   . ASN A 1 40  ? 8.202   20.090  -16.329 1.00 56.57  ? 40  ASN A OD1   1 
ATOM   325  N  ND2   . ASN A 1 40  ? 7.143   21.662  -15.066 1.00 100.00 ? 40  ASN A ND2   1 
ATOM   326  N  N     . ALA A 1 41  ? 8.687   18.458  -11.453 1.00 12.79  ? 41  ALA A N     1 
ATOM   327  C  CA    . ALA A 1 41  ? 9.288   17.765  -10.333 1.00 19.54  ? 41  ALA A CA    1 
ATOM   328  C  C     . ALA A 1 41  ? 8.979   16.276  -10.462 1.00 25.69  ? 41  ALA A C     1 
ATOM   329  O  O     . ALA A 1 41  ? 9.814   15.419  -10.254 1.00 18.27  ? 41  ALA A O     1 
ATOM   330  C  CB    . ALA A 1 41  ? 8.726   18.270  -9.010  1.00 17.37  ? 41  ALA A CB    1 
ATOM   331  N  N     . ALA A 1 42  ? 7.770   15.981  -10.862 1.00 14.68  ? 42  ALA A N     1 
ATOM   332  C  CA    . ALA A 1 42  ? 7.369   14.600  -11.028 1.00 13.00  ? 42  ALA A CA    1 
ATOM   333  C  C     . ALA A 1 42  ? 8.137   13.904  -12.116 1.00 12.88  ? 42  ALA A C     1 
ATOM   334  O  O     . ALA A 1 42  ? 8.554   12.753  -11.961 1.00 18.93  ? 42  ALA A O     1 
ATOM   335  C  CB    . ALA A 1 42  ? 5.880   14.500  -11.305 1.00 14.39  ? 42  ALA A CB    1 
ATOM   336  N  N     . LYS A 1 43  ? 8.339   14.574  -13.231 1.00 14.40  ? 43  LYS A N     1 
ATOM   337  C  CA    . LYS A 1 43  ? 9.080   13.936  -14.339 1.00 13.63  ? 43  LYS A CA    1 
ATOM   338  C  C     . LYS A 1 43  ? 10.539  13.750  -14.002 1.00 8.95   ? 43  LYS A C     1 
ATOM   339  O  O     . LYS A 1 43  ? 11.156  12.779  -14.365 1.00 16.73  ? 43  LYS A O     1 
ATOM   340  C  CB    . LYS A 1 43  ? 9.013   14.772  -15.582 1.00 12.48  ? 43  LYS A CB    1 
ATOM   341  C  CG    . LYS A 1 43  ? 7.741   14.551  -16.329 1.00 15.11  ? 43  LYS A CG    1 
ATOM   342  C  CD    . LYS A 1 43  ? 7.448   15.711  -17.279 1.00 32.19  ? 43  LYS A CD    1 
ATOM   343  C  CE    . LYS A 1 43  ? 6.336   15.430  -18.297 1.00 50.36  ? 43  LYS A CE    1 
ATOM   344  N  NZ    . LYS A 1 43  ? 6.765   15.492  -19.709 1.00 77.48  ? 43  LYS A NZ    1 
ATOM   345  N  N     . SER A 1 44  ? 11.065  14.609  -13.171 1.00 14.96  ? 44  SER A N     1 
ATOM   346  C  CA    . SER A 1 44  ? 12.458  14.499  -12.738 1.00 11.54  ? 44  SER A CA    1 
ATOM   347  C  C     . SER A 1 44  ? 12.672  13.275  -11.811 1.00 10.80  ? 44  SER A C     1 
ATOM   348  O  O     . SER A 1 44  ? 13.600  12.479  -11.965 1.00 19.00  ? 44  SER A O     1 
ATOM   349  C  CB    . SER A 1 44  ? 12.890  15.909  -12.177 1.00 11.94  ? 44  SER A CB    1 
ATOM   350  O  OG    . SER A 1 44  ? 14.182  15.887  -11.637 1.00 52.66  ? 44  SER A OG    1 
ATOM   351  N  N     . GLU A 1 45  ? 11.739  13.089  -10.906 1.00 14.38  ? 45  GLU A N     1 
ATOM   352  C  CA    . GLU A 1 45  ? 11.724  11.957  -9.993  1.00 11.23  ? 45  GLU A CA    1 
ATOM   353  C  C     . GLU A 1 45  ? 11.530  10.703  -10.829 1.00 10.82  ? 45  GLU A C     1 
ATOM   354  O  O     . GLU A 1 45  ? 12.189  9.678   -10.619 1.00 16.23  ? 45  GLU A O     1 
ATOM   355  C  CB    . GLU A 1 45  ? 10.510  12.023  -9.054  1.00 11.34  ? 45  GLU A CB    1 
ATOM   356  C  CG    . GLU A 1 45  ? 10.617  13.030  -7.919  1.00 11.92  ? 45  GLU A CG    1 
ATOM   357  C  CD    . GLU A 1 45  ? 11.812  12.772  -7.056  1.00 23.77  ? 45  GLU A CD    1 
ATOM   358  O  OE1   . GLU A 1 45  ? 12.083  11.725  -6.539  1.00 20.06  ? 45  GLU A OE1   1 
ATOM   359  O  OE2   . GLU A 1 45  ? 12.593  13.774  -6.953  1.00 23.07  ? 45  GLU A OE2   1 
ATOM   360  N  N     . LEU A 1 46  ? 10.627  10.789  -11.787 1.00 8.35   ? 46  LEU A N     1 
ATOM   361  C  CA    . LEU A 1 46  ? 10.475  9.638   -12.644 1.00 11.80  ? 46  LEU A CA    1 
ATOM   362  C  C     . LEU A 1 46  ? 11.832  9.248   -13.320 1.00 18.27  ? 46  LEU A C     1 
ATOM   363  O  O     . LEU A 1 46  ? 12.274  8.102   -13.289 1.00 15.88  ? 46  LEU A O     1 
ATOM   364  C  CB    . LEU A 1 46  ? 9.352   9.880   -13.715 1.00 13.99  ? 46  LEU A CB    1 
ATOM   365  C  CG    . LEU A 1 46  ? 9.168   8.701   -14.685 1.00 15.63  ? 46  LEU A CG    1 
ATOM   366  C  CD1   . LEU A 1 46  ? 8.954   7.445   -13.861 1.00 9.73   ? 46  LEU A CD1   1 
ATOM   367  C  CD2   . LEU A 1 46  ? 7.949   8.904   -15.602 1.00 10.12  ? 46  LEU A CD2   1 
ATOM   368  N  N     . ASP A 1 47  ? 12.538  10.210  -13.945 1.00 13.49  ? 47  ASP A N     1 
ATOM   369  C  CA    . ASP A 1 47  ? 13.772  9.902   -14.639 1.00 12.71  ? 47  ASP A CA    1 
ATOM   370  C  C     . ASP A 1 47  ? 14.806  9.361   -13.739 1.00 8.96   ? 47  ASP A C     1 
ATOM   371  O  O     . ASP A 1 47  ? 15.506  8.434   -14.114 1.00 16.08  ? 47  ASP A O     1 
ATOM   372  C  CB    . ASP A 1 47  ? 14.289  11.110  -15.371 1.00 16.18  ? 47  ASP A CB    1 
ATOM   373  C  CG    . ASP A 1 47  ? 13.387  11.483  -16.537 1.00 17.12  ? 47  ASP A CG    1 
ATOM   374  O  OD1   . ASP A 1 47  ? 12.586  10.741  -17.115 1.00 20.34  ? 47  ASP A OD1   1 
ATOM   375  O  OD2   . ASP A 1 47  ? 13.599  12.701  -16.869 1.00 21.18  ? 47  ASP A OD2   1 
ATOM   376  N  N     . LYS A 1 48  ? 14.860  9.926   -12.541 1.00 11.72  ? 48  LYS A N     1 
ATOM   377  C  CA    . LYS A 1 48  ? 15.782  9.451   -11.500 1.00 10.74  ? 48  LYS A CA    1 
ATOM   378  C  C     . LYS A 1 48  ? 15.458  7.979   -11.072 1.00 13.26  ? 48  LYS A C     1 
ATOM   379  O  O     . LYS A 1 48  ? 16.328  7.115   -10.866 1.00 15.54  ? 48  LYS A O     1 
ATOM   380  C  CB    . LYS A 1 48  ? 15.706  10.405  -10.298 1.00 12.19  ? 48  LYS A CB    1 
ATOM   381  C  CG    . LYS A 1 48  ? 16.473  9.952   -9.070  1.00 9.63   ? 48  LYS A CG    1 
ATOM   382  C  CD    . LYS A 1 48  ? 16.770  11.089  -8.139  1.00 17.43  ? 48  LYS A CD    1 
ATOM   383  C  CE    . LYS A 1 48  ? 15.540  11.817  -7.697  1.00 13.09  ? 48  LYS A CE    1 
ATOM   384  N  NZ    . LYS A 1 48  ? 14.904  11.080  -6.626  1.00 13.66  ? 48  LYS A NZ    1 
ATOM   385  N  N     . ALA A 1 49  ? 14.167  7.669   -10.963 1.00 22.55  ? 49  ALA A N     1 
ATOM   386  C  CA    . ALA A 1 49  ? 13.694  6.328   -10.575 1.00 29.71  ? 49  ALA A CA    1 
ATOM   387  C  C     . ALA A 1 49  ? 14.043  5.234   -11.610 1.00 14.82  ? 49  ALA A C     1 
ATOM   388  O  O     . ALA A 1 49  ? 14.435  4.150   -11.239 1.00 12.55  ? 49  ALA A O     1 
ATOM   389  C  CB    . ALA A 1 49  ? 12.174  6.353   -10.280 1.00 12.28  ? 49  ALA A CB    1 
ATOM   390  N  N     . ILE A 1 50  ? 13.827  5.540   -12.900 1.00 12.50  ? 50  ILE A N     1 
ATOM   391  C  CA    . ILE A 1 50  ? 14.017  4.661   -14.045 1.00 18.99  ? 50  ILE A CA    1 
ATOM   392  C  C     . ILE A 1 50  ? 15.440  4.626   -14.545 1.00 22.94  ? 50  ILE A C     1 
ATOM   393  O  O     . ILE A 1 50  ? 15.909  3.644   -15.157 1.00 26.16  ? 50  ILE A O     1 
ATOM   394  C  CB    . ILE A 1 50  ? 13.090  5.097   -15.203 1.00 20.82  ? 50  ILE A CB    1 
ATOM   395  C  CG1   . ILE A 1 50  ? 11.643  5.082   -14.737 1.00 19.33  ? 50  ILE A CG1   1 
ATOM   396  C  CG2   . ILE A 1 50  ? 13.246  4.187   -16.417 1.00 18.74  ? 50  ILE A CG2   1 
ATOM   397  C  CD1   . ILE A 1 50  ? 11.186  3.733   -14.152 1.00 17.10  ? 50  ILE A CD1   1 
ATOM   398  N  N     . GLY A 1 51  ? 16.126  5.723   -14.336 1.00 16.54  ? 51  GLY A N     1 
ATOM   399  C  CA    . GLY A 1 51  ? 17.499  5.799   -14.796 1.00 17.12  ? 51  GLY A CA    1 
ATOM   400  C  C     . GLY A 1 51  ? 17.526  6.131   -16.315 1.00 26.54  ? 51  GLY A C     1 
ATOM   401  O  O     . GLY A 1 51  ? 18.354  5.631   -17.074 1.00 24.63  ? 51  GLY A O     1 
ATOM   402  N  N     . ARG A 1 52  ? 16.587  6.966   -16.762 1.00 31.11  ? 52  ARG A N     1 
ATOM   403  C  CA    . ARG A 1 52  ? 16.513  7.384   -18.163 1.00 13.40  ? 52  ARG A CA    1 
ATOM   404  C  C     . ARG A 1 52  ? 15.519  8.518   -18.294 1.00 30.17  ? 52  ARG A C     1 
ATOM   405  O  O     . ARG A 1 52  ? 14.725  8.795   -17.371 1.00 28.11  ? 52  ARG A O     1 
ATOM   406  C  CB    . ARG A 1 52  ? 16.238  6.244   -19.154 1.00 12.03  ? 52  ARG A CB    1 
ATOM   407  C  CG    . ARG A 1 52  ? 14.785  6.054   -19.546 1.00 21.36  ? 52  ARG A CG    1 
ATOM   408  C  CD    . ARG A 1 52  ? 14.545  4.635   -20.103 1.00 27.28  ? 52  ARG A CD    1 
ATOM   409  N  NE    . ARG A 1 52  ? 13.144  4.220   -20.101 1.00 21.80  ? 52  ARG A NE    1 
ATOM   410  C  CZ    . ARG A 1 52  ? 12.208  4.870   -20.747 1.00 25.88  ? 52  ARG A CZ    1 
ATOM   411  N  NH1   . ARG A 1 52  ? 12.520  5.935   -21.483 1.00 32.88  ? 52  ARG A NH1   1 
ATOM   412  N  NH2   . ARG A 1 52  ? 10.955  4.433   -20.684 1.00 29.72  ? 52  ARG A NH2   1 
ATOM   413  N  N     . ASN A 1 53  ? 15.647  9.181   -19.422 1.00 23.14  ? 53  ASN A N     1 
ATOM   414  C  CA    . ASN A 1 53  ? 14.801  10.283  -19.804 1.00 36.24  ? 53  ASN A CA    1 
ATOM   415  C  C     . ASN A 1 53  ? 13.498  9.674   -20.285 1.00 10.30  ? 53  ASN A C     1 
ATOM   416  O  O     . ASN A 1 53  ? 13.413  9.121   -21.391 1.00 23.14  ? 53  ASN A O     1 
ATOM   417  C  CB    . ASN A 1 53  ? 15.483  11.116  -20.907 1.00 28.37  ? 53  ASN A CB    1 
ATOM   418  C  CG    . ASN A 1 53  ? 15.481  12.583  -20.554 1.00 66.04  ? 53  ASN A CG    1 
ATOM   419  O  OD1   . ASN A 1 53  ? 16.430  13.077  -19.918 1.00 100.00 ? 53  ASN A OD1   1 
ATOM   420  N  ND2   . ASN A 1 53  ? 14.362  13.241  -20.866 1.00 29.23  ? 53  ASN A ND2   1 
ATOM   421  N  N     . THR A 1 54  ? 12.491  9.683   -19.425 1.00 17.10  ? 54  THR A N     1 
ATOM   422  C  CA    . THR A 1 54  ? 11.262  8.994   -19.797 1.00 8.86   ? 54  THR A CA    1 
ATOM   423  C  C     . THR A 1 54  ? 10.254  9.837   -20.532 1.00 15.37  ? 54  THR A C     1 
ATOM   424  O  O     . THR A 1 54  ? 9.381   9.326   -21.206 1.00 36.00  ? 54  THR A O     1 
ATOM   425  C  CB    . THR A 1 54  ? 10.586  8.414   -18.536 1.00 25.96  ? 54  THR A CB    1 
ATOM   426  O  OG1   . THR A 1 54  ? 10.153  9.478   -17.679 1.00 16.33  ? 54  THR A OG1   1 
ATOM   427  C  CG2   . THR A 1 54  ? 11.606  7.557   -17.785 1.00 21.56  ? 54  THR A CG2   1 
ATOM   428  N  N     . ASN A 1 55  ? 10.299  11.121  -20.294 1.00 17.02  ? 55  ASN A N     1 
ATOM   429  C  CA    . ASN A 1 55  ? 9.267   11.929  -20.864 1.00 44.56  ? 55  ASN A CA    1 
ATOM   430  C  C     . ASN A 1 55  ? 7.891   11.598  -20.250 1.00 28.59  ? 55  ASN A C     1 
ATOM   431  O  O     . ASN A 1 55  ? 6.853   11.780  -20.913 1.00 39.87  ? 55  ASN A O     1 
ATOM   432  C  CB    . ASN A 1 55  ? 9.186   11.842  -22.407 1.00 45.46  ? 55  ASN A CB    1 
ATOM   433  C  CG    . ASN A 1 55  ? 8.422   13.016  -23.029 1.00 100.00 ? 55  ASN A CG    1 
ATOM   434  O  OD1   . ASN A 1 55  ? 8.347   14.130  -22.448 1.00 47.56  ? 55  ASN A OD1   1 
ATOM   435  N  ND2   . ASN A 1 55  ? 7.857   12.760  -24.219 1.00 100.00 ? 55  ASN A ND2   1 
ATOM   436  N  N     . GLY A 1 56  ? 7.831   11.149  -18.985 1.00 22.72  ? 56  GLY A N     1 
ATOM   437  C  CA    . GLY A 1 56  ? 6.515   10.883  -18.341 1.00 13.52  ? 56  GLY A CA    1 
ATOM   438  C  C     . GLY A 1 56  ? 5.872   9.564   -18.733 1.00 17.51  ? 56  GLY A C     1 
ATOM   439  O  O     . GLY A 1 56  ? 4.750   9.270   -18.366 1.00 25.22  ? 56  GLY A O     1 
ATOM   440  N  N     . VAL A 1 57  ? 6.590   8.765   -19.492 1.00 16.48  ? 57  VAL A N     1 
ATOM   441  C  CA    . VAL A 1 57  ? 6.072   7.488   -19.925 1.00 14.24  ? 57  VAL A CA    1 
ATOM   442  C  C     . VAL A 1 57  ? 7.051   6.342   -19.642 1.00 20.03  ? 57  VAL A C     1 
ATOM   443  O  O     . VAL A 1 57  ? 8.250   6.510   -19.825 1.00 16.02  ? 57  VAL A O     1 
ATOM   444  C  CB    . VAL A 1 57  ? 5.758   7.532   -21.399 1.00 13.82  ? 57  VAL A CB    1 
ATOM   445  C  CG1   . VAL A 1 57  ? 5.128   6.204   -21.809 1.00 22.80  ? 57  VAL A CG1   1 
ATOM   446  C  CG2   . VAL A 1 57  ? 4.731   8.634   -21.531 1.00 37.14  ? 57  VAL A CG2   1 
ATOM   447  N  N     . ILE A 1 58  ? 6.541   5.171   -19.182 1.00 19.68  ? 58  ILE A N     1 
ATOM   448  C  CA    . ILE A 1 58  ? 7.386   4.017   -18.864 1.00 13.60  ? 58  ILE A CA    1 
ATOM   449  C  C     . ILE A 1 58  ? 6.779   2.807   -19.502 1.00 21.44  ? 58  ILE A C     1 
ATOM   450  O  O     . ILE A 1 58  ? 5.621   2.902   -19.916 1.00 18.78  ? 58  ILE A O     1 
ATOM   451  C  CB    . ILE A 1 58  ? 7.565   3.785   -17.349 1.00 19.70  ? 58  ILE A CB    1 
ATOM   452  C  CG1   . ILE A 1 58  ? 6.241   3.489   -16.642 1.00 16.73  ? 58  ILE A CG1   1 
ATOM   453  C  CG2   . ILE A 1 58  ? 8.295   4.971   -16.718 1.00 15.19  ? 58  ILE A CG2   1 
ATOM   454  C  CD1   . ILE A 1 58  ? 6.446   2.880   -15.241 1.00 12.87  ? 58  ILE A CD1   1 
ATOM   455  N  N     . THR A 1 59  ? 7.544   1.702   -19.571 1.00 12.73  ? 59  THR A N     1 
ATOM   456  C  CA    . THR A 1 59  ? 7.053   0.466   -20.124 1.00 10.06  ? 59  THR A CA    1 
ATOM   457  C  C     . THR A 1 59  ? 6.489   -0.393  -18.989 1.00 16.08  ? 59  THR A C     1 
ATOM   458  O  O     . THR A 1 59  ? 6.763   -0.161  -17.822 1.00 15.44  ? 59  THR A O     1 
ATOM   459  C  CB    . THR A 1 59  ? 8.210   -0.337  -20.783 1.00 20.15  ? 59  THR A CB    1 
ATOM   460  O  OG1   . THR A 1 59  ? 9.140   -0.671  -19.789 1.00 22.92  ? 59  THR A OG1   1 
ATOM   461  C  CG2   . THR A 1 59  ? 8.936   0.431   -21.880 1.00 14.24  ? 59  THR A CG2   1 
ATOM   462  N  N     . LYS A 1 60  ? 5.731   -1.416  -19.350 1.00 18.42  ? 60  LYS A N     1 
ATOM   463  C  CA    . LYS A 1 60  ? 5.147   -2.359  -18.414 1.00 13.24  ? 60  LYS A CA    1 
ATOM   464  C  C     . LYS A 1 60  ? 6.229   -2.998  -17.557 1.00 10.77  ? 60  LYS A C     1 
ATOM   465  O  O     . LYS A 1 60  ? 6.103   -3.213  -16.326 1.00 15.15  ? 60  LYS A O     1 
ATOM   466  C  CB    . LYS A 1 60  ? 4.336   -3.366  -19.206 1.00 14.94  ? 60  LYS A CB    1 
ATOM   467  C  CG    . LYS A 1 60  ? 3.588   -4.348  -18.307 1.00 33.37  ? 60  LYS A CG    1 
ATOM   468  C  CD    . LYS A 1 60  ? 2.215   -4.804  -18.795 1.00 53.31  ? 60  LYS A CD    1 
ATOM   469  C  CE    . LYS A 1 60  ? 1.832   -6.229  -18.364 1.00 65.22  ? 60  LYS A CE    1 
ATOM   470  N  NZ    . LYS A 1 60  ? 0.380   -6.420  -18.160 1.00 100.00 ? 60  LYS A NZ    1 
ATOM   471  N  N     . ASP A 1 61  ? 7.355   -3.277  -18.210 1.00 20.50  ? 61  ASP A N     1 
ATOM   472  C  CA    . ASP A 1 61  ? 8.497   -3.859  -17.510 1.00 25.83  ? 61  ASP A CA    1 
ATOM   473  C  C     . ASP A 1 61  ? 9.044   -2.948  -16.437 1.00 17.63  ? 61  ASP A C     1 
ATOM   474  O  O     . ASP A 1 61  ? 9.409   -3.369  -15.343 1.00 10.48  ? 61  ASP A O     1 
ATOM   475  C  CB    . ASP A 1 61  ? 9.621   -4.205  -18.496 1.00 24.98  ? 61  ASP A CB    1 
ATOM   476  C  CG    . ASP A 1 61  ? 9.602   -5.650  -18.942 1.00 100.00 ? 61  ASP A CG    1 
ATOM   477  O  OD1   . ASP A 1 61  ? 8.447   -6.055  -19.393 1.00 60.02  ? 61  ASP A OD1   1 
ATOM   478  O  OD2   . ASP A 1 61  ? 10.548  -6.403  -18.828 1.00 100.00 ? 61  ASP A OD2   1 
ATOM   479  N  N     . GLU A 1 62  ? 9.194   -1.683  -16.793 1.00 16.49  ? 62  GLU A N     1 
ATOM   480  C  CA    . GLU A 1 62  ? 9.709   -0.724  -15.858 1.00 11.47  ? 62  GLU A CA    1 
ATOM   481  C  C     . GLU A 1 62  ? 8.757   -0.534  -14.690 1.00 14.11  ? 62  GLU A C     1 
ATOM   482  O  O     . GLU A 1 62  ? 9.164   -0.405  -13.542 1.00 15.65  ? 62  GLU A O     1 
ATOM   483  C  CB    . GLU A 1 62  ? 9.934   0.578   -16.586 1.00 14.26  ? 62  GLU A CB    1 
ATOM   484  C  CG    . GLU A 1 62  ? 11.058  0.443   -17.623 1.00 13.51  ? 62  GLU A CG    1 
ATOM   485  C  CD    . GLU A 1 62  ? 11.215  1.682   -18.477 1.00 19.88  ? 62  GLU A CD    1 
ATOM   486  O  OE1   . GLU A 1 62  ? 10.285  2.349   -18.867 1.00 13.97  ? 62  GLU A OE1   1 
ATOM   487  O  OE2   . GLU A 1 62  ? 12.449  1.975   -18.737 1.00 19.41  ? 62  GLU A OE2   1 
ATOM   488  N  N     . ALA A 1 63  ? 7.450   -0.518  -15.015 1.00 9.87   ? 63  ALA A N     1 
ATOM   489  C  CA    . ALA A 1 63  ? 6.409   -0.449  -14.020 1.00 13.18  ? 63  ALA A CA    1 
ATOM   490  C  C     . ALA A 1 63  ? 6.573   -1.635  -13.080 1.00 9.46   ? 63  ALA A C     1 
ATOM   491  O  O     . ALA A 1 63  ? 6.499   -1.499  -11.857 1.00 11.99  ? 63  ALA A O     1 
ATOM   492  C  CB    . ALA A 1 63  ? 5.033   -0.508  -14.686 1.00 9.74   ? 63  ALA A CB    1 
ATOM   493  N  N     . GLU A 1 64  ? 6.735   -2.829  -13.641 1.00 10.42  ? 64  GLU A N     1 
ATOM   494  C  CA    . GLU A 1 64  ? 6.885   -3.979  -12.785 1.00 10.77  ? 64  GLU A CA    1 
ATOM   495  C  C     . GLU A 1 64  ? 8.119   -3.960  -11.935 1.00 9.86   ? 64  GLU A C     1 
ATOM   496  O  O     . GLU A 1 64  ? 8.119   -4.532  -10.826 1.00 12.24  ? 64  GLU A O     1 
ATOM   497  C  CB    . GLU A 1 64  ? 6.694   -5.297  -13.514 1.00 12.02  ? 64  GLU A CB    1 
ATOM   498  C  CG    . GLU A 1 64  ? 5.204   -5.417  -13.891 1.00 19.32  ? 64  GLU A CG    1 
ATOM   499  C  CD    . GLU A 1 64  ? 4.956   -6.523  -14.860 1.00 28.32  ? 64  GLU A CD    1 
ATOM   500  O  OE1   . GLU A 1 64  ? 5.883   -7.116  -15.428 1.00 36.03  ? 64  GLU A OE1   1 
ATOM   501  O  OE2   . GLU A 1 64  ? 3.666   -6.769  -15.023 1.00 38.34  ? 64  GLU A OE2   1 
ATOM   502  N  N     . LYS A 1 65  ? 9.151   -3.297  -12.440 1.00 12.75  ? 65  LYS A N     1 
ATOM   503  C  CA    . LYS A 1 65  ? 10.391  -3.201  -11.688 1.00 16.56  ? 65  LYS A CA    1 
ATOM   504  C  C     . LYS A 1 65  ? 10.187  -2.322  -10.471 1.00 12.92  ? 65  LYS A C     1 
ATOM   505  O  O     . LYS A 1 65  ? 10.528  -2.731  -9.362  1.00 14.03  ? 65  LYS A O     1 
ATOM   506  C  CB    . LYS A 1 65  ? 11.582  -2.755  -12.516 1.00 20.76  ? 65  LYS A CB    1 
ATOM   507  C  CG    . LYS A 1 65  ? 12.889  -2.821  -11.724 1.00 25.07  ? 65  LYS A CG    1 
ATOM   508  C  CD    . LYS A 1 65  ? 14.137  -2.977  -12.595 1.00 100.00 ? 65  LYS A CD    1 
ATOM   509  C  CE    . LYS A 1 65  ? 15.364  -3.482  -11.843 1.00 62.01  ? 65  LYS A CE    1 
ATOM   510  N  NZ    . LYS A 1 65  ? 16.573  -2.734  -12.202 1.00 98.00  ? 65  LYS A NZ    1 
ATOM   511  N  N     . LEU A 1 66  ? 9.529   -1.181  -10.644 1.00 13.45  ? 66  LEU A N     1 
ATOM   512  C  CA    . LEU A 1 66  ? 9.220   -0.308  -9.511  1.00 6.20   ? 66  LEU A CA    1 
ATOM   513  C  C     . LEU A 1 66  ? 8.384   -1.044  -8.481  1.00 12.81  ? 66  LEU A C     1 
ATOM   514  O  O     . LEU A 1 66  ? 8.608   -0.947  -7.266  1.00 8.62   ? 66  LEU A O     1 
ATOM   515  C  CB    . LEU A 1 66  ? 8.429   0.939   -9.942  1.00 10.86  ? 66  LEU A CB    1 
ATOM   516  C  CG    . LEU A 1 66  ? 9.278   1.776   -10.881 1.00 13.43  ? 66  LEU A CG    1 
ATOM   517  C  CD1   . LEU A 1 66  ? 8.450   2.967   -11.349 1.00 16.86  ? 66  LEU A CD1   1 
ATOM   518  C  CD2   . LEU A 1 66  ? 10.508  2.277   -10.113 1.00 12.06  ? 66  LEU A CD2   1 
ATOM   519  N  N     . PHE A 1 67  ? 7.435   -1.806  -8.973  1.00 5.94   ? 67  PHE A N     1 
ATOM   520  C  CA    . PHE A 1 67  ? 6.544   -2.543  -8.097  1.00 3.98   ? 67  PHE A CA    1 
ATOM   521  C  C     . PHE A 1 67  ? 7.277   -3.511  -7.254  1.00 6.75   ? 67  PHE A C     1 
ATOM   522  O  O     . PHE A 1 67  ? 7.098   -3.557  -6.048  1.00 11.57  ? 67  PHE A O     1 
ATOM   523  C  CB    . PHE A 1 67  ? 5.488   -3.249  -8.939  1.00 14.13  ? 67  PHE A CB    1 
ATOM   524  C  CG    . PHE A 1 67  ? 4.333   -3.927  -8.201  1.00 16.38  ? 67  PHE A CG    1 
ATOM   525  C  CD1   . PHE A 1 67  ? 3.734   -3.339  -7.078  1.00 13.71  ? 67  PHE A CD1   1 
ATOM   526  C  CD2   . PHE A 1 67  ? 3.762   -5.094  -8.728  1.00 15.02  ? 67  PHE A CD2   1 
ATOM   527  C  CE1   . PHE A 1 67  ? 2.611   -3.907  -6.472  1.00 11.23  ? 67  PHE A CE1   1 
ATOM   528  C  CE2   . PHE A 1 67  ? 2.640   -5.688  -8.155  1.00 14.85  ? 67  PHE A CE2   1 
ATOM   529  C  CZ    . PHE A 1 67  ? 2.084   -5.080  -7.024  1.00 13.47  ? 67  PHE A CZ    1 
ATOM   530  N  N     . ASN A 1 68  ? 8.127   -4.303  -7.851  1.00 15.19  ? 68  ASN A N     1 
ATOM   531  C  CA    . ASN A 1 68  ? 8.950   -5.234  -7.063  1.00 10.71  ? 68  ASN A CA    1 
ATOM   532  C  C     . ASN A 1 68  ? 9.779   -4.529  -5.970  1.00 7.22   ? 68  ASN A C     1 
ATOM   533  O  O     . ASN A 1 68  ? 9.918   -4.987  -4.826  1.00 12.84  ? 68  ASN A O     1 
ATOM   534  C  CB    . ASN A 1 68  ? 9.882   -6.037  -8.010  1.00 12.26  ? 68  ASN A CB    1 
ATOM   535  C  CG    . ASN A 1 68  ? 9.128   -7.114  -8.786  1.00 32.06  ? 68  ASN A CG    1 
ATOM   536  O  OD1   . ASN A 1 68  ? 8.345   -7.824  -8.177  1.00 26.78  ? 68  ASN A OD1   1 
ATOM   537  N  ND2   . ASN A 1 68  ? 9.299   -7.206  -10.121 1.00 21.10  ? 68  ASN A ND2   1 
ATOM   538  N  N     . GLN A 1 69  ? 10.394  -3.405  -6.300  1.00 12.92  ? 69  GLN A N     1 
ATOM   539  C  CA    . GLN A 1 69  ? 11.173  -2.695  -5.283  1.00 6.97   ? 69  GLN A CA    1 
ATOM   540  C  C     . GLN A 1 69  ? 10.265  -2.157  -4.221  1.00 5.53   ? 69  GLN A C     1 
ATOM   541  O  O     . GLN A 1 69  ? 10.630  -2.055  -3.089  1.00 11.14  ? 69  GLN A O     1 
ATOM   542  C  CB    . GLN A 1 69  ? 11.889  -1.473  -5.919  1.00 7.93   ? 69  GLN A CB    1 
ATOM   543  C  CG    . GLN A 1 69  ? 12.678  -1.910  -7.148  1.00 17.41  ? 69  GLN A CG    1 
ATOM   544  C  CD    . GLN A 1 69  ? 13.385  -0.791  -7.846  1.00 23.59  ? 69  GLN A CD    1 
ATOM   545  O  OE1   . GLN A 1 69  ? 14.372  -1.054  -8.526  1.00 15.07  ? 69  GLN A OE1   1 
ATOM   546  N  NE2   . GLN A 1 69  ? 12.872  0.431   -7.682  1.00 14.92  ? 69  GLN A NE2   1 
ATOM   547  N  N     . ASP A 1 70  ? 9.075   -1.703  -4.613  1.00 8.94   ? 70  ASP A N     1 
ATOM   548  C  CA    . ASP A 1 70  ? 8.217   -1.103  -3.632  1.00 12.40  ? 70  ASP A CA    1 
ATOM   549  C  C     . ASP A 1 70  ? 7.667   -2.138  -2.635  1.00 16.59  ? 70  ASP A C     1 
ATOM   550  O  O     . ASP A 1 70  ? 7.470   -1.854  -1.487  1.00 11.01  ? 70  ASP A O     1 
ATOM   551  C  CB    . ASP A 1 70  ? 7.083   -0.301  -4.325  1.00 7.41   ? 70  ASP A CB    1 
ATOM   552  C  CG    . ASP A 1 70  ? 7.498   0.996   -4.945  1.00 15.63  ? 70  ASP A CG    1 
ATOM   553  O  OD1   . ASP A 1 70  ? 8.530   1.584   -4.677  1.00 11.84  ? 70  ASP A OD1   1 
ATOM   554  O  OD2   . ASP A 1 70  ? 6.599   1.441   -5.786  1.00 13.67  ? 70  ASP A OD2   1 
ATOM   555  N  N     . VAL A 1 71  ? 7.366   -3.330  -3.080  1.00 6.15   ? 71  VAL A N     1 
ATOM   556  C  CA    . VAL A 1 71  ? 6.859   -4.365  -2.201  1.00 6.66   ? 71  VAL A CA    1 
ATOM   557  C  C     . VAL A 1 71  ? 7.914   -4.781  -1.226  1.00 16.73  ? 71  VAL A C     1 
ATOM   558  O  O     . VAL A 1 71  ? 7.760   -4.779  0.004   1.00 15.68  ? 71  VAL A O     1 
ATOM   559  C  CB    . VAL A 1 71  ? 6.359   -5.550  -3.044  1.00 9.68   ? 71  VAL A CB    1 
ATOM   560  C  CG1   . VAL A 1 71  ? 6.065   -6.740  -2.147  1.00 10.81  ? 71  VAL A CG1   1 
ATOM   561  C  CG2   . VAL A 1 71  ? 5.063   -5.178  -3.754  1.00 7.56   ? 71  VAL A CG2   1 
ATOM   562  N  N     . ASP A 1 72  ? 9.049   -5.060  -1.786  1.00 11.14  ? 72  ASP A N     1 
ATOM   563  C  CA    . ASP A 1 72  ? 10.144  -5.406  -0.950  1.00 15.02  ? 72  ASP A CA    1 
ATOM   564  C  C     . ASP A 1 72  ? 10.459  -4.336  0.105   1.00 13.08  ? 72  ASP A C     1 
ATOM   565  O  O     . ASP A 1 72  ? 10.631  -4.582  1.297   1.00 15.10  ? 72  ASP A O     1 
ATOM   566  C  CB    . ASP A 1 72  ? 11.317  -5.546  -1.904  1.00 15.69  ? 72  ASP A CB    1 
ATOM   567  C  CG    . ASP A 1 72  ? 12.486  -6.249  -1.284  1.00 25.10  ? 72  ASP A CG    1 
ATOM   568  O  OD1   . ASP A 1 72  ? 12.160  -7.194  -0.446  1.00 96.19  ? 72  ASP A OD1   1 
ATOM   569  O  OD2   . ASP A 1 72  ? 13.592  -6.001  -1.607  1.00 21.89  ? 72  ASP A OD2   1 
ATOM   570  N  N     . ALA A 1 73  ? 10.517  -3.104  -0.332  1.00 15.46  ? 73  ALA A N     1 
ATOM   571  C  CA    . ALA A 1 73  ? 10.835  -2.039  0.591   1.00 15.13  ? 73  ALA A CA    1 
ATOM   572  C  C     . ALA A 1 73  ? 9.771   -1.967  1.691   1.00 23.11  ? 73  ALA A C     1 
ATOM   573  O  O     . ALA A 1 73  ? 10.008  -1.623  2.843   1.00 20.61  ? 73  ALA A O     1 
ATOM   574  C  CB    . ALA A 1 73  ? 10.857  -0.703  -0.153  1.00 13.34  ? 73  ALA A CB    1 
ATOM   575  N  N     . ALA A 1 74  ? 8.543   -2.247  1.312   1.00 22.77  ? 74  ALA A N     1 
ATOM   576  C  CA    . ALA A 1 74  ? 7.450   -2.186  2.271   1.00 15.73  ? 74  ALA A CA    1 
ATOM   577  C  C     . ALA A 1 74  ? 7.649   -3.203  3.394   1.00 17.24  ? 74  ALA A C     1 
ATOM   578  O  O     . ALA A 1 74  ? 7.543   -2.862  4.565   1.00 16.31  ? 74  ALA A O     1 
ATOM   579  C  CB    . ALA A 1 74  ? 6.104   -2.393  1.582   1.00 22.24  ? 74  ALA A CB    1 
ATOM   580  N  N     . VAL A 1 75  ? 7.880   -4.454  2.986   1.00 11.38  ? 75  VAL A N     1 
ATOM   581  C  CA    . VAL A 1 75  ? 8.110   -5.516  3.899   1.00 33.26  ? 75  VAL A CA    1 
ATOM   582  C  C     . VAL A 1 75  ? 9.249   -5.118  4.812   1.00 30.72  ? 75  VAL A C     1 
ATOM   583  O  O     . VAL A 1 75  ? 9.150   -5.228  6.052   1.00 22.97  ? 75  VAL A O     1 
ATOM   584  C  CB    . VAL A 1 75  ? 8.438   -6.843  3.174   1.00 13.28  ? 75  VAL A CB    1 
ATOM   585  C  CG1   . VAL A 1 75  ? 8.721   -7.975  4.197   1.00 17.55  ? 75  VAL A CG1   1 
ATOM   586  C  CG2   . VAL A 1 75  ? 7.218   -7.245  2.356   1.00 16.34  ? 75  VAL A CG2   1 
ATOM   587  N  N     . ARG A 1 76  ? 10.345  -4.693  4.189   1.00 14.44  ? 76  ARG A N     1 
ATOM   588  C  CA    . ARG A 1 76  ? 11.506  -4.348  4.973   1.00 23.58  ? 76  ARG A CA    1 
ATOM   589  C  C     . ARG A 1 76  ? 11.239  -3.221  5.952   1.00 23.60  ? 76  ARG A C     1 
ATOM   590  O  O     . ARG A 1 76  ? 11.642  -3.282  7.110   1.00 29.54  ? 76  ARG A O     1 
ATOM   591  C  CB    . ARG A 1 76  ? 12.788  -4.227  4.181   1.00 15.69  ? 76  ARG A CB    1 
ATOM   592  C  CG    . ARG A 1 76  ? 13.463  -5.586  3.997   1.00 56.33  ? 76  ARG A CG    1 
ATOM   593  C  CD    . ARG A 1 76  ? 14.458  -5.635  2.827   1.00 43.32  ? 76  ARG A CD    1 
ATOM   594  N  NE    . ARG A 1 76  ? 13.886  -5.052  1.601   1.00 100.00 ? 76  ARG A NE    1 
ATOM   595  C  CZ    . ARG A 1 76  ? 14.230  -3.879  1.011   1.00 100.00 ? 76  ARG A CZ    1 
ATOM   596  N  NH1   . ARG A 1 76  ? 15.194  -3.102  1.485   1.00 100.00 ? 76  ARG A NH1   1 
ATOM   597  N  NH2   . ARG A 1 76  ? 13.576  -3.493  -0.095  1.00 100.00 ? 76  ARG A NH2   1 
ATOM   598  N  N     . GLY A 1 77  ? 10.505  -2.219  5.532   1.00 10.17  ? 77  GLY A N     1 
ATOM   599  C  CA    . GLY A 1 77  ? 10.130  -1.173  6.443   1.00 15.39  ? 77  GLY A CA    1 
ATOM   600  C  C     . GLY A 1 77  ? 9.378   -1.705  7.662   1.00 29.97  ? 77  GLY A C     1 
ATOM   601  O  O     . GLY A 1 77  ? 9.593   -1.302  8.778   1.00 25.71  ? 77  GLY A O     1 
ATOM   602  N  N     . ILE A 1 78  ? 8.440   -2.596  7.444   1.00 16.36  ? 78  ILE A N     1 
ATOM   603  C  CA    . ILE A 1 78  ? 7.701   -3.181  8.527   1.00 22.36  ? 78  ILE A CA    1 
ATOM   604  C  C     . ILE A 1 78  ? 8.669   -3.902  9.489   1.00 21.48  ? 78  ILE A C     1 
ATOM   605  O  O     . ILE A 1 78  ? 8.638   -3.751  10.719  1.00 21.52  ? 78  ILE A O     1 
ATOM   606  C  CB    . ILE A 1 78  ? 6.649   -4.191  7.998   1.00 8.92   ? 78  ILE A CB    1 
ATOM   607  C  CG1   . ILE A 1 78  ? 5.403   -3.505  7.392   1.00 10.97  ? 78  ILE A CG1   1 
ATOM   608  C  CG2   . ILE A 1 78  ? 6.241   -5.086  9.166   1.00 13.77  ? 78  ILE A CG2   1 
ATOM   609  C  CD1   . ILE A 1 78  ? 4.501   -4.480  6.596   1.00 12.35  ? 78  ILE A CD1   1 
ATOM   610  N  N     . LEU A 1 79  ? 9.537   -4.721  8.916   1.00 11.45  ? 79  LEU A N     1 
ATOM   611  C  CA    . LEU A 1 79  ? 10.455  -5.541  9.725   1.00 14.48  ? 79  LEU A CA    1 
ATOM   612  C  C     . LEU A 1 79  ? 11.427  -4.757  10.543  1.00 26.70  ? 79  LEU A C     1 
ATOM   613  O  O     . LEU A 1 79  ? 11.966  -5.281  11.515  1.00 41.22  ? 79  LEU A O     1 
ATOM   614  C  CB    . LEU A 1 79  ? 11.224  -6.561  8.866   1.00 12.74  ? 79  LEU A CB    1 
ATOM   615  C  CG    . LEU A 1 79  ? 10.283  -7.596  8.231   1.00 22.05  ? 79  LEU A CG    1 
ATOM   616  C  CD1   . LEU A 1 79  ? 11.079  -8.557  7.361   1.00 21.80  ? 79  LEU A CD1   1 
ATOM   617  C  CD2   . LEU A 1 79  ? 9.536   -8.408  9.268   1.00 19.67  ? 79  LEU A CD2   1 
ATOM   618  N  N     . ARG A 1 80  ? 11.691  -3.508  10.103  1.00 21.13  ? 80  ARG A N     1 
ATOM   619  C  CA    . ARG A 1 80  ? 12.619  -2.596  10.770  1.00 39.27  ? 80  ARG A CA    1 
ATOM   620  C  C     . ARG A 1 80  ? 11.873  -1.709  11.757  1.00 25.36  ? 80  ARG A C     1 
ATOM   621  O  O     . ARG A 1 80  ? 12.482  -0.938  12.467  1.00 28.41  ? 80  ARG A O     1 
ATOM   622  C  CB    . ARG A 1 80  ? 13.316  -1.642  9.803   1.00 25.55  ? 80  ARG A CB    1 
ATOM   623  C  CG    . ARG A 1 80  ? 14.353  -2.203  8.837   1.00 100.00 ? 80  ARG A CG    1 
ATOM   624  C  CD    . ARG A 1 80  ? 15.163  -1.069  8.173   1.00 100.00 ? 80  ARG A CD    1 
ATOM   625  N  NE    . ARG A 1 80  ? 14.777  -0.733  6.790   1.00 100.00 ? 80  ARG A NE    1 
ATOM   626  C  CZ    . ARG A 1 80  ? 13.934  0.265   6.396   1.00 100.00 ? 80  ARG A CZ    1 
ATOM   627  N  NH1   . ARG A 1 80  ? 13.314  1.104   7.246   1.00 100.00 ? 80  ARG A NH1   1 
ATOM   628  N  NH2   . ARG A 1 80  ? 13.701  0.410   5.098   1.00 100.00 ? 80  ARG A NH2   1 
ATOM   629  N  N     . ASN A 1 81  ? 10.552  -1.738  11.725  1.00 27.27  ? 81  ASN A N     1 
ATOM   630  C  CA    . ASN A 1 81  ? 9.793   -0.937  12.637  1.00 18.00  ? 81  ASN A CA    1 
ATOM   631  C  C     . ASN A 1 81  ? 9.500   -1.723  13.925  1.00 49.95  ? 81  ASN A C     1 
ATOM   632  O  O     . ASN A 1 81  ? 9.034   -2.888  13.971  1.00 23.33  ? 81  ASN A O     1 
ATOM   633  C  CB    . ASN A 1 81  ? 8.505   -0.432  11.977  1.00 39.80  ? 81  ASN A CB    1 
ATOM   634  C  CG    . ASN A 1 81  ? 7.928   0.758   12.709  1.00 27.09  ? 81  ASN A CG    1 
ATOM   635  O  OD1   . ASN A 1 81  ? 7.796   0.776   13.944  1.00 25.23  ? 81  ASN A OD1   1 
ATOM   636  N  ND2   . ASN A 1 81  ? 7.614   1.790   11.957  1.00 33.34  ? 81  ASN A ND2   1 
ATOM   637  N  N     . ALA A 1 82  ? 9.818   -1.067  15.007  1.00 30.81  ? 82  ALA A N     1 
ATOM   638  C  CA    . ALA A 1 82  ? 9.637   -1.687  16.305  1.00 21.94  ? 82  ALA A CA    1 
ATOM   639  C  C     . ALA A 1 82  ? 8.189   -1.770  16.750  1.00 46.16  ? 82  ALA A C     1 
ATOM   640  O  O     . ALA A 1 82  ? 7.874   -2.646  17.542  1.00 27.93  ? 82  ALA A O     1 
ATOM   641  C  CB    . ALA A 1 82  ? 10.534  -1.056  17.366  1.00 18.14  ? 82  ALA A CB    1 
ATOM   642  N  N     . LYS A 1 83  ? 7.363   -0.833  16.274  1.00 20.54  ? 83  LYS A N     1 
ATOM   643  C  CA    . LYS A 1 83  ? 5.954   -0.796  16.540  1.00 32.78  ? 83  LYS A CA    1 
ATOM   644  C  C     . LYS A 1 83  ? 5.282   -1.844  15.692  1.00 31.21  ? 83  LYS A C     1 
ATOM   645  O  O     . LYS A 1 83  ? 4.248   -2.404  16.060  1.00 39.11  ? 83  LYS A O     1 
ATOM   646  C  CB    . LYS A 1 83  ? 5.399   0.533   16.045  1.00 29.07  ? 83  LYS A CB    1 
ATOM   647  C  CG    . LYS A 1 83  ? 5.088   1.544   17.129  1.00 69.67  ? 83  LYS A CG    1 
ATOM   648  C  CD    . LYS A 1 83  ? 6.341   2.097   17.795  1.00 100.00 ? 83  LYS A CD    1 
ATOM   649  C  CE    . LYS A 1 83  ? 6.051   3.213   18.807  1.00 100.00 ? 83  LYS A CE    1 
ATOM   650  N  NZ    . LYS A 1 83  ? 6.023   2.756   20.217  1.00 100.00 ? 83  LYS A NZ    1 
ATOM   651  N  N     . LEU A 1 84  ? 5.865   -2.066  14.514  1.00 24.20  ? 84  LEU A N     1 
ATOM   652  C  CA    . LEU A 1 84  ? 5.232   -2.930  13.539  1.00 14.68  ? 84  LEU A CA    1 
ATOM   653  C  C     . LEU A 1 84  ? 5.589   -4.354  13.533  1.00 15.43  ? 84  LEU A C     1 
ATOM   654  O  O     . LEU A 1 84  ? 4.732   -5.184  13.430  1.00 13.80  ? 84  LEU A O     1 
ATOM   655  C  CB    . LEU A 1 84  ? 5.353   -2.374  12.100  1.00 16.15  ? 84  LEU A CB    1 
ATOM   656  C  CG    . LEU A 1 84  ? 4.799   -0.961  12.002  1.00 28.78  ? 84  LEU A CG    1 
ATOM   657  C  CD1   . LEU A 1 84  ? 5.108   -0.378  10.640  1.00 26.20  ? 84  LEU A CD1   1 
ATOM   658  C  CD2   . LEU A 1 84  ? 3.293   -0.968  12.172  1.00 18.77  ? 84  LEU A CD2   1 
ATOM   659  N  N     . LYS A 1 85  ? 6.847   -4.610  13.554  1.00 12.02  ? 85  LYS A N     1 
ATOM   660  C  CA    . LYS A 1 85  ? 7.330   -5.927  13.451  1.00 12.13  ? 85  LYS A CA    1 
ATOM   661  C  C     . LYS A 1 85  ? 6.625   -6.951  14.326  1.00 10.04  ? 85  LYS A C     1 
ATOM   662  O  O     . LYS A 1 85  ? 6.227   -8.003  13.913  1.00 15.94  ? 85  LYS A O     1 
ATOM   663  C  CB    . LYS A 1 85  ? 8.799   -5.876  13.789  1.00 22.17  ? 85  LYS A CB    1 
ATOM   664  C  CG    . LYS A 1 85  ? 9.415   -7.201  13.450  1.00 24.43  ? 85  LYS A CG    1 
ATOM   665  C  CD    . LYS A 1 85  ? 10.905  -7.272  13.673  1.00 25.01  ? 85  LYS A CD    1 
ATOM   666  C  CE    . LYS A 1 85  ? 11.435  -8.712  13.557  1.00 27.59  ? 85  LYS A CE    1 
ATOM   667  N  NZ    . LYS A 1 85  ? 11.355  -9.477  14.814  1.00 100.00 ? 85  LYS A NZ    1 
ATOM   668  N  N     . PRO A 1 86  ? 6.491   -6.638  15.580  1.00 19.08  ? 86  PRO A N     1 
ATOM   669  C  CA    . PRO A 1 86  ? 5.902   -7.575  16.466  1.00 33.34  ? 86  PRO A CA    1 
ATOM   670  C  C     . PRO A 1 86  ? 4.446   -7.885  16.113  1.00 16.92  ? 86  PRO A C     1 
ATOM   671  O  O     . PRO A 1 86  ? 3.998   -9.003  16.282  1.00 8.67   ? 86  PRO A O     1 
ATOM   672  C  CB    . PRO A 1 86  ? 6.059   -7.005  17.865  1.00 12.06  ? 86  PRO A CB    1 
ATOM   673  C  CG    . PRO A 1 86  ? 6.644   -5.608  17.732  1.00 25.17  ? 86  PRO A CG    1 
ATOM   674  C  CD    . PRO A 1 86  ? 6.703   -5.320  16.252  1.00 24.85  ? 86  PRO A CD    1 
ATOM   675  N  N     . VAL A 1 87  ? 3.716   -6.964  15.546  1.00 8.88   ? 87  VAL A N     1 
ATOM   676  C  CA    . VAL A 1 87  ? 2.377   -7.309  15.139  1.00 14.88  ? 87  VAL A CA    1 
ATOM   677  C  C     . VAL A 1 87  ? 2.400   -8.190  13.924  1.00 10.88  ? 87  VAL A C     1 
ATOM   678  O  O     . VAL A 1 87  ? 1.653   -9.149  13.763  1.00 10.76  ? 87  VAL A O     1 
ATOM   679  C  CB    . VAL A 1 87  ? 1.489   -6.062  14.900  1.00 24.50  ? 87  VAL A CB    1 
ATOM   680  C  CG1   . VAL A 1 87  ? 0.055   -6.503  14.545  1.00 9.14   ? 87  VAL A CG1   1 
ATOM   681  C  CG2   . VAL A 1 87  ? 1.496   -5.161  16.142  1.00 18.53  ? 87  VAL A CG2   1 
ATOM   682  N  N     . TYR A 1 88  ? 3.252   -7.813  13.033  1.00 11.21  ? 88  TYR A N     1 
ATOM   683  C  CA    . TYR A 1 88  ? 3.357   -8.489  11.769  1.00 8.96   ? 88  TYR A CA    1 
ATOM   684  C  C     . TYR A 1 88  ? 3.796   -9.907  11.968  1.00 14.04  ? 88  TYR A C     1 
ATOM   685  O  O     . TYR A 1 88  ? 3.312   -10.842 11.331  1.00 13.88  ? 88  TYR A O     1 
ATOM   686  C  CB    . TYR A 1 88  ? 4.376   -7.670  10.935  1.00 16.13  ? 88  TYR A CB    1 
ATOM   687  C  CG    . TYR A 1 88  ? 4.630   -8.280  9.599   1.00 18.58  ? 88  TYR A CG    1 
ATOM   688  C  CD1   . TYR A 1 88  ? 3.820   -7.942  8.512   1.00 11.17  ? 88  TYR A CD1   1 
ATOM   689  C  CD2   . TYR A 1 88  ? 5.655   -9.208  9.419   1.00 15.81  ? 88  TYR A CD2   1 
ATOM   690  C  CE1   . TYR A 1 88  ? 4.004   -8.504  7.249   1.00 15.36  ? 88  TYR A CE1   1 
ATOM   691  C  CE2   . TYR A 1 88  ? 5.839   -9.795  8.166   1.00 17.99  ? 88  TYR A CE2   1 
ATOM   692  C  CZ    . TYR A 1 88  ? 5.039   -9.420  7.079   1.00 19.09  ? 88  TYR A CZ    1 
ATOM   693  O  OH    . TYR A 1 88  ? 5.256   -10.000 5.864   1.00 21.36  ? 88  TYR A OH    1 
ATOM   694  N  N     . ASP A 1 89  ? 4.697   -10.083 12.887  1.00 12.58  ? 89  ASP A N     1 
ATOM   695  C  CA    . ASP A 1 89  ? 5.190   -11.432 13.200  1.00 8.32   ? 89  ASP A CA    1 
ATOM   696  C  C     . ASP A 1 89  ? 4.146   -12.314 13.803  1.00 13.06  ? 89  ASP A C     1 
ATOM   697  O  O     . ASP A 1 89  ? 4.168   -13.540 13.669  1.00 12.22  ? 89  ASP A O     1 
ATOM   698  C  CB    . ASP A 1 89  ? 6.321   -11.358 14.200  1.00 15.19  ? 89  ASP A CB    1 
ATOM   699  C  CG    . ASP A 1 89  ? 7.632   -11.106 13.497  1.00 18.77  ? 89  ASP A CG    1 
ATOM   700  O  OD1   . ASP A 1 89  ? 7.537   -11.078 12.192  1.00 21.80  ? 89  ASP A OD1   1 
ATOM   701  O  OD2   . ASP A 1 89  ? 8.644   -10.925 14.116  1.00 24.00  ? 89  ASP A OD2   1 
ATOM   702  N  N     . SER A 1 90  ? 3.180   -11.700 14.459  1.00 15.30  ? 90  SER A N     1 
ATOM   703  C  CA    . SER A 1 90  ? 2.098   -12.438 15.092  1.00 8.90   ? 90  SER A CA    1 
ATOM   704  C  C     . SER A 1 90  ? 1.063   -12.943 14.110  1.00 5.50   ? 90  SER A C     1 
ATOM   705  O  O     . SER A 1 90  ? 0.286   -13.868 14.399  1.00 13.15  ? 90  SER A O     1 
ATOM   706  C  CB    . SER A 1 90  ? 1.489   -11.548 16.169  1.00 9.59   ? 90  SER A CB    1 
ATOM   707  O  OG    . SER A 1 90  ? 0.512   -10.714 15.585  1.00 11.91  ? 90  SER A OG    1 
ATOM   708  N  N     . LEU A 1 91  ? 1.013   -12.318 12.922  1.00 6.43   ? 91  LEU A N     1 
ATOM   709  C  CA    . LEU A 1 91  ? -0.014  -12.708 11.954  1.00 9.94   ? 91  LEU A CA    1 
ATOM   710  C  C     . LEU A 1 91  ? 0.264   -13.935 11.082  1.00 19.22  ? 91  LEU A C     1 
ATOM   711  O  O     . LEU A 1 91  ? 1.412   -14.313 10.840  1.00 14.16  ? 91  LEU A O     1 
ATOM   712  C  CB    . LEU A 1 91  ? -0.297  -11.536 10.998  1.00 7.94   ? 91  LEU A CB    1 
ATOM   713  C  CG    . LEU A 1 91  ? -0.672  -10.181 11.661  1.00 11.64  ? 91  LEU A CG    1 
ATOM   714  C  CD1   . LEU A 1 91  ? -0.656  -9.100  10.587  1.00 8.88   ? 91  LEU A CD1   1 
ATOM   715  C  CD2   . LEU A 1 91  ? -2.095  -10.265 12.207  1.00 20.16  ? 91  LEU A CD2   1 
ATOM   716  N  N     . ASP A 1 92  ? -0.827  -14.522 10.577  1.00 6.66   ? 92  ASP A N     1 
ATOM   717  C  CA    . ASP A 1 92  ? -0.780  -15.559 9.557   1.00 6.07   ? 92  ASP A CA    1 
ATOM   718  C  C     . ASP A 1 92  ? -0.409  -14.899 8.177   1.00 10.73  ? 92  ASP A C     1 
ATOM   719  O  O     . ASP A 1 92  ? -0.407  -13.659 8.011   1.00 16.18  ? 92  ASP A O     1 
ATOM   720  C  CB    . ASP A 1 92  ? -2.082  -16.331 9.412   1.00 12.52  ? 92  ASP A CB    1 
ATOM   721  C  CG    . ASP A 1 92  ? -3.171  -15.380 9.016   1.00 14.48  ? 92  ASP A CG    1 
ATOM   722  O  OD1   . ASP A 1 92  ? -3.649  -14.722 10.066  1.00 15.08  ? 92  ASP A OD1   1 
ATOM   723  O  OD2   . ASP A 1 92  ? -3.541  -15.252 7.862   1.00 11.69  ? 92  ASP A OD2   1 
ATOM   724  N  N     . ALA A 1 93  ? -0.100  -15.707 7.176   1.00 14.07  ? 93  ALA A N     1 
ATOM   725  C  CA    . ALA A 1 93  ? 0.366   -15.222 5.885   1.00 10.07  ? 93  ALA A CA    1 
ATOM   726  C  C     . ALA A 1 93  ? -0.622  -14.326 5.121   1.00 10.84  ? 93  ALA A C     1 
ATOM   727  O  O     . ALA A 1 93  ? -0.229  -13.305 4.545   1.00 11.60  ? 93  ALA A O     1 
ATOM   728  C  CB    . ALA A 1 93  ? 0.930   -16.406 5.107   1.00 9.35   ? 93  ALA A CB    1 
ATOM   729  N  N     . VAL A 1 94  ? -1.911  -14.677 5.161   1.00 11.64  ? 94  VAL A N     1 
ATOM   730  C  CA    . VAL A 1 94  ? -2.894  -13.873 4.482   1.00 9.13   ? 94  VAL A CA    1 
ATOM   731  C  C     . VAL A 1 94  ? -3.009  -12.515 5.155   1.00 9.95   ? 94  VAL A C     1 
ATOM   732  O  O     . VAL A 1 94  ? -3.008  -11.460 4.521   1.00 10.64  ? 94  VAL A O     1 
ATOM   733  C  CB    . VAL A 1 94  ? -4.207  -14.592 4.463   1.00 10.23  ? 94  VAL A CB    1 
ATOM   734  C  CG1   . VAL A 1 94  ? -5.230  -13.757 3.715   1.00 9.35   ? 94  VAL A CG1   1 
ATOM   735  C  CG2   . VAL A 1 94  ? -3.976  -15.862 3.678   1.00 13.97  ? 94  VAL A CG2   1 
ATOM   736  N  N     . ARG A 1 95  ? -3.052  -12.498 6.471   1.00 8.43   ? 95  ARG A N     1 
ATOM   737  C  CA    . ARG A 1 95  ? -3.194  -11.190 7.125   1.00 7.65   ? 95  ARG A CA    1 
ATOM   738  C  C     . ARG A 1 95  ? -1.947  -10.343 6.949   1.00 8.64   ? 95  ARG A C     1 
ATOM   739  O  O     . ARG A 1 95  ? -1.999  -9.145  6.920   1.00 9.72   ? 95  ARG A O     1 
ATOM   740  C  CB    . ARG A 1 95  ? -3.601  -11.363 8.585   1.00 4.98   ? 95  ARG A CB    1 
ATOM   741  C  CG    . ARG A 1 95  ? -5.001  -11.903 8.735   1.00 3.88   ? 95  ARG A CG    1 
ATOM   742  C  CD    . ARG A 1 95  ? -5.373  -11.940 10.233  1.00 9.92   ? 95  ARG A CD    1 
ATOM   743  N  NE    . ARG A 1 95  ? -6.758  -12.300 10.432  1.00 10.42  ? 95  ARG A NE    1 
ATOM   744  C  CZ    . ARG A 1 95  ? -7.230  -13.543 10.492  1.00 10.48  ? 95  ARG A CZ    1 
ATOM   745  N  NH1   . ARG A 1 95  ? -6.435  -14.610 10.376  1.00 11.17  ? 95  ARG A NH1   1 
ATOM   746  N  NH2   . ARG A 1 95  ? -8.548  -13.733 10.656  1.00 10.36  ? 95  ARG A NH2   1 
ATOM   747  N  N     . ARG A 1 96  ? -0.773  -10.976 6.882   1.00 9.24   ? 96  ARG A N     1 
ATOM   748  C  CA    . ARG A 1 96  ? 0.461   -10.232 6.612   1.00 6.47   ? 96  ARG A CA    1 
ATOM   749  C  C     . ARG A 1 96  ? 0.318   -9.498  5.280   1.00 6.05   ? 96  ARG A C     1 
ATOM   750  O  O     . ARG A 1 96  ? 0.817   -8.416  5.136   1.00 10.57  ? 96  ARG A O     1 
ATOM   751  C  CB    . ARG A 1 96  ? 1.681   -11.119 6.497   1.00 9.72   ? 96  ARG A CB    1 
ATOM   752  C  CG    . ARG A 1 96  ? 1.979   -11.638 7.863   1.00 9.46   ? 96  ARG A CG    1 
ATOM   753  C  CD    . ARG A 1 96  ? 3.211   -12.527 7.864   1.00 15.40  ? 96  ARG A CD    1 
ATOM   754  N  NE    . ARG A 1 96  ? 3.492   -12.929 9.247   1.00 24.37  ? 96  ARG A NE    1 
ATOM   755  C  CZ    . ARG A 1 96  ? 4.395   -13.812 9.580   1.00 19.84  ? 96  ARG A CZ    1 
ATOM   756  N  NH1   . ARG A 1 96  ? 5.104   -14.319 8.621   1.00 24.92  ? 96  ARG A NH1   1 
ATOM   757  N  NH2   . ARG A 1 96  ? 4.630   -14.173 10.869  1.00 10.13  ? 96  ARG A NH2   1 
ATOM   758  N  N     . ALA A 1 97  ? -0.333  -10.114 4.313   1.00 8.17   ? 97  ALA A N     1 
ATOM   759  C  CA    . ALA A 1 97  ? -0.513  -9.458  3.061   1.00 7.28   ? 97  ALA A CA    1 
ATOM   760  C  C     . ALA A 1 97  ? -1.352  -8.180  3.248   1.00 17.06  ? 97  ALA A C     1 
ATOM   761  O  O     . ALA A 1 97  ? -1.074  -7.130  2.661   1.00 11.74  ? 97  ALA A O     1 
ATOM   762  C  CB    . ALA A 1 97  ? -1.133  -10.405 2.038   1.00 5.89   ? 97  ALA A CB    1 
ATOM   763  N  N     . ALA A 1 98  ? -2.372  -8.253  4.094   1.00 12.34  ? 98  ALA A N     1 
ATOM   764  C  CA    . ALA A 1 98  ? -3.179  -7.073  4.397   1.00 7.71   ? 98  ALA A CA    1 
ATOM   765  C  C     . ALA A 1 98  ? -2.357  -5.955  5.045   1.00 11.74  ? 98  ALA A C     1 
ATOM   766  O  O     . ALA A 1 98  ? -2.561  -4.783  4.696   1.00 11.43  ? 98  ALA A O     1 
ATOM   767  C  CB    . ALA A 1 98  ? -4.402  -7.401  5.250   1.00 3.07   ? 98  ALA A CB    1 
ATOM   768  N  N     . ALA A 1 99  ? -1.401  -6.323  5.906   1.00 8.46   ? 99  ALA A N     1 
ATOM   769  C  CA    . ALA A 1 99  ? -0.522  -5.369  6.580   1.00 5.14   ? 99  ALA A CA    1 
ATOM   770  C  C     . ALA A 1 99  ? 0.382   -4.661  5.607   1.00 7.76   ? 99  ALA A C     1 
ATOM   771  O  O     . ALA A 1 99  ? 0.575   -3.441  5.654   1.00 11.73  ? 99  ALA A O     1 
ATOM   772  C  CB    . ALA A 1 99  ? 0.361   -6.067  7.631   1.00 4.71   ? 99  ALA A CB    1 
ATOM   773  N  N     . ILE A 1 100 ? 0.898   -5.447  4.681   1.00 8.71   ? 100 ILE A N     1 
ATOM   774  C  CA    . ILE A 1 100 ? 1.767   -4.924  3.637   1.00 8.69   ? 100 ILE A CA    1 
ATOM   775  C  C     . ILE A 1 100 ? 1.013   -3.922  2.715   1.00 8.42   ? 100 ILE A C     1 
ATOM   776  O  O     . ILE A 1 100 ? 1.516   -2.854  2.368   1.00 11.12  ? 100 ILE A O     1 
ATOM   777  C  CB    . ILE A 1 100 ? 2.400   -6.063  2.825   1.00 13.76  ? 100 ILE A CB    1 
ATOM   778  C  CG1   . ILE A 1 100 ? 3.322   -6.976  3.679   1.00 8.56   ? 100 ILE A CG1   1 
ATOM   779  C  CG2   . ILE A 1 100 ? 3.164   -5.415  1.666   1.00 9.33   ? 100 ILE A CG2   1 
ATOM   780  C  CD1   . ILE A 1 100 ? 3.640   -8.304  3.010   1.00 8.29   ? 100 ILE A CD1   1 
ATOM   781  N  N     . ASN A 1 101 ? -0.226  -4.267  2.339   1.00 6.86   ? 101 ASN A N     1 
ATOM   782  C  CA    . ASN A 1 101 ? -1.073  -3.411  1.496   1.00 7.00   ? 101 ASN A CA    1 
ATOM   783  C  C     . ASN A 1 101 ? -1.262  -2.036  2.141   1.00 12.79  ? 101 ASN A C     1 
ATOM   784  O  O     . ASN A 1 101 ? -1.110  -0.990  1.523   1.00 12.81  ? 101 ASN A O     1 
ATOM   785  C  CB    . ASN A 1 101 ? -2.424  -4.100  1.328   1.00 7.22   ? 101 ASN A CB    1 
ATOM   786  C  CG    . ASN A 1 101 ? -3.286  -3.455  0.254   1.00 5.18   ? 101 ASN A CG    1 
ATOM   787  O  OD1   . ASN A 1 101 ? -3.449  -2.240  0.264   1.00 9.78   ? 101 ASN A OD1   1 
ATOM   788  N  ND2   . ASN A 1 101 ? -3.849  -4.255  -0.638  1.00 5.54   ? 101 ASN A ND2   1 
ATOM   789  N  N     . MET A 1 102 ? -1.508  -2.026  3.442   1.00 4.21   ? 102 MET A N     1 
ATOM   790  C  CA    . MET A 1 102 ? -1.675  -0.743  4.079   1.00 6.30   ? 102 MET A CA    1 
ATOM   791  C  C     . MET A 1 102 ? -0.420  0.093   4.084   1.00 12.31  ? 102 MET A C     1 
ATOM   792  O  O     . MET A 1 102 ? -0.480  1.301   3.835   1.00 9.94   ? 102 MET A O     1 
ATOM   793  C  CB    . MET A 1 102 ? -2.172  -0.889  5.528   1.00 11.98  ? 102 MET A CB    1 
ATOM   794  C  CG    . MET A 1 102 ? -3.650  -1.241  5.650   1.00 10.49  ? 102 MET A CG    1 
ATOM   795  S  SD    . MET A 1 102 ? -4.162  -1.367  7.376   1.00 16.61  ? 102 MET A SD    1 
ATOM   796  C  CE    . MET A 1 102 ? -4.268  0.381   7.834   1.00 10.38  ? 102 MET A CE    1 
ATOM   797  N  N     . VAL A 1 103 ? 0.721   -0.561  4.384   1.00 7.97   ? 103 VAL A N     1 
ATOM   798  C  CA    . VAL A 1 103 ? 1.985   0.190   4.458   1.00 6.37   ? 103 VAL A CA    1 
ATOM   799  C  C     . VAL A 1 103 ? 2.308   0.695   3.068   1.00 13.44  ? 103 VAL A C     1 
ATOM   800  O  O     . VAL A 1 103 ? 2.723   1.812   2.914   1.00 15.36  ? 103 VAL A O     1 
ATOM   801  C  CB    . VAL A 1 103 ? 3.126   -0.632  5.045   1.00 7.01   ? 103 VAL A CB    1 
ATOM   802  C  CG1   . VAL A 1 103 ? 4.440   0.056   4.770   1.00 16.72  ? 103 VAL A CG1   1 
ATOM   803  C  CG2   . VAL A 1 103 ? 3.019   -0.617  6.555   1.00 14.16  ? 103 VAL A CG2   1 
ATOM   804  N  N     . PHE A 1 104 ? 2.040   -0.109  2.050   1.00 9.58   ? 104 PHE A N     1 
ATOM   805  C  CA    . PHE A 1 104 ? 2.301   0.279   0.655   1.00 9.79   ? 104 PHE A CA    1 
ATOM   806  C  C     . PHE A 1 104 ? 1.495   1.483   0.267   1.00 21.58  ? 104 PHE A C     1 
ATOM   807  O  O     . PHE A 1 104 ? 1.954   2.410   -0.334  1.00 15.56  ? 104 PHE A O     1 
ATOM   808  C  CB    . PHE A 1 104 ? 1.842   -0.863  -0.251  1.00 8.46   ? 104 PHE A CB    1 
ATOM   809  C  CG    . PHE A 1 104 ? 2.120   -0.646  -1.706  1.00 11.20  ? 104 PHE A CG    1 
ATOM   810  C  CD1   . PHE A 1 104 ? 1.252   0.105   -2.499  1.00 11.95  ? 104 PHE A CD1   1 
ATOM   811  C  CD2   . PHE A 1 104 ? 3.257   -1.212  -2.281  1.00 9.61   ? 104 PHE A CD2   1 
ATOM   812  C  CE1   . PHE A 1 104 ? 1.545   0.309   -3.846  1.00 22.05  ? 104 PHE A CE1   1 
ATOM   813  C  CE2   . PHE A 1 104 ? 3.512   -1.105  -3.645  1.00 8.32   ? 104 PHE A CE2   1 
ATOM   814  C  CZ    . PHE A 1 104 ? 2.674   -0.295  -4.407  1.00 9.15   ? 104 PHE A CZ    1 
ATOM   815  N  N     . GLN A 1 105 ? 0.260   1.495   0.682   1.00 12.35  ? 105 GLN A N     1 
ATOM   816  C  CA    . GLN A 1 105 ? -0.613  2.601   0.372   1.00 15.04  ? 105 GLN A CA    1 
ATOM   817  C  C     . GLN A 1 105 ? -0.323  3.858   1.175   1.00 15.40  ? 105 GLN A C     1 
ATOM   818  O  O     . GLN A 1 105 ? -0.379  4.965   0.651   1.00 16.43  ? 105 GLN A O     1 
ATOM   819  C  CB    . GLN A 1 105 ? -2.101  2.185   0.563   1.00 15.73  ? 105 GLN A CB    1 
ATOM   820  C  CG    . GLN A 1 105 ? -3.071  3.383   0.451   1.00 14.08  ? 105 GLN A CG    1 
ATOM   821  C  CD    . GLN A 1 105 ? -4.535  3.054   0.576   1.00 17.71  ? 105 GLN A CD    1 
ATOM   822  O  OE1   . GLN A 1 105 ? -4.905  1.993   1.105   1.00 18.60  ? 105 GLN A OE1   1 
ATOM   823  N  NE2   . GLN A 1 105 ? -5.384  4.005   0.180   1.00 14.20  ? 105 GLN A NE2   1 
ATOM   824  N  N     . MET A 1 106 ? -0.060  3.721   2.456   1.00 10.10  ? 106 MET A N     1 
ATOM   825  C  CA    . MET A 1 106 ? 0.080   4.890   3.268   1.00 8.42   ? 106 MET A CA    1 
ATOM   826  C  C     . MET A 1 106 ? 1.388   5.151   3.945   1.00 20.88  ? 106 MET A C     1 
ATOM   827  O  O     . MET A 1 106 ? 1.549   6.158   4.614   1.00 20.66  ? 106 MET A O     1 
ATOM   828  C  CB    . MET A 1 106 ? -1.132  5.005   4.223   1.00 14.71  ? 106 MET A CB    1 
ATOM   829  C  CG    . MET A 1 106 ? -1.264  4.093   5.422   1.00 22.44  ? 106 MET A CG    1 
ATOM   830  S  SD    . MET A 1 106 ? -3.006  4.157   6.053   1.00 41.38  ? 106 MET A SD    1 
ATOM   831  C  CE    . MET A 1 106 ? -3.732  2.829   5.066   1.00 99.12  ? 106 MET A CE    1 
ATOM   832  N  N     . GLY A 1 107 ? 2.322   4.280   3.787   1.00 25.22  ? 107 GLY A N     1 
ATOM   833  C  CA    . GLY A 1 107 ? 3.567   4.503   4.427   1.00 13.98  ? 107 GLY A CA    1 
ATOM   834  C  C     . GLY A 1 107 ? 3.475   4.107   5.881   1.00 10.68  ? 107 GLY A C     1 
ATOM   835  O  O     . GLY A 1 107 ? 2.406   3.967   6.469   1.00 36.18  ? 107 GLY A O     1 
ATOM   836  N  N     . GLU A 1 108 ? 4.651   3.942   6.438   1.00 21.87  ? 108 GLU A N     1 
ATOM   837  C  CA    . GLU A 1 108 ? 4.871   3.547   7.817   1.00 37.78  ? 108 GLU A CA    1 
ATOM   838  C  C     . GLU A 1 108 ? 4.311   4.552   8.771   1.00 35.55  ? 108 GLU A C     1 
ATOM   839  O  O     . GLU A 1 108 ? 3.942   4.239   9.906   1.00 53.02  ? 108 GLU A O     1 
ATOM   840  C  CB    . GLU A 1 108 ? 6.377   3.565   8.093   1.00 44.88  ? 108 GLU A CB    1 
ATOM   841  C  CG    . GLU A 1 108 ? 7.050   2.186   8.156   1.00 33.90  ? 108 GLU A CG    1 
ATOM   842  C  CD    . GLU A 1 108 ? 8.532   2.295   7.920   1.00 100.00 ? 108 GLU A CD    1 
ATOM   843  O  OE1   . GLU A 1 108 ? 9.004   2.453   6.806   1.00 100.00 ? 108 GLU A OE1   1 
ATOM   844  O  OE2   . GLU A 1 108 ? 9.253   2.240   9.027   1.00 79.69  ? 108 GLU A OE2   1 
ATOM   845  N  N     . THR A 1 109 ? 4.313   5.778   8.265   1.00 34.08  ? 109 THR A N     1 
ATOM   846  C  CA    . THR A 1 109 ? 3.856   6.961   8.961   1.00 49.82  ? 109 THR A CA    1 
ATOM   847  C  C     . THR A 1 109 ? 2.356   7.130   8.974   1.00 100.00 ? 109 THR A C     1 
ATOM   848  O  O     . THR A 1 109 ? 1.778   7.687   9.917   1.00 42.10  ? 109 THR A O     1 
ATOM   849  C  CB    . THR A 1 109 ? 4.551   8.210   8.368   1.00 80.29  ? 109 THR A CB    1 
ATOM   850  O  OG1   . THR A 1 109 ? 5.659   8.532   9.188   1.00 100.00 ? 109 THR A OG1   1 
ATOM   851  C  CG2   . THR A 1 109 ? 3.603   9.403   8.282   1.00 100.00 ? 109 THR A CG2   1 
ATOM   852  N  N     . GLY A 1 110 ? 1.728   6.686   7.898   1.00 31.55  ? 110 GLY A N     1 
ATOM   853  C  CA    . GLY A 1 110 ? 0.282   6.818   7.818   1.00 29.18  ? 110 GLY A CA    1 
ATOM   854  C  C     . GLY A 1 110 ? -0.354  5.825   8.769   1.00 24.67  ? 110 GLY A C     1 
ATOM   855  O  O     . GLY A 1 110 ? -1.450  6.052   9.275   1.00 60.75  ? 110 GLY A O     1 
ATOM   856  N  N     . VAL A 1 111 ? 0.410   4.709   8.972   1.00 24.67  ? 111 VAL A N     1 
ATOM   857  C  CA    . VAL A 1 111 ? -0.057  3.594   9.778   1.00 47.79  ? 111 VAL A CA    1 
ATOM   858  C  C     . VAL A 1 111 ? 0.280   3.743   11.236  1.00 84.10  ? 111 VAL A C     1 
ATOM   859  O  O     . VAL A 1 111 ? -0.089  2.903   12.060  1.00 37.78  ? 111 VAL A O     1 
ATOM   860  C  CB    . VAL A 1 111 ? 0.197   2.196   9.189   1.00 23.65  ? 111 VAL A CB    1 
ATOM   861  C  CG1   . VAL A 1 111 ? -0.181  2.161   7.714   1.00 37.78  ? 111 VAL A CG1   1 
ATOM   862  C  CG2   . VAL A 1 111 ? 1.671   1.897   9.296   1.00 34.64  ? 111 VAL A CG2   1 
ATOM   863  N  N     . ALA A 1 112 ? 0.925   4.880   11.524  1.00 55.81  ? 112 ALA A N     1 
ATOM   864  C  CA    . ALA A 1 112 ? 1.336   5.277   12.863  1.00 100.00 ? 112 ALA A CA    1 
ATOM   865  C  C     . ALA A 1 112 ? 0.139   5.570   13.777  1.00 100.00 ? 112 ALA A C     1 
ATOM   866  O  O     . ALA A 1 112 ? 0.196   5.333   14.991  1.00 100.00 ? 112 ALA A O     1 
ATOM   867  C  CB    . ALA A 1 112 ? 2.296   6.468   12.805  1.00 100.00 ? 112 ALA A CB    1 
ATOM   868  N  N     . GLY A 1 113 ? -0.952  6.083   13.193  1.00 67.32  ? 113 GLY A N     1 
ATOM   869  C  CA    . GLY A 1 113 ? -2.146  6.433   13.965  1.00 34.70  ? 113 GLY A CA    1 
ATOM   870  C  C     . GLY A 1 113 ? -3.077  5.277   14.347  1.00 39.55  ? 113 GLY A C     1 
ATOM   871  O  O     . GLY A 1 113 ? -4.044  5.497   15.083  1.00 28.92  ? 113 GLY A O     1 
ATOM   872  N  N     . PHE A 1 114 ? -2.750  4.068   13.865  1.00 22.58  ? 114 PHE A N     1 
ATOM   873  C  CA    . PHE A 1 114 ? -3.495  2.827   14.049  1.00 14.90  ? 114 PHE A CA    1 
ATOM   874  C  C     . PHE A 1 114 ? -3.119  2.000   15.250  1.00 26.73  ? 114 PHE A C     1 
ATOM   875  O  O     . PHE A 1 114 ? -3.441  0.792   15.301  1.00 16.78  ? 114 PHE A O     1 
ATOM   876  C  CB    . PHE A 1 114 ? -3.390  1.992   12.744  1.00 17.36  ? 114 PHE A CB    1 
ATOM   877  C  CG    . PHE A 1 114 ? -4.217  2.575   11.602  1.00 22.52  ? 114 PHE A CG    1 
ATOM   878  C  CD1   . PHE A 1 114 ? -3.733  3.616   10.813  1.00 36.19  ? 114 PHE A CD1   1 
ATOM   879  C  CD2   . PHE A 1 114 ? -5.530  2.150   11.395  1.00 25.98  ? 114 PHE A CD2   1 
ATOM   880  C  CE1   . PHE A 1 114 ? -4.509  4.203   9.817   1.00 19.42  ? 114 PHE A CE1   1 
ATOM   881  C  CE2   . PHE A 1 114 ? -6.314  2.693   10.382  1.00 14.06  ? 114 PHE A CE2   1 
ATOM   882  C  CZ    . PHE A 1 114 ? -5.790  3.697   9.578   1.00 23.96  ? 114 PHE A CZ    1 
ATOM   883  N  N     . THR A 1 115 ? -2.471  2.644   16.205  1.00 10.89  ? 115 THR A N     1 
ATOM   884  C  CA    . THR A 1 115 ? -2.049  1.980   17.450  1.00 11.01  ? 115 THR A CA    1 
ATOM   885  C  C     . THR A 1 115 ? -3.022  1.018   18.083  1.00 15.50  ? 115 THR A C     1 
ATOM   886  O  O     . THR A 1 115 ? -2.721  -0.124  18.422  1.00 18.06  ? 115 THR A O     1 
ATOM   887  C  CB    . THR A 1 115 ? -1.854  3.039   18.498  1.00 22.70  ? 115 THR A CB    1 
ATOM   888  O  OG1   . THR A 1 115 ? -0.778  3.773   18.053  1.00 24.81  ? 115 THR A OG1   1 
ATOM   889  C  CG2   . THR A 1 115 ? -1.493  2.333   19.783  1.00 35.43  ? 115 THR A CG2   1 
ATOM   890  N  N     . ASN A 1 116 ? -4.197  1.546   18.296  1.00 13.11  ? 116 ASN A N     1 
ATOM   891  C  CA    . ASN A 1 116 ? -5.280  0.759   18.859  1.00 16.80  ? 116 ASN A CA    1 
ATOM   892  C  C     . ASN A 1 116 ? -5.714  -0.378  17.957  1.00 13.70  ? 116 ASN A C     1 
ATOM   893  O  O     . ASN A 1 116 ? -6.080  -1.449  18.444  1.00 15.49  ? 116 ASN A O     1 
ATOM   894  C  CB    . ASN A 1 116 ? -6.515  1.607   19.246  1.00 14.79  ? 116 ASN A CB    1 
ATOM   895  C  CG    . ASN A 1 116 ? -6.170  2.786   20.154  1.00 18.83  ? 116 ASN A CG    1 
ATOM   896  O  OD1   . ASN A 1 116 ? -5.347  2.624   21.024  1.00 23.40  ? 116 ASN A OD1   1 
ATOM   897  N  ND2   . ASN A 1 116 ? -6.777  3.981   19.985  1.00 14.02  ? 116 ASN A ND2   1 
ATOM   898  N  N     . SER A 1 117 ? -5.669  -0.201  16.630  1.00 8.95   ? 117 SER A N     1 
ATOM   899  C  CA    . SER A 1 117 ? -6.065  -1.329  15.801  1.00 6.74   ? 117 SER A CA    1 
ATOM   900  C  C     . SER A 1 117 ? -5.000  -2.414  15.901  1.00 9.55   ? 117 SER A C     1 
ATOM   901  O  O     . SER A 1 117 ? -5.278  -3.625  15.929  1.00 16.54  ? 117 SER A O     1 
ATOM   902  C  CB    . SER A 1 117 ? -6.142  -0.902  14.352  1.00 16.00  ? 117 SER A CB    1 
ATOM   903  O  OG    . SER A 1 117 ? -7.207  -0.002  14.168  1.00 22.93  ? 117 SER A OG    1 
ATOM   904  N  N     . LEU A 1 118 ? -3.765  -1.940  15.871  1.00 8.01   ? 118 LEU A N     1 
ATOM   905  C  CA    . LEU A 1 118 ? -2.580  -2.810  15.922  1.00 14.64  ? 118 LEU A CA    1 
ATOM   906  C  C     . LEU A 1 118 ? -2.636  -3.691  17.112  1.00 10.81  ? 118 LEU A C     1 
ATOM   907  O  O     . LEU A 1 118 ? -2.381  -4.875  17.077  1.00 11.96  ? 118 LEU A O     1 
ATOM   908  C  CB    . LEU A 1 118 ? -1.277  -2.005  16.010  1.00 21.58  ? 118 LEU A CB    1 
ATOM   909  C  CG    . LEU A 1 118 ? -0.985  -1.184  14.749  1.00 33.93  ? 118 LEU A CG    1 
ATOM   910  C  CD1   . LEU A 1 118 ? 0.214   -0.276  14.981  1.00 24.61  ? 118 LEU A CD1   1 
ATOM   911  C  CD2   . LEU A 1 118 ? -0.685  -2.111  13.585  1.00 11.19  ? 118 LEU A CD2   1 
ATOM   912  N  N     . ARG A 1 119 ? -2.931  -3.084  18.223  1.00 9.75   ? 119 ARG A N     1 
ATOM   913  C  CA    . ARG A 1 119 ? -3.014  -3.864  19.441  1.00 21.51  ? 119 ARG A CA    1 
ATOM   914  C  C     . ARG A 1 119 ? -4.122  -4.927  19.362  1.00 16.24  ? 119 ARG A C     1 
ATOM   915  O  O     . ARG A 1 119 ? -3.978  -6.078  19.812  1.00 10.02  ? 119 ARG A O     1 
ATOM   916  C  CB    . ARG A 1 119 ? -3.201  -2.892  20.582  1.00 17.63  ? 119 ARG A CB    1 
ATOM   917  C  CG    . ARG A 1 119 ? -3.255  -3.540  21.942  1.00 33.24  ? 119 ARG A CG    1 
ATOM   918  C  CD    . ARG A 1 119 ? -3.736  -2.527  22.997  1.00 100.00 ? 119 ARG A CD    1 
ATOM   919  N  NE    . ARG A 1 119 ? -5.213  -2.426  23.133  1.00 100.00 ? 119 ARG A NE    1 
ATOM   920  C  CZ    . ARG A 1 119 ? -6.028  -1.524  22.520  1.00 100.00 ? 119 ARG A CZ    1 
ATOM   921  N  NH1   . ARG A 1 119 ? -5.553  -0.563  21.723  1.00 100.00 ? 119 ARG A NH1   1 
ATOM   922  N  NH2   . ARG A 1 119 ? -7.352  -1.571  22.746  1.00 100.00 ? 119 ARG A NH2   1 
ATOM   923  N  N     . MET A 1 120 ? -5.235  -4.565  18.686  1.00 14.18  ? 120 MET A N     1 
ATOM   924  C  CA    . MET A 1 120 ? -6.309  -5.515  18.535  1.00 16.27  ? 120 MET A CA    1 
ATOM   925  C  C     . MET A 1 120 ? -5.892  -6.644  17.629  1.00 16.55  ? 120 MET A C     1 
ATOM   926  O  O     . MET A 1 120 ? -6.231  -7.810  17.835  1.00 15.53  ? 120 MET A O     1 
ATOM   927  C  CB    . MET A 1 120 ? -7.632  -4.912  18.012  1.00 13.34  ? 120 MET A CB    1 
ATOM   928  C  CG    . MET A 1 120 ? -8.327  -4.129  19.097  1.00 20.42  ? 120 MET A CG    1 
ATOM   929  S  SD    . MET A 1 120 ? -9.583  -3.060  18.388  1.00 23.54  ? 120 MET A SD    1 
ATOM   930  C  CE    . MET A 1 120 ? -9.420  -1.644  19.471  1.00 22.60  ? 120 MET A CE    1 
ATOM   931  N  N     . LEU A 1 121 ? -5.194  -6.286  16.580  1.00 11.00  ? 121 LEU A N     1 
ATOM   932  C  CA    . LEU A 1 121 ? -4.753  -7.353  15.658  1.00 18.77  ? 121 LEU A CA    1 
ATOM   933  C  C     . LEU A 1 121 ? -3.793  -8.360  16.369  1.00 12.28  ? 121 LEU A C     1 
ATOM   934  O  O     . LEU A 1 121 ? -3.868  -9.594  16.232  1.00 13.74  ? 121 LEU A O     1 
ATOM   935  C  CB    . LEU A 1 121 ? -4.161  -6.740  14.344  1.00 11.07  ? 121 LEU A CB    1 
ATOM   936  C  CG    . LEU A 1 121 ? -5.259  -6.142  13.478  1.00 10.78  ? 121 LEU A CG    1 
ATOM   937  C  CD1   . LEU A 1 121 ? -4.650  -5.179  12.466  1.00 11.76  ? 121 LEU A CD1   1 
ATOM   938  C  CD2   . LEU A 1 121 ? -6.006  -7.248  12.780  1.00 11.29  ? 121 LEU A CD2   1 
ATOM   939  N  N     . GLN A 1 122 ? -2.884  -7.801  17.152  1.00 6.91   ? 122 GLN A N     1 
ATOM   940  C  CA    . GLN A 1 122 ? -1.949  -8.606  17.857  1.00 12.28  ? 122 GLN A CA    1 
ATOM   941  C  C     . GLN A 1 122 ? -2.678  -9.577  18.803  1.00 18.25  ? 122 GLN A C     1 
ATOM   942  O  O     . GLN A 1 122 ? -2.254  -10.705 19.007  1.00 16.84  ? 122 GLN A O     1 
ATOM   943  C  CB    . GLN A 1 122 ? -0.951  -7.695  18.603  1.00 9.93   ? 122 GLN A CB    1 
ATOM   944  C  CG    . GLN A 1 122 ? -0.088  -8.537  19.553  1.00 26.21  ? 122 GLN A CG    1 
ATOM   945  C  CD    . GLN A 1 122 ? 1.280   -7.922  19.784  1.00 34.68  ? 122 GLN A CD    1 
ATOM   946  O  OE1   . GLN A 1 122 ? 1.428   -6.693  19.668  1.00 63.21  ? 122 GLN A OE1   1 
ATOM   947  N  NE2   . GLN A 1 122 ? 2.274   -8.757  20.120  1.00 100.00 ? 122 GLN A NE2   1 
ATOM   948  N  N     . GLN A 1 123 ? -3.767  -9.131  19.427  1.00 16.76  ? 123 GLN A N     1 
ATOM   949  C  CA    . GLN A 1 123 ? -4.477  -10.002 20.327  1.00 6.45   ? 123 GLN A CA    1 
ATOM   950  C  C     . GLN A 1 123 ? -5.411  -10.904 19.616  1.00 14.22  ? 123 GLN A C     1 
ATOM   951  O  O     . GLN A 1 123 ? -6.100  -11.639 20.302  1.00 18.60  ? 123 GLN A O     1 
ATOM   952  C  CB    . GLN A 1 123 ? -5.376  -9.173  21.229  1.00 14.64  ? 123 GLN A CB    1 
ATOM   953  C  CG    . GLN A 1 123 ? -4.516  -8.397  22.237  1.00 20.14  ? 123 GLN A CG    1 
ATOM   954  C  CD    . GLN A 1 123 ? -5.227  -7.193  22.829  1.00 46.74  ? 123 GLN A CD    1 
ATOM   955  O  OE1   . GLN A 1 123 ? -5.617  -7.195  23.993  1.00 38.67  ? 123 GLN A OE1   1 
ATOM   956  N  NE2   . GLN A 1 123 ? -5.486  -6.191  21.998  1.00 89.24  ? 123 GLN A NE2   1 
ATOM   957  N  N     . LYS A 1 124 ? -5.519  -10.764 18.268  1.00 6.81   ? 124 LYS A N     1 
ATOM   958  C  CA    . LYS A 1 124 ? -6.377  -11.602 17.441  1.00 7.40   ? 124 LYS A CA    1 
ATOM   959  C  C     . LYS A 1 124 ? -7.873  -11.423 17.701  1.00 6.69   ? 124 LYS A C     1 
ATOM   960  O  O     . LYS A 1 124 ? -8.708  -12.346 17.550  1.00 14.06  ? 124 LYS A O     1 
ATOM   961  C  CB    . LYS A 1 124 ? -5.982  -13.124 17.419  1.00 17.71  ? 124 LYS A CB    1 
ATOM   962  C  CG    . LYS A 1 124 ? -4.473  -13.367 17.248  1.00 26.52  ? 124 LYS A CG    1 
ATOM   963  C  CD    . LYS A 1 124 ? -4.070  -14.785 16.782  1.00 11.98  ? 124 LYS A CD    1 
ATOM   964  C  CE    . LYS A 1 124 ? -2.629  -14.852 16.314  1.00 13.07  ? 124 LYS A CE    1 
ATOM   965  N  NZ    . LYS A 1 124 ? -2.387  -14.133 15.064  1.00 21.42  ? 124 LYS A NZ    1 
ATOM   966  N  N     . ARG A 1 125 ? -8.229  -10.199 17.961  1.00 12.46  ? 125 ARG A N     1 
ATOM   967  C  CA    . ARG A 1 125 ? -9.622  -9.867  18.154  1.00 9.26   ? 125 ARG A CA    1 
ATOM   968  C  C     . ARG A 1 125 ? -10.076 -9.350  16.813  1.00 7.87   ? 125 ARG A C     1 
ATOM   969  O  O     . ARG A 1 125 ? -10.061 -8.140  16.581  1.00 14.55  ? 125 ARG A O     1 
ATOM   970  C  CB    . ARG A 1 125 ? -9.657  -8.767  19.227  1.00 9.65   ? 125 ARG A CB    1 
ATOM   971  C  CG    . ARG A 1 125 ? -9.445  -9.372  20.607  1.00 17.77  ? 125 ARG A CG    1 
ATOM   972  C  CD    . ARG A 1 125 ? -8.939  -8.289  21.563  1.00 21.04  ? 125 ARG A CD    1 
ATOM   973  N  NE    . ARG A 1 125 ? -9.651  -8.151  22.835  1.00 75.57  ? 125 ARG A NE    1 
ATOM   974  C  CZ    . ARG A 1 125 ? -9.275  -8.753  23.986  1.00 100.00 ? 125 ARG A CZ    1 
ATOM   975  N  NH1   . ARG A 1 125 ? -8.224  -9.557  24.075  1.00 100.00 ? 125 ARG A NH1   1 
ATOM   976  N  NH2   . ARG A 1 125 ? -9.999  -8.520  25.080  1.00 100.00 ? 125 ARG A NH2   1 
ATOM   977  N  N     . TRP A 1 126 ? -10.407 -10.256 15.923  1.00 13.77  ? 126 TRP A N     1 
ATOM   978  C  CA    . TRP A 1 126 ? -10.717 -9.841  14.587  1.00 9.73   ? 126 TRP A CA    1 
ATOM   979  C  C     . TRP A 1 126 ? -11.871 -8.894  14.330  1.00 15.39  ? 126 TRP A C     1 
ATOM   980  O  O     . TRP A 1 126 ? -11.749 -7.917  13.565  1.00 12.05  ? 126 TRP A O     1 
ATOM   981  C  CB    . TRP A 1 126 ? -10.531 -10.909 13.499  1.00 6.02   ? 126 TRP A CB    1 
ATOM   982  C  CG    . TRP A 1 126 ? -9.448  -11.932 13.769  1.00 8.57   ? 126 TRP A CG    1 
ATOM   983  C  CD1   . TRP A 1 126 ? -9.663  -13.255 13.963  1.00 7.88   ? 126 TRP A CD1   1 
ATOM   984  C  CD2   . TRP A 1 126 ? -8.040  -11.744 13.722  1.00 11.00  ? 126 TRP A CD2   1 
ATOM   985  N  NE1   . TRP A 1 126 ? -8.492  -13.903 14.145  1.00 7.91   ? 126 TRP A NE1   1 
ATOM   986  C  CE2   . TRP A 1 126 ? -7.463  -13.013 13.949  1.00 9.02   ? 126 TRP A CE2   1 
ATOM   987  C  CE3   . TRP A 1 126 ? -7.218  -10.651 13.445  1.00 12.82  ? 126 TRP A CE3   1 
ATOM   988  C  CZ2   . TRP A 1 126 ? -6.077  -13.197 13.918  1.00 9.51   ? 126 TRP A CZ2   1 
ATOM   989  C  CZ3   . TRP A 1 126 ? -5.845  -10.811 13.470  1.00 13.80  ? 126 TRP A CZ3   1 
ATOM   990  C  CH2   . TRP A 1 126 ? -5.285  -12.077 13.715  1.00 12.93  ? 126 TRP A CH2   1 
ATOM   991  N  N     . ASP A 1 127 ? -13.038 -9.225  14.837  1.00 14.52  ? 127 ASP A N     1 
ATOM   992  C  CA    . ASP A 1 127 ? -14.168 -8.384  14.544  1.00 12.85  ? 127 ASP A CA    1 
ATOM   993  C  C     . ASP A 1 127 ? -13.964 -7.017  15.132  1.00 13.99  ? 127 ASP A C     1 
ATOM   994  O  O     . ASP A 1 127 ? -14.249 -5.979  14.557  1.00 13.53  ? 127 ASP A O     1 
ATOM   995  C  CB    . ASP A 1 127 ? -15.483 -9.027  15.018  1.00 15.58  ? 127 ASP A CB    1 
ATOM   996  C  CG    . ASP A 1 127 ? -16.032 -10.144 14.123  1.00 15.16  ? 127 ASP A CG    1 
ATOM   997  O  OD1   . ASP A 1 127 ? -15.297 -10.905 13.504  1.00 37.03  ? 127 ASP A OD1   1 
ATOM   998  O  OD2   . ASP A 1 127 ? -17.329 -10.053 13.916  1.00 100.00 ? 127 ASP A OD2   1 
ATOM   999  N  N     . GLU A 1 128 ? -13.318 -7.002  16.264  1.00 12.56  ? 128 GLU A N     1 
ATOM   1000 C  CA    . GLU A 1 128 ? -13.059 -5.750  16.918  1.00 16.19  ? 128 GLU A CA    1 
ATOM   1001 C  C     . GLU A 1 128 ? -12.086 -4.828  16.155  1.00 17.09  ? 128 GLU A C     1 
ATOM   1002 O  O     . GLU A 1 128 ? -12.317 -3.611  15.988  1.00 16.36  ? 128 GLU A O     1 
ATOM   1003 C  CB    . GLU A 1 128 ? -12.756 -6.025  18.413  1.00 27.73  ? 128 GLU A CB    1 
ATOM   1004 C  CG    . GLU A 1 128 ? -13.776 -7.066  18.949  1.00 100.00 ? 128 GLU A CG    1 
ATOM   1005 C  CD    . GLU A 1 128 ? -13.314 -8.525  19.107  1.00 100.00 ? 128 GLU A CD    1 
ATOM   1006 O  OE1   . GLU A 1 128 ? -13.244 -9.432  18.194  1.00 19.56  ? 128 GLU A OE1   1 
ATOM   1007 O  OE2   . GLU A 1 128 ? -13.169 -8.771  20.394  1.00 100.00 ? 128 GLU A OE2   1 
ATOM   1008 N  N     . ALA A 1 129 ? -10.982 -5.415  15.697  1.00 11.86  ? 129 ALA A N     1 
ATOM   1009 C  CA    . ALA A 1 129 ? -10.022 -4.659  14.954  1.00 7.65   ? 129 ALA A CA    1 
ATOM   1010 C  C     . ALA A 1 129 ? -10.694 -4.123  13.696  1.00 6.01   ? 129 ALA A C     1 
ATOM   1011 O  O     . ALA A 1 129 ? -10.470 -2.971  13.314  1.00 10.85  ? 129 ALA A O     1 
ATOM   1012 C  CB    . ALA A 1 129 ? -8.898  -5.578  14.544  1.00 7.90   ? 129 ALA A CB    1 
ATOM   1013 N  N     . ALA A 1 130 ? -11.506 -4.963  13.053  1.00 7.11   ? 130 ALA A N     1 
ATOM   1014 C  CA    . ALA A 1 130 ? -12.213 -4.599  11.796  1.00 6.77   ? 130 ALA A CA    1 
ATOM   1015 C  C     . ALA A 1 130 ? -13.085 -3.362  12.032  1.00 25.82  ? 130 ALA A C     1 
ATOM   1016 O  O     . ALA A 1 130 ? -13.129 -2.429  11.243  1.00 15.71  ? 130 ALA A O     1 
ATOM   1017 C  CB    . ALA A 1 130 ? -13.010 -5.784  11.246  1.00 7.22   ? 130 ALA A CB    1 
ATOM   1018 N  N     . VAL A 1 131 ? -13.742 -3.298  13.168  1.00 10.62  ? 131 VAL A N     1 
ATOM   1019 C  CA    . VAL A 1 131 ? -14.510 -2.117  13.446  1.00 13.73  ? 131 VAL A CA    1 
ATOM   1020 C  C     . VAL A 1 131 ? -13.607 -0.900  13.773  1.00 12.76  ? 131 VAL A C     1 
ATOM   1021 O  O     . VAL A 1 131 ? -13.857 0.214   13.388  1.00 13.41  ? 131 VAL A O     1 
ATOM   1022 C  CB    . VAL A 1 131 ? -15.454 -2.437  14.612  1.00 25.57  ? 131 VAL A CB    1 
ATOM   1023 C  CG1   . VAL A 1 131 ? -16.061 -1.193  15.210  1.00 17.84  ? 131 VAL A CG1   1 
ATOM   1024 C  CG2   . VAL A 1 131 ? -16.587 -3.271  14.062  1.00 21.50  ? 131 VAL A CG2   1 
ATOM   1025 N  N     . ASN A 1 132 ? -12.534 -1.090  14.498  1.00 9.31   ? 132 ASN A N     1 
ATOM   1026 C  CA    . ASN A 1 132 ? -11.664 0.058   14.783  1.00 3.83   ? 132 ASN A CA    1 
ATOM   1027 C  C     . ASN A 1 132 ? -10.966 0.567   13.501  1.00 17.29  ? 132 ASN A C     1 
ATOM   1028 O  O     . ASN A 1 132 ? -10.754 1.747   13.259  1.00 12.38  ? 132 ASN A O     1 
ATOM   1029 C  CB    . ASN A 1 132 ? -10.629 -0.382  15.846  1.00 7.91   ? 132 ASN A CB    1 
ATOM   1030 C  CG    . ASN A 1 132 ? -9.756  0.769   16.292  1.00 9.72   ? 132 ASN A CG    1 
ATOM   1031 O  OD1   . ASN A 1 132 ? -8.657  1.076   15.750  1.00 18.93  ? 132 ASN A OD1   1 
ATOM   1032 N  ND2   . ASN A 1 132 ? -10.297 1.505   17.245  1.00 18.91  ? 132 ASN A ND2   1 
ATOM   1033 N  N     . LEU A 1 133 ? -10.545 -0.335  12.631  1.00 9.57   ? 133 LEU A N     1 
ATOM   1034 C  CA    . LEU A 1 133 ? -9.875  0.141   11.408  1.00 6.76   ? 133 LEU A CA    1 
ATOM   1035 C  C     . LEU A 1 133 ? -10.769 1.043   10.563  1.00 6.25   ? 133 LEU A C     1 
ATOM   1036 O  O     . LEU A 1 133 ? -10.269 1.922   9.835   1.00 10.39  ? 133 LEU A O     1 
ATOM   1037 C  CB    . LEU A 1 133 ? -9.500  -1.056  10.485  1.00 6.54   ? 133 LEU A CB    1 
ATOM   1038 C  CG    . LEU A 1 133 ? -8.275  -1.845  11.015  1.00 11.14  ? 133 LEU A CG    1 
ATOM   1039 C  CD1   . LEU A 1 133 ? -8.168  -3.241  10.392  1.00 8.01   ? 133 LEU A CD1   1 
ATOM   1040 C  CD2   . LEU A 1 133 ? -6.988  -1.059  10.826  1.00 10.04  ? 133 LEU A CD2   1 
ATOM   1041 N  N     . ALA A 1 134 ? -12.068 0.793   10.627  1.00 7.71   ? 134 ALA A N     1 
ATOM   1042 C  CA    . ALA A 1 134 ? -13.025 1.540   9.813   1.00 10.75  ? 134 ALA A CA    1 
ATOM   1043 C  C     . ALA A 1 134 ? -13.203 2.949   10.278  1.00 16.74  ? 134 ALA A C     1 
ATOM   1044 O  O     . ALA A 1 134 ? -13.655 3.789   9.520   1.00 10.71  ? 134 ALA A O     1 
ATOM   1045 C  CB    . ALA A 1 134 ? -14.339 0.787   9.608   1.00 9.27   ? 134 ALA A CB    1 
ATOM   1046 N  N     . LYS A 1 135 ? -12.814 3.230   11.530  1.00 9.82   ? 135 LYS A N     1 
ATOM   1047 C  CA    . LYS A 1 135 ? -12.934 4.586   12.022  1.00 9.64   ? 135 LYS A CA    1 
ATOM   1048 C  C     . LYS A 1 135 ? -11.702 5.381   11.645  1.00 14.96  ? 135 LYS A C     1 
ATOM   1049 O  O     . LYS A 1 135 ? -10.823 5.630   12.460  1.00 17.04  ? 135 LYS A O     1 
ATOM   1050 C  CB    . LYS A 1 135 ? -13.074 4.630   13.501  1.00 20.27  ? 135 LYS A CB    1 
ATOM   1051 C  CG    . LYS A 1 135 ? -14.258 3.828   13.911  1.00 13.21  ? 135 LYS A CG    1 
ATOM   1052 C  CD    . LYS A 1 135 ? -14.315 3.826   15.409  1.00 29.40  ? 135 LYS A CD    1 
ATOM   1053 C  CE    . LYS A 1 135 ? -15.653 3.331   15.887  1.00 36.20  ? 135 LYS A CE    1 
ATOM   1054 N  NZ    . LYS A 1 135 ? -15.535 2.551   17.128  1.00 95.73  ? 135 LYS A NZ    1 
ATOM   1055 N  N     . SER A 1 136 ? -11.572 5.681   10.392  1.00 4.88   ? 136 SER A N     1 
ATOM   1056 C  CA    . SER A 1 136 ? -10.350 6.312   9.992   1.00 9.49   ? 136 SER A CA    1 
ATOM   1057 C  C     . SER A 1 136 ? -10.601 7.132   8.766   1.00 7.76   ? 136 SER A C     1 
ATOM   1058 O  O     . SER A 1 136 ? -11.565 6.906   8.044   1.00 9.91   ? 136 SER A O     1 
ATOM   1059 C  CB    . SER A 1 136 ? -9.332  5.177   9.704   1.00 6.09   ? 136 SER A CB    1 
ATOM   1060 O  OG    . SER A 1 136 ? -9.840  4.359   8.630   1.00 7.23   ? 136 SER A OG    1 
ATOM   1061 N  N     . ARG A 1 137 ? -9.727  8.101   8.557   1.00 5.82   ? 137 ARG A N     1 
ATOM   1062 C  CA    . ARG A 1 137 ? -9.820  8.861   7.327   1.00 8.56   ? 137 ARG A CA    1 
ATOM   1063 C  C     . ARG A 1 137 ? -9.634  7.931   6.099   1.00 12.19  ? 137 ARG A C     1 
ATOM   1064 O  O     . ARG A 1 137 ? -10.239 8.076   5.036   1.00 10.67  ? 137 ARG A O     1 
ATOM   1065 C  CB    . ARG A 1 137 ? -8.681  9.833   7.334   1.00 11.54  ? 137 ARG A CB    1 
ATOM   1066 C  CG    . ARG A 1 137 ? -8.594  10.499  5.982   1.00 17.75  ? 137 ARG A CG    1 
ATOM   1067 C  CD    . ARG A 1 137 ? -7.476  11.496  5.974   1.00 20.30  ? 137 ARG A CD    1 
ATOM   1068 N  NE    . ARG A 1 137 ? -7.669  12.437  4.890   1.00 23.14  ? 137 ARG A NE    1 
ATOM   1069 C  CZ    . ARG A 1 137 ? -7.186  12.255  3.654   1.00 35.69  ? 137 ARG A CZ    1 
ATOM   1070 N  NH1   . ARG A 1 137 ? -6.450  11.184  3.350   1.00 37.11  ? 137 ARG A NH1   1 
ATOM   1071 N  NH2   . ARG A 1 137 ? -7.444  13.178  2.709   1.00 80.64  ? 137 ARG A NH2   1 
ATOM   1072 N  N     . TRP A 1 138 ? -8.714  6.966   6.268   1.00 14.27  ? 138 TRP A N     1 
ATOM   1073 C  CA    . TRP A 1 138 ? -8.408  5.972   5.237   1.00 10.73  ? 138 TRP A CA    1 
ATOM   1074 C  C     . TRP A 1 138 ? -9.662  5.311   4.721   1.00 6.59   ? 138 TRP A C     1 
ATOM   1075 O  O     . TRP A 1 138 ? -9.890  5.222   3.531   1.00 10.45  ? 138 TRP A O     1 
ATOM   1076 C  CB    . TRP A 1 138 ? -7.549  4.883   5.879   1.00 15.04  ? 138 TRP A CB    1 
ATOM   1077 C  CG    . TRP A 1 138 ? -7.350  3.628   5.054   1.00 21.23  ? 138 TRP A CG    1 
ATOM   1078 C  CD1   . TRP A 1 138 ? -6.764  3.540   3.810   1.00 17.41  ? 138 TRP A CD1   1 
ATOM   1079 C  CD2   . TRP A 1 138 ? -7.618  2.280   5.474   1.00 12.48  ? 138 TRP A CD2   1 
ATOM   1080 N  NE1   . TRP A 1 138 ? -6.729  2.231   3.388   1.00 10.45  ? 138 TRP A NE1   1 
ATOM   1081 C  CE2   . TRP A 1 138 ? -7.134  1.422   4.434   1.00 7.27   ? 138 TRP A CE2   1 
ATOM   1082 C  CE3   . TRP A 1 138 ? -8.128  1.733   6.666   1.00 8.88   ? 138 TRP A CE3   1 
ATOM   1083 C  CZ2   . TRP A 1 138 ? -7.169  0.008   4.538   1.00 6.92   ? 138 TRP A CZ2   1 
ATOM   1084 C  CZ3   . TRP A 1 138 ? -8.186  0.351   6.741   1.00 12.38  ? 138 TRP A CZ3   1 
ATOM   1085 C  CH2   . TRP A 1 138 ? -7.767  -0.498  5.687   1.00 12.86  ? 138 TRP A CH2   1 
ATOM   1086 N  N     . TYR A 1 139 ? -10.518 4.889   5.665   1.00 3.63   ? 139 TYR A N     1 
ATOM   1087 C  CA    . TYR A 1 139 ? -11.708 4.182   5.296   1.00 5.80   ? 139 TYR A CA    1 
ATOM   1088 C  C     . TYR A 1 139 ? -12.660 5.111   4.592   1.00 18.29  ? 139 TYR A C     1 
ATOM   1089 O  O     . TYR A 1 139 ? -13.305 4.744   3.586   1.00 11.25  ? 139 TYR A O     1 
ATOM   1090 C  CB    . TYR A 1 139 ? -12.370 3.636   6.569   1.00 6.95   ? 139 TYR A CB    1 
ATOM   1091 C  CG    . TYR A 1 139 ? -13.675 2.960   6.289   1.00 13.94  ? 139 TYR A CG    1 
ATOM   1092 C  CD1   . TYR A 1 139 ? -13.637 1.616   5.930   1.00 23.33  ? 139 TYR A CD1   1 
ATOM   1093 C  CD2   . TYR A 1 139 ? -14.900 3.623   6.415   1.00 18.49  ? 139 TYR A CD2   1 
ATOM   1094 C  CE1   . TYR A 1 139 ? -14.807 0.918   5.666   1.00 29.49  ? 139 TYR A CE1   1 
ATOM   1095 C  CE2   . TYR A 1 139 ? -16.084 2.935   6.164   1.00 36.10  ? 139 TYR A CE2   1 
ATOM   1096 C  CZ    . TYR A 1 139 ? -16.022 1.587   5.786   1.00 52.82  ? 139 TYR A CZ    1 
ATOM   1097 O  OH    . TYR A 1 139 ? -17.146 0.862   5.525   1.00 47.77  ? 139 TYR A OH    1 
ATOM   1098 N  N     . ASN A 1 140 ? -12.747 6.357   5.101   1.00 18.85  ? 140 ASN A N     1 
ATOM   1099 C  CA    . ASN A 1 140 ? -13.677 7.340   4.501   1.00 14.06  ? 140 ASN A CA    1 
ATOM   1100 C  C     . ASN A 1 140 ? -13.249 7.842   3.128   1.00 13.06  ? 140 ASN A C     1 
ATOM   1101 O  O     . ASN A 1 140 ? -14.069 8.155   2.293   1.00 15.52  ? 140 ASN A O     1 
ATOM   1102 C  CB    . ASN A 1 140 ? -13.932 8.516   5.481   1.00 17.52  ? 140 ASN A CB    1 
ATOM   1103 C  CG    . ASN A 1 140 ? -14.830 8.075   6.610   1.00 18.79  ? 140 ASN A CG    1 
ATOM   1104 O  OD1   . ASN A 1 140 ? -14.358 7.770   7.708   1.00 20.65  ? 140 ASN A OD1   1 
ATOM   1105 N  ND2   . ASN A 1 140 ? -16.091 7.877   6.279   1.00 16.47  ? 140 ASN A ND2   1 
ATOM   1106 N  N     . GLN A 1 141 ? -11.968 7.932   2.886   1.00 7.50   ? 141 GLN A N     1 
ATOM   1107 C  CA    . GLN A 1 141 ? -11.521 8.400   1.606   1.00 10.67  ? 141 GLN A CA    1 
ATOM   1108 C  C     . GLN A 1 141 ? -11.503 7.320   0.543   1.00 13.62  ? 141 GLN A C     1 
ATOM   1109 O  O     . GLN A 1 141 ? -11.766 7.583   -0.646  1.00 16.35  ? 141 GLN A O     1 
ATOM   1110 C  CB    . GLN A 1 141 ? -10.085 8.926   1.690   1.00 7.33   ? 141 GLN A CB    1 
ATOM   1111 C  CG    . GLN A 1 141 ? -10.048 10.168  2.567   1.00 20.24  ? 141 GLN A CG    1 
ATOM   1112 C  CD    . GLN A 1 141 ? -11.065 11.209  2.165   1.00 100.00 ? 141 GLN A CD    1 
ATOM   1113 O  OE1   . GLN A 1 141 ? -11.822 11.753  2.990   1.00 17.72  ? 141 GLN A OE1   1 
ATOM   1114 N  NE2   . GLN A 1 141 ? -11.005 11.569  0.904   1.00 27.80  ? 141 GLN A NE2   1 
ATOM   1115 N  N     . THR A 1 142 ? -11.085 6.137   0.933   1.00 6.63   ? 142 THR A N     1 
ATOM   1116 C  CA    . THR A 1 142 ? -10.978 5.031   -0.031  1.00 6.89   ? 142 THR A CA    1 
ATOM   1117 C  C     . THR A 1 142 ? -11.699 3.849   0.550   1.00 14.30  ? 142 THR A C     1 
ATOM   1118 O  O     . THR A 1 142 ? -11.141 2.853   0.969   1.00 12.82  ? 142 THR A O     1 
ATOM   1119 C  CB    . THR A 1 142 ? -9.516  4.649   -0.438  1.00 17.57  ? 142 THR A CB    1 
ATOM   1120 O  OG1   . THR A 1 142 ? -8.710  4.332   0.723   1.00 12.45  ? 142 THR A OG1   1 
ATOM   1121 C  CG2   . THR A 1 142 ? -8.874  5.808   -1.171  1.00 10.20  ? 142 THR A CG2   1 
ATOM   1122 N  N     . PRO A 1 143 ? -12.970 4.005   0.592   1.00 14.16  ? 143 PRO A N     1 
ATOM   1123 C  CA    . PRO A 1 143 ? -13.836 2.997   1.194   1.00 7.35   ? 143 PRO A CA    1 
ATOM   1124 C  C     . PRO A 1 143 ? -13.821 1.610   0.522   1.00 21.28  ? 143 PRO A C     1 
ATOM   1125 O  O     . PRO A 1 143 ? -13.793 0.595   1.201   1.00 11.08  ? 143 PRO A O     1 
ATOM   1126 C  CB    . PRO A 1 143 ? -15.258 3.580   1.106   1.00 10.77  ? 143 PRO A CB    1 
ATOM   1127 C  CG    . PRO A 1 143 ? -15.205 4.792   0.175   1.00 13.23  ? 143 PRO A CG    1 
ATOM   1128 C  CD    . PRO A 1 143 ? -13.738 5.178   0.046   1.00 13.00  ? 143 PRO A CD    1 
ATOM   1129 N  N     . ASN A 1 144 ? -13.869 1.525   -0.810  1.00 9.71   ? 144 ASN A N     1 
ATOM   1130 C  CA    . ASN A 1 144 ? -13.907 0.168   -1.385  1.00 10.26  ? 144 ASN A CA    1 
ATOM   1131 C  C     . ASN A 1 144 ? -12.646 -0.654  -1.118  1.00 12.97  ? 144 ASN A C     1 
ATOM   1132 O  O     . ASN A 1 144 ? -12.703 -1.834  -0.819  1.00 12.52  ? 144 ASN A O     1 
ATOM   1133 C  CB    . ASN A 1 144 ? -14.334 0.125   -2.833  1.00 10.99  ? 144 ASN A CB    1 
ATOM   1134 C  CG    . ASN A 1 144 ? -15.736 0.663   -3.116  1.00 22.99  ? 144 ASN A CG    1 
ATOM   1135 O  OD1   . ASN A 1 144 ? -16.715 0.440   -2.391  1.00 31.90  ? 144 ASN A OD1   1 
ATOM   1136 N  ND2   . ASN A 1 144 ? -15.846 1.394   -4.205  1.00 27.75  ? 144 ASN A ND2   1 
ATOM   1137 N  N     . ARG A 1 145 ? -11.499 0.013   -1.243  1.00 5.72   ? 145 ARG A N     1 
ATOM   1138 C  CA    . ARG A 1 145 ? -10.245 -0.632  -0.983  1.00 6.40   ? 145 ARG A CA    1 
ATOM   1139 C  C     . ARG A 1 145 ? -10.114 -0.971  0.494   1.00 8.29   ? 145 ARG A C     1 
ATOM   1140 O  O     . ARG A 1 145 ? -9.741  -2.103  0.875   1.00 11.26  ? 145 ARG A O     1 
ATOM   1141 C  CB    . ARG A 1 145 ? -9.127  0.271   -1.360  1.00 11.39  ? 145 ARG A CB    1 
ATOM   1142 C  CG    . ARG A 1 145 ? -7.811  -0.476  -1.209  1.00 15.26  ? 145 ARG A CG    1 
ATOM   1143 C  CD    . ARG A 1 145 ? -6.662  0.453   -1.234  1.00 20.79  ? 145 ARG A CD    1 
ATOM   1144 N  NE    . ARG A 1 145 ? -5.409  -0.225  -1.148  1.00 17.48  ? 145 ARG A NE    1 
ATOM   1145 C  CZ    . ARG A 1 145 ? -4.405  0.231   -1.865  1.00 12.77  ? 145 ARG A CZ    1 
ATOM   1146 N  NH1   . ARG A 1 145 ? -4.618  1.276   -2.666  1.00 8.18   ? 145 ARG A NH1   1 
ATOM   1147 N  NH2   . ARG A 1 145 ? -3.196  -0.349  -1.767  1.00 12.15  ? 145 ARG A NH2   1 
ATOM   1148 N  N     . ALA A 1 146 ? -10.438 0.021   1.337   1.00 6.82   ? 146 ALA A N     1 
ATOM   1149 C  CA    . ALA A 1 146 ? -10.416 -0.178  2.788   1.00 6.96   ? 146 ALA A CA    1 
ATOM   1150 C  C     . ALA A 1 146 ? -11.236 -1.421  3.175   1.00 9.00   ? 146 ALA A C     1 
ATOM   1151 O  O     . ALA A 1 146 ? -10.769 -2.304  3.910   1.00 7.88   ? 146 ALA A O     1 
ATOM   1152 C  CB    . ALA A 1 146 ? -10.774 1.073   3.589   1.00 8.79   ? 146 ALA A CB    1 
ATOM   1153 N  N     . LYS A 1 147 ? -12.435 -1.563  2.623   1.00 10.37  ? 147 LYS A N     1 
ATOM   1154 C  CA    . LYS A 1 147 ? -13.249 -2.733  2.956   1.00 17.26  ? 147 LYS A CA    1 
ATOM   1155 C  C     . LYS A 1 147 ? -12.629 -4.055  2.578   1.00 12.76  ? 147 LYS A C     1 
ATOM   1156 O  O     . LYS A 1 147 ? -12.746 -5.050  3.327   1.00 11.66  ? 147 LYS A O     1 
ATOM   1157 C  CB    . LYS A 1 147 ? -14.570 -2.663  2.269   1.00 14.49  ? 147 LYS A CB    1 
ATOM   1158 C  CG    . LYS A 1 147 ? -15.447 -1.609  2.917   1.00 30.97  ? 147 LYS A CG    1 
ATOM   1159 C  CD    . LYS A 1 147 ? -16.754 -1.373  2.171   1.00 28.83  ? 147 LYS A CD    1 
ATOM   1160 C  CE    . LYS A 1 147 ? -17.517 -0.115  2.603   1.00 40.94  ? 147 LYS A CE    1 
ATOM   1161 N  NZ    . LYS A 1 147 ? -18.108 0.633   1.473   1.00 100.00 ? 147 LYS A NZ    1 
ATOM   1162 N  N     . ARG A 1 148 ? -11.973 -4.060  1.407   1.00 10.39  ? 148 ARG A N     1 
ATOM   1163 C  CA    . ARG A 1 148 ? -11.317 -5.307  0.965   1.00 6.56   ? 148 ARG A CA    1 
ATOM   1164 C  C     . ARG A 1 148 ? -10.211 -5.718  1.956   1.00 9.84   ? 148 ARG A C     1 
ATOM   1165 O  O     . ARG A 1 148 ? -10.051 -6.906  2.333   1.00 12.70  ? 148 ARG A O     1 
ATOM   1166 C  CB    . ARG A 1 148 ? -10.648 -5.186  -0.412  1.00 7.32   ? 148 ARG A CB    1 
ATOM   1167 C  CG    . ARG A 1 148 ? -11.668 -5.164  -1.532  1.00 9.74   ? 148 ARG A CG    1 
ATOM   1168 C  CD    . ARG A 1 148 ? -11.072 -5.359  -2.905  1.00 7.32   ? 148 ARG A CD    1 
ATOM   1169 N  NE    . ARG A 1 148 ? -10.317 -4.184  -3.352  1.00 18.23  ? 148 ARG A NE    1 
ATOM   1170 C  CZ    . ARG A 1 148 ? -10.862 -3.115  -3.944  1.00 13.93  ? 148 ARG A CZ    1 
ATOM   1171 N  NH1   . ARG A 1 148 ? -12.178 -2.985  -4.142  1.00 10.44  ? 148 ARG A NH1   1 
ATOM   1172 N  NH2   . ARG A 1 148 ? -10.074 -2.114  -4.290  1.00 8.99   ? 148 ARG A NH2   1 
ATOM   1173 N  N     . VAL A 1 149 ? -9.411  -4.722  2.347   1.00 7.20   ? 149 VAL A N     1 
ATOM   1174 C  CA    . VAL A 1 149 ? -8.263  -4.967  3.267   1.00 8.24   ? 149 VAL A CA    1 
ATOM   1175 C  C     . VAL A 1 149 ? -8.764  -5.386  4.674   1.00 11.91  ? 149 VAL A C     1 
ATOM   1176 O  O     . VAL A 1 149 ? -8.252  -6.325  5.324   1.00 7.75   ? 149 VAL A O     1 
ATOM   1177 C  CB    . VAL A 1 149 ? -7.347  -3.741  3.321   1.00 8.51   ? 149 VAL A CB    1 
ATOM   1178 C  CG1   . VAL A 1 149 ? -6.264  -3.890  4.406   1.00 3.73   ? 149 VAL A CG1   1 
ATOM   1179 C  CG2   . VAL A 1 149 ? -6.790  -3.406  1.924   1.00 12.29  ? 149 VAL A CG2   1 
ATOM   1180 N  N     . ILE A 1 150 ? -9.803  -4.677  5.132   1.00 12.07  ? 150 ILE A N     1 
ATOM   1181 C  CA    . ILE A 1 150 ? -10.474 -4.957  6.396   1.00 11.00  ? 150 ILE A CA    1 
ATOM   1182 C  C     . ILE A 1 150 ? -11.070 -6.352  6.405   1.00 8.29   ? 150 ILE A C     1 
ATOM   1183 O  O     . ILE A 1 150 ? -10.929 -7.099  7.355   1.00 14.18  ? 150 ILE A O     1 
ATOM   1184 C  CB    . ILE A 1 150 ? -11.523 -3.883  6.808   1.00 9.45   ? 150 ILE A CB    1 
ATOM   1185 C  CG1   . ILE A 1 150 ? -10.822 -2.541  7.102   1.00 12.64  ? 150 ILE A CG1   1 
ATOM   1186 C  CG2   . ILE A 1 150 ? -12.332 -4.434  7.998   1.00 9.88   ? 150 ILE A CG2   1 
ATOM   1187 C  CD1   . ILE A 1 150 ? -11.777 -1.406  7.373   1.00 13.91  ? 150 ILE A CD1   1 
ATOM   1188 N  N     . THR A 1 151 ? -11.745 -6.738  5.338   1.00 10.49  ? 151 THR A N     1 
ATOM   1189 C  CA    . THR A 1 151 ? -12.344 -8.096  5.271   1.00 12.28  ? 151 THR A CA    1 
ATOM   1190 C  C     . THR A 1 151 ? -11.270 -9.172  5.384   1.00 10.14  ? 151 THR A C     1 
ATOM   1191 O  O     . THR A 1 151 ? -11.437 -10.252 5.894   1.00 12.18  ? 151 THR A O     1 
ATOM   1192 C  CB    . THR A 1 151 ? -13.054 -8.221  3.930   1.00 13.86  ? 151 THR A CB    1 
ATOM   1193 O  OG1   . THR A 1 151 ? -14.211 -7.410  4.012   1.00 19.88  ? 151 THR A OG1   1 
ATOM   1194 C  CG2   . THR A 1 151 ? -13.399 -9.675  3.645   1.00 10.97  ? 151 THR A CG2   1 
ATOM   1195 N  N     . THR A 1 152 ? -10.152 -8.840  4.807   1.00 9.69   ? 152 THR A N     1 
ATOM   1196 C  CA    . THR A 1 152 ? -9.017  -9.687  4.797   1.00 13.14  ? 152 THR A CA    1 
ATOM   1197 C  C     . THR A 1 152 ? -8.477  -9.880  6.210   1.00 13.14  ? 152 THR A C     1 
ATOM   1198 O  O     . THR A 1 152 ? -8.125  -11.006 6.601   1.00 10.14  ? 152 THR A O     1 
ATOM   1199 C  CB    . THR A 1 152 ? -7.933  -9.116  3.841   1.00 5.59   ? 152 THR A CB    1 
ATOM   1200 O  OG1   . THR A 1 152 ? -8.513  -8.956  2.555   1.00 8.50   ? 152 THR A OG1   1 
ATOM   1201 C  CG2   . THR A 1 152 ? -6.759  -10.090 3.736   1.00 10.65  ? 152 THR A CG2   1 
ATOM   1202 N  N     . PHE A 1 153 ? -8.396  -8.778  6.962   1.00 6.58   ? 153 PHE A N     1 
ATOM   1203 C  CA    . PHE A 1 153 ? -7.924  -8.900  8.331   1.00 7.75   ? 153 PHE A CA    1 
ATOM   1204 C  C     . PHE A 1 153 ? -8.918  -9.620  9.204   1.00 14.36  ? 153 PHE A C     1 
ATOM   1205 O  O     . PHE A 1 153 ? -8.600  -10.367 10.132  1.00 12.25  ? 153 PHE A O     1 
ATOM   1206 C  CB    . PHE A 1 153 ? -7.732  -7.530  8.958   1.00 6.11   ? 153 PHE A CB    1 
ATOM   1207 C  CG    . PHE A 1 153 ? -6.402  -6.896  8.690   1.00 6.73   ? 153 PHE A CG    1 
ATOM   1208 C  CD1   . PHE A 1 153 ? -5.220  -7.542  9.066   1.00 11.01  ? 153 PHE A CD1   1 
ATOM   1209 C  CD2   . PHE A 1 153 ? -6.338  -5.603  8.154   1.00 14.38  ? 153 PHE A CD2   1 
ATOM   1210 C  CE1   . PHE A 1 153 ? -3.994  -6.899  8.879   1.00 7.02   ? 153 PHE A CE1   1 
ATOM   1211 C  CE2   . PHE A 1 153 ? -5.112  -4.960  7.941   1.00 15.56  ? 153 PHE A CE2   1 
ATOM   1212 C  CZ    . PHE A 1 153 ? -3.939  -5.616  8.330   1.00 8.35   ? 153 PHE A CZ    1 
ATOM   1213 N  N     . ARG A 1 154 ? -10.161 -9.361  8.891   1.00 10.11  ? 154 ARG A N     1 
ATOM   1214 C  CA    . ARG A 1 154 ? -11.244 -9.956  9.633   1.00 12.49  ? 154 ARG A CA    1 
ATOM   1215 C  C     . ARG A 1 154 ? -11.351 -11.442 9.442   1.00 23.06  ? 154 ARG A C     1 
ATOM   1216 O  O     . ARG A 1 154 ? -11.584 -12.166 10.426  1.00 20.43  ? 154 ARG A O     1 
ATOM   1217 C  CB    . ARG A 1 154 ? -12.593 -9.307  9.303   1.00 14.71  ? 154 ARG A CB    1 
ATOM   1218 C  CG    . ARG A 1 154 ? -13.668 -9.616  10.366  1.00 19.46  ? 154 ARG A CG    1 
ATOM   1219 C  CD    . ARG A 1 154 ? -15.063 -9.025  10.069  1.00 15.05  ? 154 ARG A CD    1 
ATOM   1220 N  NE    . ARG A 1 154 ? -15.528 -9.159  8.685   1.00 95.06  ? 154 ARG A NE    1 
ATOM   1221 C  CZ    . ARG A 1 154 ? -16.118 -10.243 8.128   1.00 100.00 ? 154 ARG A CZ    1 
ATOM   1222 N  NH1   . ARG A 1 154 ? -16.345 -11.386 8.789   1.00 69.67  ? 154 ARG A NH1   1 
ATOM   1223 N  NH2   . ARG A 1 154 ? -16.510 -10.172 6.851   1.00 35.62  ? 154 ARG A NH2   1 
ATOM   1224 N  N     . THR A 1 155 ? -11.210 -11.873 8.167   1.00 10.93  ? 155 THR A N     1 
ATOM   1225 C  CA    . THR A 1 155 ? -11.406 -13.254 7.842   1.00 14.03  ? 155 THR A CA    1 
ATOM   1226 C  C     . THR A 1 155 ? -10.190 -14.095 7.739   1.00 24.22  ? 155 THR A C     1 
ATOM   1227 O  O     . THR A 1 155 ? -10.336 -15.285 7.808   1.00 21.31  ? 155 THR A O     1 
ATOM   1228 C  CB    . THR A 1 155 ? -12.245 -13.494 6.599   1.00 14.47  ? 155 THR A CB    1 
ATOM   1229 O  OG1   . THR A 1 155 ? -11.534 -13.017 5.503   1.00 18.12  ? 155 THR A OG1   1 
ATOM   1230 C  CG2   . THR A 1 155 ? -13.628 -12.850 6.664   1.00 8.87   ? 155 THR A CG2   1 
ATOM   1231 N  N     . GLY A 1 156 ? -9.029  -13.528 7.495   1.00 17.90  ? 156 GLY A N     1 
ATOM   1232 C  CA    . GLY A 1 156 ? -7.853  -14.338 7.289   1.00 14.39  ? 156 GLY A CA    1 
ATOM   1233 C  C     . GLY A 1 156 ? -7.941  -15.112 5.953   1.00 17.14  ? 156 GLY A C     1 
ATOM   1234 O  O     . GLY A 1 156 ? -7.185  -16.057 5.738   1.00 13.75  ? 156 GLY A O     1 
ATOM   1235 N  N     . THR A 1 157 ? -8.860  -14.694 5.010   1.00 15.23  ? 157 THR A N     1 
ATOM   1236 C  CA    . THR A 1 157 ? -9.061  -15.321 3.664   1.00 12.22  ? 157 THR A CA    1 
ATOM   1237 C  C     . THR A 1 157 ? -8.975  -14.254 2.546   1.00 13.45  ? 157 THR A C     1 
ATOM   1238 O  O     . THR A 1 157 ? -9.026  -13.048 2.772   1.00 15.52  ? 157 THR A O     1 
ATOM   1239 C  CB    . THR A 1 157 ? -10.500 -15.891 3.508   1.00 15.12  ? 157 THR A CB    1 
ATOM   1240 O  OG1   . THR A 1 157 ? -11.391 -14.817 3.263   1.00 16.52  ? 157 THR A OG1   1 
ATOM   1241 C  CG2   . THR A 1 157 ? -10.980 -16.689 4.715   1.00 21.01  ? 157 THR A CG2   1 
ATOM   1242 N  N     . TRP A 1 158 ? -8.926  -14.699 1.313   1.00 15.24  ? 158 TRP A N     1 
ATOM   1243 C  CA    . TRP A 1 158 ? -8.843  -13.783 0.185   1.00 9.74   ? 158 TRP A CA    1 
ATOM   1244 C  C     . TRP A 1 158 ? -10.212 -13.543 -0.424  1.00 20.23  ? 158 TRP A C     1 
ATOM   1245 O  O     . TRP A 1 158 ? -10.318 -13.112 -1.558  1.00 14.59  ? 158 TRP A O     1 
ATOM   1246 C  CB    . TRP A 1 158 ? -7.951  -14.401 -0.930  1.00 10.54  ? 158 TRP A CB    1 
ATOM   1247 C  CG    . TRP A 1 158 ? -6.505  -14.582 -0.569  1.00 8.27   ? 158 TRP A CG    1 
ATOM   1248 C  CD1   . TRP A 1 158 ? -5.827  -15.760 -0.423  1.00 12.25  ? 158 TRP A CD1   1 
ATOM   1249 C  CD2   . TRP A 1 158 ? -5.528  -13.519 -0.462  1.00 20.89  ? 158 TRP A CD2   1 
ATOM   1250 N  NE1   . TRP A 1 158 ? -4.508  -15.495 -0.144  1.00 14.96  ? 158 TRP A NE1   1 
ATOM   1251 C  CE2   . TRP A 1 158 ? -4.290  -14.134 -0.180  1.00 15.10  ? 158 TRP A CE2   1 
ATOM   1252 C  CE3   . TRP A 1 158 ? -5.598  -12.126 -0.592  1.00 15.67  ? 158 TRP A CE3   1 
ATOM   1253 C  CZ2   . TRP A 1 158 ? -3.127  -13.383 0.026   1.00 10.14  ? 158 TRP A CZ2   1 
ATOM   1254 C  CZ3   . TRP A 1 158 ? -4.438  -11.408 -0.442  1.00 15.66  ? 158 TRP A CZ3   1 
ATOM   1255 C  CH2   . TRP A 1 158 ? -3.231  -12.024 -0.121  1.00 11.68  ? 158 TRP A CH2   1 
ATOM   1256 N  N     . ASP A 1 159 ? -11.280 -13.832 0.307   1.00 13.01  ? 159 ASP A N     1 
ATOM   1257 C  CA    . ASP A 1 159 ? -12.607 -13.662 -0.286  1.00 15.67  ? 159 ASP A CA    1 
ATOM   1258 C  C     . ASP A 1 159 ? -12.926 -12.341 -0.927  1.00 10.10  ? 159 ASP A C     1 
ATOM   1259 O  O     . ASP A 1 159 ? -13.571 -12.303 -1.958  1.00 18.37  ? 159 ASP A O     1 
ATOM   1260 C  CB    . ASP A 1 159 ? -13.712 -14.119 0.630   1.00 20.15  ? 159 ASP A CB    1 
ATOM   1261 C  CG    . ASP A 1 159 ? -13.547 -15.586 0.963   1.00 51.61  ? 159 ASP A CG    1 
ATOM   1262 O  OD1   . ASP A 1 159 ? -12.789 -16.292 0.132   1.00 52.44  ? 159 ASP A OD1   1 
ATOM   1263 O  OD2   . ASP A 1 159 ? -14.065 -16.060 1.935   1.00 40.23  ? 159 ASP A OD2   1 
ATOM   1264 N  N     . ALA A 1 160 ? -12.506 -11.245 -0.311  1.00 14.73  ? 160 ALA A N     1 
ATOM   1265 C  CA    . ALA A 1 160 ? -12.770 -9.906  -0.812  1.00 9.93   ? 160 ALA A CA    1 
ATOM   1266 C  C     . ALA A 1 160 ? -12.130 -9.708  -2.170  1.00 11.39  ? 160 ALA A C     1 
ATOM   1267 O  O     . ALA A 1 160 ? -12.502 -8.797  -2.917  1.00 15.74  ? 160 ALA A O     1 
ATOM   1268 C  CB    . ALA A 1 160 ? -12.252 -8.817  0.168   1.00 10.21  ? 160 ALA A CB    1 
ATOM   1269 N  N     . TYR A 1 161 ? -11.122 -10.527 -2.454  1.00 15.83  ? 161 TYR A N     1 
ATOM   1270 C  CA    . TYR A 1 161 ? -10.400 -10.398 -3.700  1.00 20.14  ? 161 TYR A CA    1 
ATOM   1271 C  C     . TYR A 1 161 ? -10.845 -11.388 -4.766  1.00 39.63  ? 161 TYR A C     1 
ATOM   1272 O  O     . TYR A 1 161 ? -10.330 -11.347 -5.857  1.00 24.84  ? 161 TYR A O     1 
ATOM   1273 C  CB    . TYR A 1 161 ? -8.871  -10.387 -3.524  1.00 17.81  ? 161 TYR A CB    1 
ATOM   1274 C  CG    . TYR A 1 161 ? -8.391  -9.108  -2.892  1.00 14.49  ? 161 TYR A CG    1 
ATOM   1275 C  CD1   . TYR A 1 161 ? -8.345  -9.010  -1.507  1.00 9.94   ? 161 TYR A CD1   1 
ATOM   1276 C  CD2   . TYR A 1 161 ? -8.074  -7.965  -3.633  1.00 10.49  ? 161 TYR A CD2   1 
ATOM   1277 C  CE1   . TYR A 1 161 ? -7.964  -7.827  -0.879  1.00 10.33  ? 161 TYR A CE1   1 
ATOM   1278 C  CE2   . TYR A 1 161 ? -7.660  -6.774  -3.026  1.00 11.41  ? 161 TYR A CE2   1 
ATOM   1279 C  CZ    . TYR A 1 161 ? -7.594  -6.713  -1.631  1.00 10.96  ? 161 TYR A CZ    1 
ATOM   1280 O  OH    . TYR A 1 161 ? -7.219  -5.559  -0.934  1.00 6.93   ? 161 TYR A OH    1 
ATOM   1281 N  N     . LYS A 1 162 ? -11.840 -12.219 -4.487  1.00 54.46  ? 162 LYS A N     1 
ATOM   1282 C  CA    . LYS A 1 162 ? -12.314 -13.133 -5.504  1.00 46.87  ? 162 LYS A CA    1 
ATOM   1283 C  C     . LYS A 1 162 ? -13.622 -12.612 -6.105  1.00 23.09  ? 162 LYS A C     1 
ATOM   1284 O  O     . LYS A 1 162 ? -13.785 -12.602 -7.337  1.00 54.75  ? 162 LYS A O     1 
ATOM   1285 C  CB    . LYS A 1 162 ? -12.344 -14.579 -5.008  1.00 41.12  ? 162 LYS A CB    1 
ATOM   1286 C  CG    . LYS A 1 162 ? -10.965 -15.004 -4.473  1.00 25.15  ? 162 LYS A CG    1 
ATOM   1287 C  CD    . LYS A 1 162 ? -10.853 -16.411 -3.874  1.00 100.00 ? 162 LYS A CD    1 
ATOM   1288 C  CE    . LYS A 1 162 ? -11.197 -16.470 -2.387  1.00 100.00 ? 162 LYS A CE    1 
ATOM   1289 N  NZ    . LYS A 1 162 ? -10.440 -17.481 -1.621  1.00 100.00 ? 162 LYS A NZ    1 
HETATM 1290 CL CL    . CL  B 2 .   ? -11.732 2.923   -2.906  1.00 24.79  ? 173 CL  A CL    1 
HETATM 1291 CL CL    . CL  C 2 .   ? 12.680  4.711   -6.553  0.50 32.09  ? 178 CL  A CL    1 
HETATM 1292 C  C1    . HED D 3 .   ? 7.905   -11.899 0.945   1.00 36.14  ? 170 HED A C1    1 
HETATM 1293 O  O1    . HED D 3 .   ? 7.500   -11.847 -0.444  1.00 36.78  ? 170 HED A O1    1 
HETATM 1294 C  C2    . HED D 3 .   ? 6.687   -11.493 1.758   1.00 35.45  ? 170 HED A C2    1 
HETATM 1295 S  S3    . HED D 3 .   ? 5.276   -12.388 1.100   1.00 52.75  ? 170 HED A S3    1 
HETATM 1296 S  S4    . HED D 3 .   ? 3.666   -11.763 2.293   1.00 88.10  ? 170 HED A S4    1 
HETATM 1297 C  C5    . HED D 3 .   ? 3.280   -13.081 3.496   1.00 29.68  ? 170 HED A C5    1 
HETATM 1298 C  C6    . HED D 3 .   ? 2.529   -14.309 2.925   1.00 69.62  ? 170 HED A C6    1 
HETATM 1299 O  O6    . HED D 3 .   ? 1.173   -13.967 2.723   1.00 55.76  ? 170 HED A O6    1 
HETATM 1300 C  C1    . OXE E 4 .   ? 0.464   -2.730  9.640   1.00 45.04  ? 400 OXE A C1    1 
HETATM 1301 C  C2    . OXE E 4 .   ? -0.666  -3.335  10.135  1.00 16.86  ? 400 OXE A C2    1 
HETATM 1302 C  C3    . OXE E 4 .   ? -0.565  -4.571  10.769  1.00 28.89  ? 400 OXE A C3    1 
HETATM 1303 C  C4    . OXE E 4 .   ? 0.689   -5.128  11.041  1.00 22.75  ? 400 OXE A C4    1 
HETATM 1304 C  C5    . OXE E 4 .   ? 1.857   -4.508  10.581  1.00 28.30  ? 400 OXE A C5    1 
HETATM 1305 C  C6    . OXE E 4 .   ? 1.759   -3.333  9.843   1.00 19.84  ? 400 OXE A C6    1 
HETATM 1306 C  "C1'" . OXE E 4 .   ? 0.288   -1.422  8.910   1.00 42.31  ? 400 OXE A "C1'" 1 
HETATM 1307 C  "C2'" . OXE E 4 .   ? -2.018  -2.721  9.845   1.00 31.22  ? 400 OXE A "C2'" 1 
HETATM 1308 O  O     . HOH F 5 .   ? 4.829   0.339   -7.633  1.00 7.27   ? 171 HOH A O     1 
HETATM 1309 O  O     . HOH F 5 .   ? -7.402  6.808   1.894   1.00 26.55  ? 172 HOH A O     1 
HETATM 1310 O  O     . HOH F 5 .   ? -12.523 9.636   -2.339  1.00 15.69  ? 174 HOH A O     1 
HETATM 1311 O  O     . HOH F 5 .   ? -10.243 -10.839 1.655   1.00 13.59  ? 175 HOH A O     1 
HETATM 1312 O  O     . HOH F 5 .   ? 9.901   13.110  -17.616 1.00 57.78  ? 176 HOH A O     1 
HETATM 1313 O  O     . HOH F 5 .   ? -0.922  -18.769 7.266   1.00 26.08  ? 177 HOH A O     1 
HETATM 1314 O  O     . HOH F 5 .   ? 4.910   0.514   -10.521 1.00 10.44  ? 179 HOH A O     1 
HETATM 1315 O  O     . HOH F 5 .   ? -14.905 -3.175  -1.168  1.00 26.43  ? 180 HOH A O     1 
HETATM 1316 O  O     . HOH F 5 .   ? 2.198   -16.865 11.067  1.00 21.70  ? 181 HOH A O     1 
HETATM 1317 O  O     . HOH F 5 .   ? 10.923  1.780   -5.996  1.00 20.48  ? 182 HOH A O     1 
HETATM 1318 O  O     . HOH F 5 .   ? 16.031  0.371   -9.903  1.00 25.45  ? 183 HOH A O     1 
HETATM 1319 O  O     . HOH F 5 .   ? 7.737   -3.610  -21.466 1.00 57.98  ? 184 HOH A O     1 
HETATM 1320 O  O     . HOH F 5 .   ? 14.032  -4.792  -3.702  1.00 41.27  ? 185 HOH A O     1 
HETATM 1321 O  O     . HOH F 5 .   ? -1.838  -16.856 -6.870  1.00 27.14  ? 187 HOH A O     1 
HETATM 1322 O  O     . HOH F 5 .   ? -17.409 9.418   4.331   1.00 30.03  ? 188 HOH A O     1 
HETATM 1323 O  O     . HOH F 5 .   ? -1.595  3.638   -19.299 1.00 34.61  ? 189 HOH A O     1 
HETATM 1324 O  O     . HOH F 5 .   ? 2.214   15.435  -6.665  1.00 21.75  ? 190 HOH A O     1 
HETATM 1325 O  O     . HOH F 5 .   ? -0.022  17.220  -7.475  1.00 29.29  ? 191 HOH A O     1 
HETATM 1326 O  O     . HOH F 5 .   ? -6.923  11.994  -9.276  1.00 30.28  ? 192 HOH A O     1 
HETATM 1327 O  O     . HOH F 5 .   ? 4.684   -11.036 17.911  1.00 23.44  ? 193 HOH A O     1 
HETATM 1328 O  O     . HOH F 5 .   ? -16.671 -6.710  12.720  1.00 33.30  ? 194 HOH A O     1 
HETATM 1329 O  O     . HOH F 5 .   ? 1.301   -13.044 -0.265  1.00 16.54  ? 195 HOH A O     1 
HETATM 1330 O  O     . HOH F 5 .   ? 9.460   7.091   -22.323 1.00 48.24  ? 196 HOH A O     1 
HETATM 1331 O  O     . HOH F 5 .   ? -5.351  3.734   16.785  1.00 24.72  ? 197 HOH A O     1 
HETATM 1332 O  O     . HOH F 5 .   ? 10.356  7.414   -6.901  1.00 32.37  ? 200 HOH A O     1 
HETATM 1333 O  O     . HOH F 5 .   ? 13.377  -2.188  -2.476  1.00 29.08  ? 201 HOH A O     1 
HETATM 1334 O  O     . HOH F 5 .   ? 11.364  1.819   -3.302  1.00 55.73  ? 202 HOH A O     1 
HETATM 1335 O  O     . HOH F 5 .   ? 0.385   7.256   -5.218  1.00 24.90  ? 203 HOH A O     1 
HETATM 1336 O  O     . HOH F 5 .   ? -1.985  5.037   -5.669  1.00 31.36  ? 204 HOH A O     1 
HETATM 1337 O  O     . HOH F 5 .   ? -5.669  2.909   -5.985  1.00 32.69  ? 207 HOH A O     1 
HETATM 1338 O  O     . HOH F 5 .   ? -4.461  -0.376  2.176   1.00 9.11   ? 208 HOH A O     1 
HETATM 1339 O  O     . HOH F 5 .   ? -9.092  3.019   -4.163  1.00 30.74  ? 209 HOH A O     1 
HETATM 1340 O  O     . HOH F 5 .   ? -5.306  -17.041 7.419   1.00 27.29  ? 210 HOH A O     1 
HETATM 1341 O  O     . HOH F 5 .   ? -14.395 -4.608  -3.835  1.00 25.78  ? 211 HOH A O     1 
HETATM 1342 O  O     . HOH F 5 .   ? -2.106  -11.458 15.539  1.00 17.33  ? 213 HOH A O     1 
HETATM 1343 O  O     . HOH F 5 .   ? -0.267  -12.561 19.134  1.00 29.27  ? 214 HOH A O     1 
HETATM 1344 O  O     . HOH F 5 .   ? 14.181  3.028   -8.507  1.00 12.43  ? 215 HOH A O     1 
HETATM 1345 O  O     . HOH F 5 .   ? -15.635 -2.701  9.606   1.00 27.38  ? 216 HOH A O     1 
HETATM 1346 O  O     . HOH F 5 .   ? -13.538 -13.162 14.094  1.00 31.67  ? 217 HOH A O     1 
HETATM 1347 O  O     . HOH F 5 .   ? -13.578 -2.187  18.166  1.00 26.63  ? 218 HOH A O     1 
HETATM 1348 O  O     . HOH F 5 .   ? -13.301 0.777   17.991  1.00 22.33  ? 219 HOH A O     1 
HETATM 1349 O  O     . HOH F 5 .   ? -15.968 5.138   9.669   1.00 40.07  ? 220 HOH A O     1 
HETATM 1350 O  O     . HOH F 5 .   ? 1.757   -7.145  -11.726 1.00 46.14  ? 221 HOH A O     1 
HETATM 1351 O  O     . HOH F 5 .   ? 7.637   14.030  -2.242  1.00 63.67  ? 222 HOH A O     1 
HETATM 1352 O  O     . HOH F 5 .   ? 0.163   -17.385 -5.392  1.00 21.80  ? 223 HOH A O     1 
HETATM 1353 O  O     . HOH F 5 .   ? 1.026   5.097   -4.150  1.00 34.77  ? 224 HOH A O     1 
HETATM 1354 O  O     . HOH F 5 .   ? 1.068   5.915   -2.003  1.00 46.65  ? 225 HOH A O     1 
HETATM 1355 O  O     . HOH F 5 .   ? 10.149  -11.849 10.552  1.00 35.53  ? 226 HOH A O     1 
HETATM 1356 O  O     . HOH F 5 .   ? -5.132  -7.231  -11.829 1.00 48.74  ? 227 HOH A O     1 
HETATM 1357 O  O     . HOH F 5 .   ? -6.030  -3.595  -11.876 1.00 53.88  ? 228 HOH A O     1 
HETATM 1358 O  O     . HOH F 5 .   ? -3.179  3.924   -7.998  1.00 27.67  ? 229 HOH A O     1 
HETATM 1359 O  O     . HOH F 5 .   ? -8.349  0.472   -5.503  1.00 37.63  ? 230 HOH A O     1 
HETATM 1360 O  O     . HOH F 5 .   ? -8.523  -17.857 0.936   1.00 31.16  ? 231 HOH A O     1 
HETATM 1361 O  O     . HOH F 5 .   ? -15.262 -7.349  0.252   1.00 76.95  ? 232 HOH A O     1 
HETATM 1362 O  O     . HOH F 5 .   ? -17.414 -8.727  2.789   1.00 72.07  ? 233 HOH A O     1 
HETATM 1363 O  O     . HOH F 5 .   ? -17.653 5.512   4.140   1.00 39.06  ? 234 HOH A O     1 
HETATM 1364 O  O     . HOH F 5 .   ? -13.358 -11.163 16.726  1.00 23.58  ? 235 HOH A O     1 
HETATM 1365 O  O     . HOH F 5 .   ? -6.165  5.849   -11.867 1.00 51.82  ? 236 HOH A O     1 
HETATM 1366 O  O     . HOH F 5 .   ? -6.295  3.393   -3.310  1.00 33.13  ? 237 HOH A O     1 
HETATM 1367 O  O     . HOH F 5 .   ? -12.734 -14.381 11.747  1.00 21.92  ? 238 HOH A O     1 
HETATM 1368 O  O     . HOH F 5 .   ? 14.525  1.197   -11.895 1.00 23.37  ? 239 HOH A O     1 
HETATM 1369 O  O     . HOH F 5 .   ? 8.317   -7.792  -15.026 1.00 24.51  ? 240 HOH A O     1 
HETATM 1370 O  O     . HOH F 5 .   ? 12.129  -0.157  3.524   1.00 34.14  ? 242 HOH A O     1 
HETATM 1371 O  O     . HOH F 5 .   ? -4.242  -9.290  -9.730  1.00 37.74  ? 244 HOH A O     1 
HETATM 1372 O  O     . HOH F 5 .   ? -13.344 -0.762  -6.258  1.00 35.12  ? 245 HOH A O     1 
HETATM 1373 O  O     . HOH F 5 .   ? 10.723  5.130   -3.545  1.00 44.78  ? 246 HOH A O     1 
HETATM 1374 O  O     . HOH F 5 .   ? -4.707  12.203  -13.325 1.00 36.11  ? 247 HOH A O     1 
HETATM 1375 O  O     . HOH F 5 .   ? -2.953  -17.760 0.553   1.00 35.21  ? 248 HOH A O     1 
HETATM 1376 O  O     . HOH F 5 .   ? -17.427 -1.156  10.438  1.00 47.37  ? 250 HOH A O     1 
HETATM 1377 O  O     . HOH F 5 .   ? -17.006 1.307   12.448  1.00 31.18  ? 251 HOH A O     1 
HETATM 1378 O  O     . HOH F 5 .   ? 3.433   -2.599  18.671  1.00 41.86  ? 253 HOH A O     1 
HETATM 1379 O  O     . HOH F 5 .   ? -1.275  3.679   -2.936  1.00 34.54  ? 256 HOH A O     1 
HETATM 1380 O  O     . HOH F 5 .   ? 14.582  0.601   -18.047 1.00 32.97  ? 259 HOH A O     1 
HETATM 1381 O  O     . HOH F 5 .   ? 13.248  -2.470  -19.042 1.00 62.88  ? 260 HOH A O     1 
HETATM 1382 O  O     . HOH F 5 .   ? -14.841 -7.205  7.241   1.00 79.33  ? 261 HOH A O     1 
HETATM 1383 O  O     . HOH F 5 .   ? -7.762  -6.082  -12.305 1.00 68.52  ? 262 HOH A O     1 
HETATM 1384 O  O     . HOH F 5 .   ? -6.107  3.168   -8.919  1.00 55.44  ? 263 HOH A O     1 
HETATM 1385 O  O     . HOH F 5 .   ? 4.904   2.912   -4.165  1.00 52.49  ? 265 HOH A O     1 
HETATM 1386 O  O     . HOH F 5 .   ? 4.368   5.125   -3.731  1.00 70.07  ? 266 HOH A O     1 
HETATM 1387 O  O     . HOH F 5 .   ? 2.287   3.472   -3.118  1.00 23.46  ? 267 HOH A O     1 
HETATM 1388 O  O     . HOH F 5 .   ? 10.569  2.296   15.403  1.00 63.63  ? 268 HOH A O     1 
HETATM 1389 O  O     . HOH F 5 .   ? -6.537  8.402   -9.127  1.00 25.78  ? 269 HOH A O     1 
HETATM 1390 O  O     . HOH F 5 .   ? -6.581  7.211   8.460   1.00 12.34  ? 270 HOH A O     1 
HETATM 1391 O  O     . HOH F 5 .   ? -16.208 -5.612  10.158  1.00 59.96  ? 271 HOH A O     1 
HETATM 1392 O  O     . HOH F 5 .   ? -3.111  4.412   22.371  1.00 36.01  ? 272 HOH A O     1 
HETATM 1393 O  O     . HOH F 5 .   ? -6.642  -18.785 4.455   1.00 33.48  ? 273 HOH A O     1 
HETATM 1394 O  O     . HOH F 5 .   ? 6.508   0.885   -0.729  1.00 29.21  ? 274 HOH A O     1 
HETATM 1395 O  O     . HOH F 5 .   ? -9.746  -16.139 11.625  1.00 26.06  ? 277 HOH A O     1 
HETATM 1396 O  O     . HOH F 5 .   ? 12.148  13.156  -19.376 1.00 30.80  ? 278 HOH A O     1 
HETATM 1397 O  O     . HOH F 5 .   ? 7.095   5.926   -3.950  1.00 44.29  ? 280 HOH A O     1 
HETATM 1398 O  O     . HOH F 5 .   ? 10.248  9.817   -5.995  1.00 22.94  ? 281 HOH A O     1 
HETATM 1399 O  O     . HOH F 5 .   ? 12.255  8.805   -7.731  1.00 30.57  ? 282 HOH A O     1 
HETATM 1400 O  O     . HOH F 5 .   ? 0.696   -8.700  -10.385 1.00 47.39  ? 283 HOH A O     1 
HETATM 1401 O  O     . HOH F 5 .   ? 5.373   -1.585  -22.480 1.00 36.90  ? 284 HOH A O     1 
HETATM 1402 O  O     . HOH F 5 .   ? -0.554  2.624   -10.299 1.00 53.28  ? 285 HOH A O     1 
HETATM 1403 O  O     . HOH F 5 .   ? 4.756   2.662   -22.788 1.00 40.38  ? 286 HOH A O     1 
HETATM 1404 O  O     . HOH F 5 .   ? 1.202   -14.299 -9.108  1.00 31.79  ? 288 HOH A O     1 
HETATM 1405 O  O     . HOH F 5 .   ? -14.462 4.081   -2.795  1.00 68.78  ? 291 HOH A O     1 
HETATM 1406 O  O     . HOH F 5 .   ? -0.350  -0.957  19.544  1.00 54.79  ? 292 HOH A O     1 
HETATM 1407 O  O     . HOH F 5 .   ? -12.654 -11.299 19.376  1.00 37.74  ? 293 HOH A O     1 
HETATM 1408 O  O     . HOH F 5 .   ? -1.870  -9.967  -11.473 1.00 54.54  ? 295 HOH A O     1 
HETATM 1409 O  O     . HOH F 5 .   ? -4.888  -19.273 -0.462  1.00 36.38  ? 296 HOH A O     1 
HETATM 1410 O  O     . HOH F 5 .   ? -10.014 -20.063 2.156   1.00 56.05  ? 297 HOH A O     1 
HETATM 1411 O  O     . HOH F 5 .   ? -2.635  2.798   -11.599 1.00 50.70  ? 298 HOH A O     1 
HETATM 1412 O  O     . HOH F 5 .   ? 4.906   2.344   -1.655  1.00 27.46  ? 299 HOH A O     1 
HETATM 1413 O  O     . HOH F 5 .   ? -17.850 6.446   8.115   1.00 55.53  ? 300 HOH A O     1 
HETATM 1414 O  O     . HOH F 5 .   ? 0.021   -4.478  20.523  1.00 46.42  ? 301 HOH A O     1 
HETATM 1415 O  O     . HOH F 5 .   ? 8.172   -11.297 17.606  1.00 60.50  ? 302 HOH A O     1 
HETATM 1416 O  O     . HOH F 5 .   ? -4.746  6.885   2.731   1.00 42.43  ? 303 HOH A O     1 
HETATM 1417 O  O     . HOH F 5 .   ? -0.999  9.015   -1.725  1.00 34.36  ? 306 HOH A O     1 
HETATM 1418 O  O     . HOH F 5 .   ? 8.663   8.749   -4.292  1.00 84.30  ? 307 HOH A O     1 
HETATM 1419 O  O     . HOH F 5 .   ? 16.668  2.540   -17.963 1.00 46.90  ? 308 HOH A O     1 
HETATM 1420 O  O     . HOH F 5 .   ? -17.373 -1.307  6.487   1.00 40.01  ? 312 HOH A O     1 
HETATM 1421 O  O     . HOH F 5 .   ? -15.226 -4.543  5.506   1.00 49.21  ? 313 HOH A O     1 
HETATM 1422 O  O     . HOH F 5 .   ? -5.664  7.644   -0.534  1.00 49.39  ? 314 HOH A O     1 
HETATM 1423 O  O     . HOH F 5 .   ? -19.418 3.012   3.056   1.00 73.97  ? 316 HOH A O     1 
HETATM 1424 O  O     . HOH F 5 .   ? 8.980   4.596   -23.022 1.00 51.04  ? 317 HOH A O     1 
HETATM 1425 O  O     . HOH F 5 .   ? 9.314   -4.358  19.065  1.00 61.94  ? 318 HOH A O     1 
HETATM 1426 O  O     . HOH F 5 .   ? -2.278  7.518   -17.610 1.00 65.86  ? 319 HOH A O     1 
HETATM 1427 O  O     . HOH F 5 .   ? 12.571  -4.883  -9.045  1.00 81.50  ? 320 HOH A O     1 
HETATM 1428 O  O     . HOH F 5 .   ? -4.087  6.008   -2.934  1.00 57.32  ? 321 HOH A O     1 
HETATM 1429 O  O     . HOH F 5 .   ? -4.869  3.467   -11.572 1.00 42.75  ? 323 HOH A O     1 
HETATM 1430 O  O     . HOH F 5 .   ? 13.239  -8.438  1.134   1.00 44.73  ? 324 HOH A O     1 
HETATM 1431 O  O     . HOH F 5 .   ? -9.345  11.492  -1.959  1.00 47.90  ? 325 HOH A O     1 
HETATM 1432 O  O     . HOH F 5 .   ? -3.532  17.790  -7.242  1.00 45.54  ? 326 HOH A O     1 
HETATM 1433 O  O     . HOH F 5 .   ? 13.000  15.406  -15.974 1.00 66.16  ? 327 HOH A O     1 
HETATM 1434 O  O     . HOH F 5 .   ? -0.806  19.400  -9.188  1.00 37.77  ? 328 HOH A O     1 
HETATM 1435 O  O     . HOH F 5 .   ? -0.115  18.225  -5.072  1.00 43.18  ? 330 HOH A O     1 
HETATM 1436 O  O     . HOH F 5 .   ? 15.012  0.364   -14.696 1.00 44.54  ? 331 HOH A O     1 
HETATM 1437 O  O     . HOH F 5 .   ? 18.006  10.041  -15.332 1.00 47.22  ? 332 HOH A O     1 
HETATM 1438 O  O     . HOH F 5 .   ? 6.335   6.670   5.391   1.00 59.91  ? 333 HOH A O     1 
# 
